data_7XMG
#
_entry.id   7XMG
#
_cell.length_a   1.00
_cell.length_b   1.00
_cell.length_c   1.00
_cell.angle_alpha   90.00
_cell.angle_beta   90.00
_cell.angle_gamma   90.00
#
_symmetry.space_group_name_H-M   'P 1'
#
loop_
_entity.id
_entity.type
_entity.pdbx_description
1 polymer 'Isoform 3 of Sodium channel protein type 9 subunit alpha,Green fluorescent protein'
2 polymer 'Sodium channel subunit beta-1,Green fluorescent protein'
3 polymer 'Sodium channel subunit beta-2'
4 branched 2-acetamido-2-deoxy-beta-D-glucopyranose-(1-4)-2-acetamido-2-deoxy-beta-D-glucopyranose
5 non-polymer 2-acetamido-2-deoxy-beta-D-glucopyranose
6 non-polymer '(1~{Z})-~{N}-[2-methyl-3-[(~{E})-[6-[4-[[4-(trifluoromethyloxy)phenyl]methoxy]piperidin-1-yl]-1~{H}-1,3,5-triazin-2-ylidene]amino]phenyl]ethanimidic acid'
#
loop_
_entity_poly.entity_id
_entity_poly.type
_entity_poly.pdbx_seq_one_letter_code
_entity_poly.pdbx_strand_id
1 'polypeptide(L)'
;MAMLPPPGPQSFVHFTKQSLALIEQRIAERKSKEPKEEKKDDDEEAPKPSSDLEAGKQLPFIYGDIPPGMVSEPLEDLDP
YYADKKTFIVLNKGKTIFRFNATPALYMLSPFSPLRRISIKILVHSLFSMLIMCTILTNCIFMTMNNPPDWTKNVEYTFT
GIYTFESLVKILARGFCVGEFTFLRDPWNWLDFVVIVFAYLTEFVNLGNVSALRTFRVLRALKTISVIPGLKTIVGALIQ
SVKKLSDVMILTVFCLSVFALIGLQLFMGNLKHKCFRNSLENNETLESIMNTLESEEDFRKYFYYLEGSKDALLCGFSTD
SGQCPEGYTCVKIGRNPDYGYTSFDTFSWAFLALFRLMTQDYWENLYQQTLRAAGKTYMIFFVVVIFLGSFYLINLILAV
VAMAYEEQNQANIEEAKQKELEFQQMLDRLKKEQEEAEAIAAAAAEYTSIRRSRIMGLSESSSETSKLSSKSAKERRNRR
KKKNQKKLSSGEEKGDAEKLSKSESEDSIRRKSFHLGVEGHRRAHEKRLSTPNQSPLSIRGSLFSARRSSRTSLFSFKGR
GRDIGSETEFADDEHSIFGDNESRRGSLFVPHRPQERRSSNISQASRSPPMLPVNGKMHSAVDCNGVVSLVDGRSALMLP
NGQLLPEGTTNQIHKKRRCSSYLLSEDMLNDPNLRQRAMSRASILTNTVEELEESRQKCPPWWYRFAHKFLIWNCSPYWI
KFKKCIYFIVMDPFVDLAITICIVLNTLFMAMEHHPMTEEFKNVLAIGNLVFTGIFAAEMVLKLIAMDPYEYFQVGWNIF
DSLIVTLSLVELFLADVEGLSVLRSFRLLRVFKLAKSWPTLNMLIKIIGNSVGALGNLTLVLAIIVFIFAVVGMQLFGKS
YKECVCKINDDCTLPRWHMNDFFHSFLIVFRVLCGEWIETMWDCMEVAGQAMCLIVYMMVMVIGNLVVLNLFLALLLSSF
SSDNLTAIEEDPDANNLQIAVTRIKKGINYVKQTLREFILKAFSKKPKISREIRQAEDLNTKKENYISNHTLAEMSKGHN
FLKEKDKISGFGSSVDKHLMEDSDGQSFIHNPSLTVTVPIAPGESDLENMNAEELSSDSDSEYSKVRLNRSSSSECSTVD
NPLPGEGEEAEAEPMNSDEPEACFTDGCVRRFSCCQVNIESGKGKIWWNIRKTCYKIVEHSWFESFIVLMILLSSGALAF
EDIYIERKKTIKIILEYADKIFTYIFILEMLLKWIAYGYKTYFTNAWCWLDFLIVDVSLVTLVANTLGYSDLGPIKSLRT
LRALRPLRALSRFEGMRVVVNALIGAIPSIMNVLLVCLIFWLIFSIMGVNLFAGKFYECINTTDGSRFPASQVPNRSECF
ALMNVSQNVRWKNLKVNFDNVGLGYLSLLQVATFKGWTIIMYAAVDSVNVDKQPKYEYSLYMYIYFVVFIIFGSFFTLNL
FIGVIIDNFNQQKKKLGGQDIFMTEEQKKYYNAMKKLGSKKPQKPIPRPGNKIQGCIFDLVTNQAFDISIMVLICLNMVT
MMVEKEGQSQHMTEVLYWINVVFIILFTGECVLKLISLRHYYFTVGWNIFDFVVVIISIVGMFLADLIETYFVSPTLFRV
IRLARIGRILRLVKGAKGIRTLLFALMMSLPALFNIGLLLFLVMFIYAIFGMSNFAYVKKEDGINDMFNFETFGNSMICL
FQITTSAGWDGLLAPILNSKPPDCDPKKVHPGSSVEGDCGNPSVGIFYFVSYIIISFLVVVNMYIAVILENFSVATEEST
EPLSEDDFEMFYEVWEKFDPDATQFIEFSKLSDFAAALDPPLLIAKPNKVQLIAMDLPMVSGDRIHCLDILFAFTKRVLG
ESGEMDSLRSQMEERFMSANPSKVSYEPITTTLKRKQEDVSATVIQRAYRRYRLRQNVKNISSIYIKDGDRDDDLLNKKD
MAFDNVNENSSPEKTDATSSTTSPPSYDSVTKPDKEKYEQDRTEKEDKGKDSKESKKAAALEVLFQGPSKGEELFTGVVP
ILVELDGDVNGHKFSVRGEGEGDATNGKLTLKFICTTGKLPVPWPTLVTTLTYGVQCFSRYPDHMKRHDFFKSAMPEGYV
QERTISFKDDGTYKTRAEVKFEGDTLVNRIELKGIDFKEDGNILGHKLEYNFNSHNVYITADKQKNGIKANFKIRHNVED
GSVQLADHYQQNTPIGDGPVLLPDNHYLSTQSVLSKDPNEKRDHMVLLEFVTAAGITHGMDEWSHPQFEKGGGSGGGSGG
SAWSHPQFEK
;
A
2 'polypeptide(L)'
;MGRLLALVVGAALVSSACGGCVEVDSETEAVYGMTFKILCISCKRRSETNAETFTEWTFRQKGTEEFVKILRYENEVLQL
EEDERFEGRVVWNGSRGTKDLQDLSIFITNVTYNHSGDYECHVYRLLFFENYEHNTSVVKKIHIEVVDKANRDMASIVSE
IMMYVLIVVLTIWLVAEMIYCYKKIAAATETAAQENASEYLAITSESKENCTGVQVAEAAALEVLFQGPSKGEELFTGVV
PILVELDGDVNGHKFSVRGEGEGDATNGKLTLKFICTTGKLPVPWPTLVTTLTYGVQCFSRYPDHMKRHDFFKSAMPEGY
VQERTISFKDDGTYKTRAEVKFEGDTLVNRIELKGIDFKEDGNILGHKLEYNFNSHNVYITADKQKNGIKANFKIRHNVE
DGSVQLADHYQQNTPIGDGPVLLPDNHYLSTQSVLSKDPNEKRDHMVLLEFVTAAGITHGMDEHHHHHHHHHHDYKDDDD
K
;
B
3 'polypeptide(L)'
;MHRDAWLPRPAFSLTGLSLFFSLVPPGRSMEVTVPATLNVLNGSDARLPCTFNSCYTVNHKQFSLNWTYQECNNCSEEMF
LQFRMKIINLKLERFQDRVEFSGNPSKYDVSVMLRNVQPEDEGIYNCYIMNPPDRHRGHGKIHLQVLMEEPPERDSTVAV
IVGASVGGFLAVVILVLMVVKCVRRKKEQKLSTDDLKTEEEGKTDGEGNPDDGAK
;
F
#
# COMPACT_ATOMS: atom_id res chain seq x y z
N PRO A 114 -61.01 10.14 -25.22
CA PRO A 114 -61.59 9.33 -24.14
C PRO A 114 -60.58 8.39 -23.49
N LEU A 115 -59.87 7.57 -24.29
CA LEU A 115 -58.87 6.67 -23.74
C LEU A 115 -57.63 7.39 -23.24
N ARG A 116 -57.48 8.69 -23.52
CA ARG A 116 -56.46 9.46 -22.83
C ARG A 116 -56.71 9.44 -21.32
N ARG A 117 -57.97 9.40 -20.90
CA ARG A 117 -58.30 9.31 -19.49
C ARG A 117 -57.86 7.99 -18.89
N ILE A 118 -58.13 6.87 -19.60
CA ILE A 118 -57.69 5.58 -19.11
C ILE A 118 -56.17 5.52 -19.10
N SER A 119 -55.52 6.21 -20.04
CA SER A 119 -54.07 6.29 -20.05
C SER A 119 -53.55 6.97 -18.78
N ILE A 120 -54.07 8.16 -18.47
CA ILE A 120 -53.59 8.89 -17.30
C ILE A 120 -53.94 8.14 -16.01
N LYS A 121 -55.11 7.51 -15.96
CA LYS A 121 -55.56 6.86 -14.74
C LYS A 121 -54.88 5.52 -14.51
N ILE A 122 -54.34 4.88 -15.55
CA ILE A 122 -53.45 3.75 -15.33
C ILE A 122 -52.00 4.19 -15.17
N LEU A 123 -51.64 5.39 -15.66
CA LEU A 123 -50.29 5.90 -15.49
C LEU A 123 -50.04 6.27 -14.03
N VAL A 124 -50.87 7.15 -13.47
CA VAL A 124 -50.76 7.47 -12.06
C VAL A 124 -51.37 6.30 -11.29
N HIS A 125 -50.53 5.39 -10.81
CA HIS A 125 -51.02 4.21 -10.11
C HIS A 125 -49.92 3.47 -9.36
N SER A 126 -50.22 3.11 -8.11
CA SER A 126 -49.23 2.45 -7.27
C SER A 126 -48.85 1.09 -7.82
N LEU A 127 -49.84 0.27 -8.20
CA LEU A 127 -49.53 -1.05 -8.71
C LEU A 127 -48.91 -1.01 -10.09
N PHE A 128 -49.21 0.02 -10.89
CA PHE A 128 -48.51 0.20 -12.16
C PHE A 128 -47.03 0.49 -11.93
N SER A 129 -46.73 1.44 -11.05
CA SER A 129 -45.34 1.70 -10.71
C SER A 129 -44.68 0.47 -10.10
N MET A 130 -45.44 -0.31 -9.32
CA MET A 130 -44.88 -1.50 -8.70
C MET A 130 -44.58 -2.58 -9.74
N LEU A 131 -45.43 -2.70 -10.76
CA LEU A 131 -45.19 -3.73 -11.77
C LEU A 131 -44.00 -3.35 -12.65
N ILE A 132 -43.85 -2.05 -12.97
CA ILE A 132 -42.65 -1.66 -13.71
C ILE A 132 -41.41 -1.84 -12.84
N MET A 133 -41.53 -1.59 -11.53
CA MET A 133 -40.41 -1.83 -10.64
C MET A 133 -40.00 -3.29 -10.64
N CYS A 134 -40.96 -4.19 -10.46
CA CYS A 134 -40.66 -5.62 -10.48
C CYS A 134 -40.12 -6.06 -11.82
N THR A 135 -40.60 -5.45 -12.91
CA THR A 135 -40.11 -5.80 -14.24
C THR A 135 -38.65 -5.39 -14.41
N ILE A 136 -38.28 -4.20 -13.95
CA ILE A 136 -36.88 -3.80 -14.11
C ILE A 136 -35.98 -4.50 -13.11
N LEU A 137 -36.49 -4.95 -11.96
CA LEU A 137 -35.67 -5.79 -11.10
C LEU A 137 -35.47 -7.18 -11.71
N THR A 138 -36.49 -7.70 -12.41
CA THR A 138 -36.28 -8.94 -13.15
C THR A 138 -35.31 -8.72 -14.30
N ASN A 139 -35.34 -7.54 -14.92
CA ASN A 139 -34.36 -7.18 -15.93
C ASN A 139 -32.95 -7.18 -15.34
N CYS A 140 -32.80 -6.62 -14.14
CA CYS A 140 -31.50 -6.61 -13.49
C CYS A 140 -31.06 -8.01 -13.09
N ILE A 141 -32.03 -8.90 -12.81
CA ILE A 141 -31.69 -10.29 -12.57
C ILE A 141 -31.19 -10.95 -13.85
N PHE A 142 -31.80 -10.63 -14.98
CA PHE A 142 -31.44 -11.25 -16.25
C PHE A 142 -30.17 -10.68 -16.86
N MET A 143 -29.81 -9.44 -16.52
CA MET A 143 -28.62 -8.81 -17.08
C MET A 143 -27.32 -9.36 -16.49
N THR A 144 -27.41 -10.32 -15.56
CA THR A 144 -26.23 -10.91 -14.94
C THR A 144 -26.00 -12.35 -15.37
N MET A 145 -26.34 -12.69 -16.61
CA MET A 145 -26.21 -14.09 -17.03
C MET A 145 -24.87 -14.34 -17.72
N ASN A 146 -24.34 -13.29 -18.36
CA ASN A 146 -23.08 -13.28 -19.11
C ASN A 146 -23.07 -14.19 -20.35
N ASN A 147 -24.08 -15.05 -20.46
CA ASN A 147 -24.25 -15.92 -21.60
C ASN A 147 -25.69 -16.42 -21.56
N PRO A 148 -26.67 -15.56 -21.83
CA PRO A 148 -28.06 -15.95 -21.62
C PRO A 148 -28.44 -17.11 -22.51
N PRO A 149 -29.35 -17.97 -22.05
CA PRO A 149 -29.73 -19.15 -22.85
C PRO A 149 -30.48 -18.77 -24.11
N ASP A 150 -30.90 -19.78 -24.88
CA ASP A 150 -31.61 -19.52 -26.13
C ASP A 150 -33.08 -19.20 -25.91
N TRP A 151 -33.67 -19.68 -24.83
CA TRP A 151 -35.08 -19.43 -24.55
C TRP A 151 -35.34 -18.03 -24.01
N THR A 152 -34.31 -17.21 -23.85
CA THR A 152 -34.46 -15.91 -23.22
C THR A 152 -34.65 -14.77 -24.21
N LYS A 153 -34.50 -15.02 -25.51
CA LYS A 153 -34.70 -13.95 -26.48
C LYS A 153 -36.12 -13.44 -26.48
N ASN A 154 -37.11 -14.33 -26.41
CA ASN A 154 -38.50 -13.88 -26.41
C ASN A 154 -38.87 -13.22 -25.08
N VAL A 155 -38.25 -13.62 -23.96
CA VAL A 155 -38.55 -12.94 -22.71
C VAL A 155 -37.89 -11.56 -22.68
N GLU A 156 -36.72 -11.43 -23.31
CA GLU A 156 -36.15 -10.10 -23.52
C GLU A 156 -37.07 -9.27 -24.40
N TYR A 157 -37.71 -9.93 -25.37
CA TYR A 157 -38.70 -9.22 -26.19
C TYR A 157 -39.88 -8.75 -25.35
N THR A 158 -40.35 -9.57 -24.41
CA THR A 158 -41.41 -9.12 -23.51
C THR A 158 -40.96 -7.98 -22.62
N PHE A 159 -39.69 -8.00 -22.19
CA PHE A 159 -39.14 -6.86 -21.45
C PHE A 159 -39.21 -5.59 -22.29
N THR A 160 -38.68 -5.64 -23.51
CA THR A 160 -38.78 -4.51 -24.42
C THR A 160 -40.23 -4.10 -24.65
N GLY A 161 -41.13 -5.08 -24.71
CA GLY A 161 -42.52 -4.76 -24.98
C GLY A 161 -43.18 -4.04 -23.82
N ILE A 162 -42.90 -4.47 -22.60
CA ILE A 162 -43.49 -3.78 -21.46
C ILE A 162 -42.85 -2.41 -21.27
N TYR A 163 -41.57 -2.27 -21.63
CA TYR A 163 -40.95 -0.95 -21.56
C TYR A 163 -41.58 0.00 -22.58
N THR A 164 -41.75 -0.46 -23.82
CA THR A 164 -42.36 0.39 -24.83
C THR A 164 -43.84 0.60 -24.56
N PHE A 165 -44.50 -0.33 -23.85
CA PHE A 165 -45.89 -0.13 -23.47
C PHE A 165 -46.00 0.93 -22.40
N GLU A 166 -45.13 0.90 -21.39
CA GLU A 166 -45.03 2.01 -20.45
C GLU A 166 -44.78 3.32 -21.18
N SER A 167 -43.87 3.31 -22.15
CA SER A 167 -43.51 4.54 -22.86
C SER A 167 -44.70 5.10 -23.63
N LEU A 168 -45.40 4.24 -24.39
CA LEU A 168 -46.53 4.74 -25.16
C LEU A 168 -47.69 5.12 -24.25
N VAL A 169 -47.84 4.44 -23.10
CA VAL A 169 -48.84 4.85 -22.14
C VAL A 169 -48.57 6.28 -21.67
N LYS A 170 -47.32 6.56 -21.26
CA LYS A 170 -47.06 7.89 -20.75
C LYS A 170 -47.09 8.94 -21.84
N ILE A 171 -46.75 8.58 -23.09
CA ILE A 171 -46.82 9.59 -24.14
C ILE A 171 -48.27 9.87 -24.52
N LEU A 172 -49.12 8.83 -24.54
CA LEU A 172 -50.55 9.06 -24.72
C LEU A 172 -51.11 9.94 -23.61
N ALA A 173 -50.60 9.77 -22.39
CA ALA A 173 -51.09 10.60 -21.29
C ALA A 173 -50.61 12.04 -21.39
N ARG A 174 -49.39 12.25 -21.88
CA ARG A 174 -48.76 13.58 -21.81
C ARG A 174 -48.87 14.36 -23.12
N GLY A 175 -48.35 13.80 -24.21
CA GLY A 175 -48.15 14.57 -25.43
C GLY A 175 -49.39 14.92 -26.22
N PHE A 176 -50.06 13.91 -26.79
CA PHE A 176 -51.17 14.11 -27.71
C PHE A 176 -50.73 14.94 -28.91
N CYS A 177 -49.82 14.35 -29.70
CA CYS A 177 -49.32 14.93 -30.94
C CYS A 177 -48.84 16.37 -30.77
N VAL A 178 -48.03 16.60 -29.74
CA VAL A 178 -47.41 17.89 -29.51
C VAL A 178 -45.92 17.87 -29.78
N GLY A 179 -45.28 16.70 -29.77
CA GLY A 179 -43.84 16.59 -29.87
C GLY A 179 -43.20 16.18 -28.56
N GLU A 180 -43.95 15.45 -27.74
CA GLU A 180 -43.49 14.91 -26.46
C GLU A 180 -42.85 15.98 -25.60
N PHE A 181 -43.45 17.18 -25.63
CA PHE A 181 -42.92 18.30 -24.87
C PHE A 181 -43.01 18.04 -23.37
N THR A 182 -44.21 17.76 -22.87
CA THR A 182 -44.40 17.54 -21.44
C THR A 182 -43.85 16.20 -20.97
N PHE A 183 -43.46 15.32 -21.89
CA PHE A 183 -42.86 14.05 -21.52
C PHE A 183 -41.33 14.11 -21.54
N LEU A 184 -40.76 15.02 -22.33
CA LEU A 184 -39.31 15.20 -22.37
C LEU A 184 -38.83 16.46 -21.67
N ARG A 185 -39.73 17.24 -21.07
CA ARG A 185 -39.28 18.39 -20.29
C ARG A 185 -38.62 17.95 -18.98
N ASP A 186 -38.97 16.76 -18.49
CA ASP A 186 -38.27 16.18 -17.35
C ASP A 186 -37.24 15.20 -17.87
N PRO A 187 -35.95 15.39 -17.59
CA PRO A 187 -34.92 14.53 -18.21
C PRO A 187 -34.98 13.09 -17.79
N TRP A 188 -35.60 12.76 -16.66
CA TRP A 188 -35.62 11.38 -16.19
C TRP A 188 -36.31 10.42 -17.16
N ASN A 189 -36.98 10.92 -18.19
CA ASN A 189 -37.57 10.08 -19.22
C ASN A 189 -36.71 9.97 -20.46
N TRP A 190 -35.70 10.84 -20.61
CA TRP A 190 -34.68 10.60 -21.62
C TRP A 190 -34.05 9.23 -21.44
N LEU A 191 -33.89 8.81 -20.18
CA LEU A 191 -33.41 7.46 -19.87
C LEU A 191 -34.29 6.41 -20.53
N ASP A 192 -35.60 6.49 -20.28
CA ASP A 192 -36.53 5.51 -20.85
C ASP A 192 -36.48 5.53 -22.36
N PHE A 193 -36.43 6.72 -22.96
CA PHE A 193 -36.46 6.81 -24.42
C PHE A 193 -35.19 6.24 -25.04
N VAL A 194 -34.03 6.53 -24.44
CA VAL A 194 -32.79 5.94 -24.92
C VAL A 194 -32.84 4.42 -24.79
N VAL A 195 -33.36 3.92 -23.67
CA VAL A 195 -33.49 2.48 -23.48
C VAL A 195 -34.31 1.86 -24.60
N ILE A 196 -35.49 2.43 -24.88
CA ILE A 196 -36.35 1.77 -25.87
C ILE A 196 -35.78 1.89 -27.26
N VAL A 197 -35.18 3.03 -27.62
CA VAL A 197 -34.64 3.15 -28.98
C VAL A 197 -33.43 2.22 -29.17
N PHE A 198 -32.56 2.13 -28.16
CA PHE A 198 -31.43 1.22 -28.29
C PHE A 198 -31.88 -0.24 -28.32
N ALA A 199 -32.92 -0.57 -27.54
CA ALA A 199 -33.47 -1.92 -27.60
C ALA A 199 -34.03 -2.23 -28.98
N TYR A 200 -34.73 -1.28 -29.59
CA TYR A 200 -35.30 -1.53 -30.90
C TYR A 200 -34.20 -1.68 -31.97
N LEU A 201 -33.20 -0.80 -31.95
CA LEU A 201 -32.15 -0.87 -32.96
C LEU A 201 -31.26 -2.11 -32.76
N THR A 202 -31.09 -2.56 -31.51
CA THR A 202 -30.35 -3.81 -31.33
C THR A 202 -31.19 -5.03 -31.66
N GLU A 203 -32.52 -4.94 -31.52
CA GLU A 203 -33.39 -6.02 -31.98
C GLU A 203 -33.33 -6.15 -33.49
N PHE A 204 -33.44 -5.05 -34.21
CA PHE A 204 -33.32 -5.06 -35.66
C PHE A 204 -31.83 -5.10 -36.04
N VAL A 205 -31.54 -4.83 -37.31
CA VAL A 205 -30.17 -4.92 -37.79
C VAL A 205 -29.29 -3.92 -37.06
N ASN A 206 -28.18 -4.43 -36.51
CA ASN A 206 -27.20 -3.62 -35.80
C ASN A 206 -25.80 -4.02 -36.25
N LEU A 207 -24.82 -3.23 -35.86
CA LEU A 207 -23.45 -3.40 -36.33
C LEU A 207 -22.75 -4.51 -35.55
N GLY A 208 -21.43 -4.62 -35.76
CA GLY A 208 -20.67 -5.74 -35.21
C GLY A 208 -20.23 -5.57 -33.76
N ASN A 209 -20.34 -4.37 -33.20
CA ASN A 209 -19.95 -4.12 -31.81
C ASN A 209 -21.03 -4.72 -30.89
N VAL A 210 -21.04 -6.05 -30.85
CA VAL A 210 -22.13 -6.77 -30.20
C VAL A 210 -22.15 -6.52 -28.70
N SER A 211 -20.99 -6.67 -28.04
CA SER A 211 -20.95 -6.44 -26.60
C SER A 211 -21.07 -4.95 -26.27
N ALA A 212 -20.40 -4.10 -27.06
CA ALA A 212 -20.42 -2.67 -26.81
C ALA A 212 -21.78 -2.04 -27.09
N LEU A 213 -22.69 -2.75 -27.74
CA LEU A 213 -24.07 -2.29 -27.87
C LEU A 213 -25.03 -3.05 -26.96
N ARG A 214 -24.71 -4.30 -26.61
CA ARG A 214 -25.48 -5.01 -25.59
C ARG A 214 -25.40 -4.29 -24.25
N THR A 215 -24.22 -3.77 -23.90
CA THR A 215 -24.05 -3.14 -22.61
C THR A 215 -24.91 -1.90 -22.43
N PHE A 216 -25.42 -1.33 -23.54
CA PHE A 216 -26.20 -0.10 -23.45
C PHE A 216 -27.56 -0.31 -22.78
N ARG A 217 -28.05 -1.54 -22.73
CA ARG A 217 -29.32 -1.83 -22.07
C ARG A 217 -29.21 -1.82 -20.55
N VAL A 218 -28.11 -1.29 -20.02
CA VAL A 218 -27.90 -1.30 -18.58
C VAL A 218 -28.65 -0.19 -17.88
N LEU A 219 -29.13 0.83 -18.61
CA LEU A 219 -29.92 1.88 -17.99
C LEU A 219 -31.30 1.39 -17.58
N ARG A 220 -31.69 0.19 -17.99
CA ARG A 220 -32.83 -0.48 -17.39
C ARG A 220 -32.61 -0.75 -15.91
N ALA A 221 -31.39 -0.55 -15.41
CA ALA A 221 -31.12 -0.59 -13.98
C ALA A 221 -31.18 0.79 -13.35
N LEU A 222 -30.85 1.84 -14.11
CA LEU A 222 -31.00 3.19 -13.60
C LEU A 222 -32.44 3.66 -13.64
N LYS A 223 -33.31 2.94 -14.36
CA LYS A 223 -34.74 3.22 -14.29
C LYS A 223 -35.27 3.05 -12.87
N THR A 224 -34.58 2.27 -12.04
CA THR A 224 -34.99 2.10 -10.65
C THR A 224 -34.94 3.42 -9.90
N ILE A 225 -33.95 4.27 -10.22
CA ILE A 225 -33.81 5.55 -9.55
C ILE A 225 -35.05 6.41 -9.76
N SER A 226 -35.66 6.33 -10.93
CA SER A 226 -36.87 7.07 -11.21
C SER A 226 -38.12 6.37 -10.69
N VAL A 227 -38.15 5.04 -10.75
CA VAL A 227 -39.31 4.31 -10.28
C VAL A 227 -39.49 4.48 -8.77
N ILE A 228 -38.50 4.06 -8.00
CA ILE A 228 -38.58 4.17 -6.54
C ILE A 228 -38.55 5.64 -6.13
N PRO A 229 -39.46 6.10 -5.28
CA PRO A 229 -39.43 7.51 -4.86
C PRO A 229 -38.26 7.78 -3.92
N GLY A 230 -37.90 9.06 -3.82
CA GLY A 230 -36.83 9.50 -2.96
C GLY A 230 -35.44 9.38 -3.57
N LEU A 231 -35.20 8.27 -4.28
CA LEU A 231 -33.92 8.09 -4.95
C LEU A 231 -33.64 9.22 -5.92
N LYS A 232 -34.68 9.80 -6.53
CA LYS A 232 -34.49 11.00 -7.34
C LYS A 232 -33.85 12.11 -6.51
N THR A 233 -34.37 12.34 -5.30
CA THR A 233 -33.85 13.40 -4.47
C THR A 233 -32.42 13.10 -4.01
N ILE A 234 -32.13 11.82 -3.74
CA ILE A 234 -30.81 11.54 -3.20
C ILE A 234 -29.74 11.54 -4.31
N VAL A 235 -30.08 11.13 -5.53
CA VAL A 235 -29.13 11.32 -6.61
C VAL A 235 -29.02 12.80 -6.96
N GLY A 236 -30.07 13.57 -6.74
CA GLY A 236 -29.94 15.01 -6.82
C GLY A 236 -28.93 15.54 -5.81
N ALA A 237 -28.94 14.98 -4.61
CA ALA A 237 -27.96 15.39 -3.60
C ALA A 237 -26.54 14.99 -4.01
N LEU A 238 -26.38 13.81 -4.60
CA LEU A 238 -25.07 13.41 -5.12
C LEU A 238 -24.57 14.38 -6.17
N ILE A 239 -25.41 14.72 -7.15
CA ILE A 239 -25.00 15.64 -8.20
C ILE A 239 -24.84 17.06 -7.68
N GLN A 240 -25.47 17.40 -6.56
CA GLN A 240 -25.21 18.69 -5.94
C GLN A 240 -23.90 18.69 -5.18
N SER A 241 -23.48 17.52 -4.68
CA SER A 241 -22.21 17.44 -3.97
C SER A 241 -21.03 17.48 -4.94
N VAL A 242 -21.16 16.87 -6.11
CA VAL A 242 -20.05 16.90 -7.05
C VAL A 242 -19.80 18.33 -7.56
N LYS A 243 -20.84 19.16 -7.60
CA LYS A 243 -20.66 20.54 -8.05
C LYS A 243 -19.77 21.33 -7.09
N LYS A 244 -19.73 20.94 -5.82
CA LYS A 244 -18.77 21.53 -4.90
C LYS A 244 -17.44 20.79 -4.92
N LEU A 245 -17.46 19.49 -5.21
CA LEU A 245 -16.23 18.72 -5.40
C LEU A 245 -15.41 19.21 -6.59
N SER A 246 -16.01 20.02 -7.46
CA SER A 246 -15.31 20.55 -8.64
C SER A 246 -13.93 21.12 -8.30
N ASP A 247 -13.88 22.12 -7.41
CA ASP A 247 -12.62 22.82 -7.16
C ASP A 247 -11.59 21.91 -6.48
N VAL A 248 -12.05 21.02 -5.61
CA VAL A 248 -11.11 20.09 -4.99
C VAL A 248 -10.55 19.12 -6.02
N MET A 249 -11.35 18.75 -7.03
CA MET A 249 -10.81 17.91 -8.09
C MET A 249 -9.84 18.67 -8.97
N ILE A 250 -10.09 19.95 -9.21
CA ILE A 250 -9.15 20.77 -9.96
C ILE A 250 -7.81 20.83 -9.24
N LEU A 251 -7.85 21.13 -7.93
CA LEU A 251 -6.60 21.15 -7.16
C LEU A 251 -5.96 19.76 -7.08
N THR A 252 -6.77 18.70 -7.04
CA THR A 252 -6.21 17.36 -7.01
C THR A 252 -5.43 17.06 -8.27
N VAL A 253 -5.98 17.40 -9.45
CA VAL A 253 -5.24 17.12 -10.67
C VAL A 253 -4.05 18.05 -10.80
N PHE A 254 -4.15 19.28 -10.28
CA PHE A 254 -2.99 20.17 -10.31
C PHE A 254 -1.83 19.61 -9.51
N CYS A 255 -2.08 19.22 -8.25
CA CYS A 255 -0.99 18.67 -7.44
C CYS A 255 -0.53 17.32 -7.99
N LEU A 256 -1.44 16.50 -8.50
CA LEU A 256 -1.02 15.23 -9.07
C LEU A 256 -0.10 15.45 -10.26
N SER A 257 -0.38 16.45 -11.09
CA SER A 257 0.46 16.70 -12.25
C SER A 257 1.79 17.35 -11.85
N VAL A 258 1.79 18.20 -10.83
CA VAL A 258 3.04 18.80 -10.38
C VAL A 258 3.96 17.74 -9.80
N PHE A 259 3.44 16.88 -8.92
CA PHE A 259 4.24 15.79 -8.42
C PHE A 259 4.56 14.77 -9.50
N ALA A 260 3.76 14.68 -10.55
CA ALA A 260 4.08 13.78 -11.66
C ALA A 260 5.25 14.33 -12.47
N LEU A 261 5.32 15.65 -12.64
CA LEU A 261 6.49 16.25 -13.27
C LEU A 261 7.73 16.08 -12.40
N ILE A 262 7.59 16.26 -11.08
CA ILE A 262 8.72 16.04 -10.18
C ILE A 262 9.23 14.60 -10.33
N GLY A 263 8.33 13.62 -10.19
CA GLY A 263 8.72 12.23 -10.32
C GLY A 263 9.24 11.88 -11.71
N LEU A 264 8.75 12.57 -12.74
CA LEU A 264 9.26 12.37 -14.09
C LEU A 264 10.71 12.82 -14.18
N GLN A 265 10.99 14.09 -13.86
CA GLN A 265 12.36 14.57 -13.92
C GLN A 265 13.29 13.79 -13.02
N LEU A 266 12.77 13.20 -11.94
CA LEU A 266 13.65 12.51 -11.00
C LEU A 266 13.84 11.02 -11.30
N PHE A 267 12.88 10.36 -11.93
CA PHE A 267 12.99 8.92 -12.18
C PHE A 267 12.62 8.55 -13.60
N MET A 268 12.85 9.44 -14.57
CA MET A 268 12.60 9.09 -15.96
C MET A 268 13.51 7.95 -16.39
N GLY A 269 12.92 6.78 -16.62
CA GLY A 269 13.68 5.62 -17.05
C GLY A 269 14.33 4.84 -15.94
N ASN A 270 14.32 5.34 -14.71
CA ASN A 270 14.97 4.63 -13.61
C ASN A 270 14.37 3.26 -13.38
N LEU A 271 13.09 3.09 -13.69
CA LEU A 271 12.46 1.79 -13.51
C LEU A 271 12.81 0.80 -14.62
N LYS A 272 13.57 1.25 -15.63
CA LYS A 272 14.10 0.34 -16.63
C LYS A 272 15.42 -0.28 -16.22
N HIS A 273 16.06 0.22 -15.17
CA HIS A 273 17.31 -0.35 -14.67
C HIS A 273 17.17 -1.85 -14.48
N LYS A 274 18.03 -2.60 -15.15
CA LYS A 274 18.01 -4.05 -15.04
C LYS A 274 19.44 -4.56 -14.93
N CYS A 275 19.63 -5.59 -14.13
CA CYS A 275 20.95 -6.17 -13.92
C CYS A 275 21.24 -7.09 -15.10
N PHE A 276 21.94 -6.55 -16.10
CA PHE A 276 22.27 -7.27 -17.32
C PHE A 276 23.61 -7.99 -17.16
N ARG A 277 23.77 -9.09 -17.89
CA ARG A 277 24.94 -9.93 -17.77
C ARG A 277 26.21 -9.17 -18.12
N ASN A 278 27.35 -9.80 -17.82
CA ASN A 278 28.66 -9.29 -18.16
C ASN A 278 29.40 -10.18 -19.15
N SER A 279 29.22 -11.50 -19.06
CA SER A 279 29.87 -12.44 -19.96
C SER A 279 28.88 -12.79 -21.07
N LEU A 280 28.98 -12.06 -22.18
CA LEU A 280 28.13 -12.28 -23.35
C LEU A 280 28.87 -13.16 -24.35
N GLU A 281 28.17 -14.16 -24.87
CA GLU A 281 28.77 -15.13 -25.77
C GLU A 281 28.63 -14.65 -27.21
N ASN A 282 29.11 -15.44 -28.17
CA ASN A 282 28.87 -15.29 -29.60
C ASN A 282 29.01 -13.85 -30.09
N ASN A 283 29.93 -13.09 -29.51
CA ASN A 283 30.18 -11.67 -29.77
C ASN A 283 28.89 -10.84 -29.73
N GLU A 284 27.84 -11.30 -29.07
CA GLU A 284 26.62 -10.53 -28.93
C GLU A 284 26.87 -9.29 -28.09
N THR A 285 25.93 -8.35 -28.17
CA THR A 285 25.95 -7.15 -27.34
C THR A 285 24.53 -6.89 -26.84
N LEU A 286 24.38 -5.78 -26.10
CA LEU A 286 23.08 -5.45 -25.51
C LEU A 286 22.01 -5.31 -26.59
N GLU A 287 22.27 -4.50 -27.61
CA GLU A 287 21.28 -4.30 -28.65
C GLU A 287 21.04 -5.58 -29.46
N SER A 288 22.13 -6.28 -29.79
CA SER A 288 22.00 -7.48 -30.61
C SER A 288 21.19 -8.56 -29.91
N ILE A 289 21.21 -8.59 -28.58
CA ILE A 289 20.38 -9.58 -27.88
C ILE A 289 18.98 -9.02 -27.63
N MET A 290 18.87 -7.71 -27.41
CA MET A 290 17.55 -7.13 -27.11
C MET A 290 16.62 -7.21 -28.31
N ASN A 291 17.11 -6.84 -29.50
CA ASN A 291 16.26 -6.98 -30.68
C ASN A 291 16.07 -8.44 -31.09
N THR A 292 16.63 -9.38 -30.33
CA THR A 292 16.53 -10.81 -30.63
C THR A 292 15.58 -11.56 -29.71
N LEU A 293 15.65 -11.32 -28.40
CA LEU A 293 14.91 -12.11 -27.43
C LEU A 293 13.57 -11.46 -27.11
N GLU A 294 12.51 -12.27 -27.06
CA GLU A 294 11.20 -11.77 -26.65
C GLU A 294 10.47 -12.66 -25.66
N SER A 295 10.76 -13.95 -25.58
CA SER A 295 10.12 -14.77 -24.56
C SER A 295 10.71 -14.46 -23.19
N GLU A 296 9.88 -14.61 -22.16
CA GLU A 296 10.34 -14.26 -20.81
C GLU A 296 11.41 -15.21 -20.31
N GLU A 297 11.45 -16.45 -20.79
CA GLU A 297 12.57 -17.32 -20.42
C GLU A 297 13.86 -16.82 -21.05
N ASP A 298 13.80 -16.31 -22.28
CA ASP A 298 14.98 -15.70 -22.88
C ASP A 298 15.41 -14.46 -22.11
N PHE A 299 14.44 -13.62 -21.73
CA PHE A 299 14.75 -12.46 -20.87
C PHE A 299 15.42 -12.91 -19.58
N ARG A 300 14.95 -14.02 -19.01
CA ARG A 300 15.53 -14.55 -17.78
C ARG A 300 16.96 -15.03 -17.99
N LYS A 301 17.25 -15.56 -19.17
CA LYS A 301 18.60 -16.03 -19.46
C LYS A 301 19.62 -14.91 -19.55
N TYR A 302 19.19 -13.65 -19.63
CA TYR A 302 20.12 -12.54 -19.77
C TYR A 302 20.02 -11.51 -18.65
N PHE A 303 18.89 -11.42 -17.95
CA PHE A 303 18.74 -10.50 -16.84
C PHE A 303 18.60 -11.31 -15.55
N TYR A 304 18.35 -10.61 -14.44
CA TYR A 304 18.40 -11.30 -13.15
C TYR A 304 17.09 -12.04 -12.85
N TYR A 305 15.96 -11.31 -12.81
CA TYR A 305 14.67 -11.96 -12.61
C TYR A 305 14.57 -12.72 -11.29
N LEU A 306 14.41 -11.99 -10.19
CA LEU A 306 14.56 -12.50 -8.84
C LEU A 306 13.48 -13.54 -8.52
N GLU A 307 13.71 -14.75 -9.01
CA GLU A 307 13.06 -15.98 -8.56
C GLU A 307 11.55 -15.82 -8.34
N GLY A 308 10.86 -15.52 -9.43
CA GLY A 308 9.41 -15.60 -9.39
C GLY A 308 8.68 -14.40 -9.93
N SER A 309 9.23 -13.21 -9.74
CA SER A 309 8.59 -12.00 -10.22
C SER A 309 8.55 -12.00 -11.74
N LYS A 310 7.44 -11.51 -12.29
CA LYS A 310 7.32 -11.44 -13.74
C LYS A 310 8.32 -10.46 -14.33
N ASP A 311 8.64 -9.41 -13.59
CA ASP A 311 9.56 -8.39 -14.09
C ASP A 311 10.99 -8.58 -13.59
N ALA A 312 11.95 -8.20 -14.41
CA ALA A 312 13.34 -8.32 -14.04
C ALA A 312 13.65 -7.38 -12.88
N LEU A 313 14.55 -7.82 -12.00
CA LEU A 313 14.88 -7.03 -10.82
C LEU A 313 15.56 -5.72 -11.22
N LEU A 314 15.21 -4.65 -10.51
CA LEU A 314 15.88 -3.38 -10.73
C LEU A 314 17.19 -3.34 -9.94
N CYS A 315 18.13 -2.55 -10.45
CA CYS A 315 19.39 -2.31 -9.76
C CYS A 315 19.62 -0.82 -9.72
N GLY A 316 20.82 -0.39 -9.33
CA GLY A 316 21.09 1.03 -9.20
C GLY A 316 22.56 1.32 -9.28
N PHE A 317 22.87 2.55 -9.69
CA PHE A 317 24.26 3.00 -9.78
C PHE A 317 24.73 3.64 -8.49
N SER A 318 23.82 4.15 -7.66
CA SER A 318 24.20 4.65 -6.35
C SER A 318 24.61 3.49 -5.44
N THR A 319 25.35 3.83 -4.39
CA THR A 319 25.86 2.80 -3.50
C THR A 319 24.76 2.22 -2.62
N ASP A 320 23.71 3.00 -2.36
CA ASP A 320 22.66 2.55 -1.44
C ASP A 320 21.55 1.79 -2.13
N SER A 321 21.12 2.24 -3.32
CA SER A 321 19.98 1.61 -3.98
C SER A 321 20.27 0.16 -4.35
N GLY A 322 21.10 -0.04 -5.35
CA GLY A 322 21.58 -1.36 -5.70
C GLY A 322 20.52 -2.44 -5.77
N GLN A 323 20.95 -3.69 -5.72
CA GLN A 323 22.36 -4.04 -5.81
C GLN A 323 22.49 -5.16 -6.81
N CYS A 324 22.99 -4.82 -8.00
CA CYS A 324 23.18 -5.82 -9.03
C CYS A 324 24.14 -6.90 -8.51
N PRO A 325 23.79 -8.17 -8.62
CA PRO A 325 24.64 -9.22 -8.02
C PRO A 325 25.97 -9.37 -8.73
N GLU A 326 26.77 -10.33 -8.29
CA GLU A 326 28.10 -10.53 -8.86
C GLU A 326 27.99 -11.07 -10.28
N GLY A 327 28.46 -10.29 -11.24
CA GLY A 327 28.39 -10.67 -12.65
C GLY A 327 27.34 -9.95 -13.44
N TYR A 328 26.58 -9.06 -12.83
CA TYR A 328 25.53 -8.30 -13.50
C TYR A 328 25.82 -6.82 -13.32
N THR A 329 25.59 -6.03 -14.35
CA THR A 329 25.81 -4.59 -14.31
C THR A 329 24.52 -3.86 -14.65
N CYS A 330 24.18 -2.88 -13.82
CA CYS A 330 22.93 -2.16 -14.00
C CYS A 330 22.94 -1.37 -15.30
N VAL A 331 21.89 -1.52 -16.10
CA VAL A 331 21.71 -0.77 -17.34
C VAL A 331 20.21 -0.67 -17.60
N LYS A 332 19.78 0.45 -18.17
CA LYS A 332 18.36 0.70 -18.41
C LYS A 332 17.99 0.24 -19.82
N ILE A 333 17.43 -0.96 -19.92
CA ILE A 333 16.99 -1.53 -21.19
C ILE A 333 15.83 -2.46 -20.91
N GLY A 334 14.87 -2.49 -21.81
CA GLY A 334 13.66 -3.28 -21.64
C GLY A 334 12.47 -2.43 -21.25
N ARG A 335 11.46 -3.10 -20.69
CA ARG A 335 10.22 -2.46 -20.32
C ARG A 335 10.15 -2.23 -18.82
N ASN A 336 9.44 -1.18 -18.43
CA ASN A 336 9.24 -0.86 -17.04
C ASN A 336 8.43 -1.97 -16.36
N PRO A 337 8.46 -2.06 -15.03
CA PRO A 337 7.80 -3.18 -14.37
C PRO A 337 6.28 -3.08 -14.45
N ASP A 338 5.63 -4.20 -14.14
CA ASP A 338 4.18 -4.32 -14.19
C ASP A 338 3.66 -4.10 -15.62
N TYR A 339 4.13 -4.97 -16.52
CA TYR A 339 3.71 -5.00 -17.92
C TYR A 339 4.12 -3.74 -18.68
N GLY A 340 4.81 -2.82 -18.01
CA GLY A 340 5.13 -1.54 -18.59
C GLY A 340 4.29 -0.39 -18.08
N TYR A 341 3.40 -0.64 -17.13
CA TYR A 341 2.48 0.38 -16.65
C TYR A 341 3.00 1.16 -15.46
N THR A 342 3.91 0.59 -14.68
CA THR A 342 4.54 1.28 -13.56
C THR A 342 5.81 1.94 -14.07
N SER A 343 5.75 3.23 -14.30
CA SER A 343 6.88 3.96 -14.85
C SER A 343 6.68 5.44 -14.62
N PHE A 344 7.77 6.19 -14.74
CA PHE A 344 7.74 7.64 -14.71
C PHE A 344 8.22 8.23 -16.04
N ASP A 345 8.26 7.40 -17.09
CA ASP A 345 8.87 7.80 -18.36
C ASP A 345 8.11 8.96 -19.00
N THR A 346 6.81 8.82 -19.16
CA THR A 346 5.99 9.84 -19.77
C THR A 346 5.14 10.53 -18.71
N PHE A 347 4.67 11.74 -19.01
CA PHE A 347 3.83 12.45 -18.08
C PHE A 347 2.53 11.70 -17.80
N SER A 348 2.05 10.92 -18.76
CA SER A 348 0.84 10.13 -18.54
C SER A 348 1.08 9.03 -17.51
N TRP A 349 2.17 8.28 -17.68
CA TRP A 349 2.45 7.21 -16.72
C TRP A 349 2.84 7.76 -15.35
N ALA A 350 3.47 8.95 -15.32
CA ALA A 350 3.77 9.57 -14.04
C ALA A 350 2.50 10.04 -13.35
N PHE A 351 1.54 10.58 -14.11
CA PHE A 351 0.27 10.99 -13.52
C PHE A 351 -0.52 9.78 -13.03
N LEU A 352 -0.44 8.66 -13.75
CA LEU A 352 -1.13 7.46 -13.28
C LEU A 352 -0.49 6.93 -12.01
N ALA A 353 0.85 6.85 -11.98
CA ALA A 353 1.51 6.35 -10.77
C ALA A 353 1.31 7.28 -9.59
N LEU A 354 1.19 8.59 -9.82
CA LEU A 354 1.00 9.47 -8.69
C LEU A 354 -0.47 9.61 -8.28
N PHE A 355 -1.43 9.37 -9.17
CA PHE A 355 -2.79 9.15 -8.70
C PHE A 355 -2.89 7.87 -7.88
N ARG A 356 -2.03 6.90 -8.22
CA ARG A 356 -1.96 5.65 -7.49
C ARG A 356 -1.44 5.98 -6.09
N LEU A 357 -0.47 6.89 -6.02
CA LEU A 357 0.08 7.30 -4.72
C LEU A 357 -0.93 8.11 -3.91
N MET A 358 -1.69 8.99 -4.58
CA MET A 358 -2.65 9.82 -3.87
C MET A 358 -3.79 9.00 -3.30
N THR A 359 -4.29 8.02 -4.05
CA THR A 359 -5.28 7.12 -3.50
C THR A 359 -4.65 5.97 -2.71
N GLN A 360 -3.34 6.02 -2.50
CA GLN A 360 -2.61 5.05 -1.68
C GLN A 360 -2.94 3.62 -2.09
N ASP A 361 -3.13 3.41 -3.39
CA ASP A 361 -3.44 2.09 -3.91
C ASP A 361 -2.11 1.41 -4.24
N TYR A 362 -1.75 0.40 -3.44
CA TYR A 362 -0.54 -0.40 -3.68
C TYR A 362 0.70 0.47 -3.79
N TRP A 363 0.64 1.67 -3.19
CA TRP A 363 1.76 2.61 -3.28
C TRP A 363 3.02 2.06 -2.64
N GLU A 364 2.88 1.04 -1.80
CA GLU A 364 4.02 0.43 -1.13
C GLU A 364 4.98 -0.24 -2.12
N ASN A 365 4.44 -0.75 -3.23
CA ASN A 365 5.28 -1.41 -4.22
C ASN A 365 5.97 -0.39 -5.12
N LEU A 366 5.29 0.70 -5.45
CA LEU A 366 5.95 1.79 -6.16
C LEU A 366 7.05 2.41 -5.30
N TYR A 367 6.79 2.55 -3.99
CA TYR A 367 7.80 2.96 -3.04
C TYR A 367 9.04 2.09 -3.12
N GLN A 368 8.86 0.78 -2.95
CA GLN A 368 9.99 -0.14 -2.95
C GLN A 368 10.72 -0.12 -4.28
N GLN A 369 9.99 -0.07 -5.39
CA GLN A 369 10.64 -0.13 -6.70
C GLN A 369 11.41 1.15 -7.00
N THR A 370 10.81 2.31 -6.72
CA THR A 370 11.50 3.55 -6.98
C THR A 370 12.73 3.71 -6.10
N LEU A 371 12.64 3.26 -4.84
CA LEU A 371 13.82 3.33 -3.99
C LEU A 371 14.91 2.36 -4.47
N ARG A 372 14.52 1.14 -4.82
CA ARG A 372 15.51 0.17 -5.30
C ARG A 372 16.17 0.63 -6.57
N ALA A 373 15.48 1.42 -7.39
CA ALA A 373 16.07 1.81 -8.67
C ALA A 373 16.83 3.13 -8.58
N ALA A 374 16.33 4.12 -7.86
CA ALA A 374 16.92 5.45 -7.86
C ALA A 374 17.73 5.78 -6.62
N GLY A 375 17.58 5.03 -5.54
CA GLY A 375 18.28 5.33 -4.31
C GLY A 375 17.36 5.35 -3.11
N LYS A 376 17.89 4.97 -1.95
CA LYS A 376 17.14 5.00 -0.72
C LYS A 376 16.88 6.41 -0.22
N THR A 377 17.56 7.42 -0.79
CA THR A 377 17.36 8.80 -0.37
C THR A 377 16.19 9.48 -1.07
N TYR A 378 15.36 8.73 -1.79
CA TYR A 378 14.13 9.25 -2.35
C TYR A 378 12.92 8.91 -1.50
N MET A 379 13.15 8.21 -0.38
CA MET A 379 12.21 8.22 0.73
C MET A 379 11.77 9.63 1.05
N ILE A 380 12.61 10.63 0.80
CA ILE A 380 12.20 12.02 0.99
C ILE A 380 11.07 12.38 0.03
N PHE A 381 11.24 12.02 -1.25
CA PHE A 381 10.18 12.28 -2.22
C PHE A 381 8.90 11.59 -1.82
N PHE A 382 8.99 10.32 -1.41
CA PHE A 382 7.76 9.61 -1.04
C PHE A 382 7.13 10.15 0.24
N VAL A 383 7.94 10.62 1.18
CA VAL A 383 7.39 11.21 2.40
C VAL A 383 6.63 12.49 2.06
N VAL A 384 7.24 13.35 1.25
CA VAL A 384 6.55 14.58 0.86
C VAL A 384 5.27 14.24 0.10
N VAL A 385 5.36 13.31 -0.84
CA VAL A 385 4.19 12.97 -1.65
C VAL A 385 3.07 12.43 -0.78
N ILE A 386 3.36 11.44 0.07
CA ILE A 386 2.31 10.87 0.90
C ILE A 386 1.77 11.95 1.83
N PHE A 387 2.60 12.44 2.75
CA PHE A 387 2.14 13.29 3.83
C PHE A 387 1.72 14.68 3.38
N LEU A 388 1.81 15.02 2.10
CA LEU A 388 1.10 16.19 1.61
C LEU A 388 0.01 15.80 0.62
N GLY A 389 0.37 15.24 -0.53
CA GLY A 389 -0.60 14.92 -1.54
C GLY A 389 -1.62 13.92 -1.06
N SER A 390 -1.19 12.72 -0.69
CA SER A 390 -2.16 11.64 -0.46
C SER A 390 -3.08 12.00 0.70
N PHE A 391 -2.51 12.22 1.88
CA PHE A 391 -3.30 12.53 3.06
C PHE A 391 -4.10 13.82 2.89
N TYR A 392 -3.42 14.92 2.60
CA TYR A 392 -4.10 16.21 2.53
C TYR A 392 -5.21 16.19 1.49
N LEU A 393 -5.00 15.53 0.35
CA LEU A 393 -6.01 15.54 -0.70
C LEU A 393 -7.19 14.63 -0.37
N ILE A 394 -6.92 13.41 0.13
CA ILE A 394 -8.03 12.55 0.56
C ILE A 394 -8.89 13.29 1.60
N ASN A 395 -8.24 13.89 2.60
CA ASN A 395 -8.99 14.56 3.64
C ASN A 395 -9.57 15.90 3.21
N LEU A 396 -9.05 16.49 2.14
CA LEU A 396 -9.68 17.68 1.58
C LEU A 396 -10.95 17.30 0.82
N ILE A 397 -10.91 16.18 0.10
CA ILE A 397 -12.12 15.66 -0.52
C ILE A 397 -13.17 15.38 0.56
N LEU A 398 -12.74 14.76 1.65
CA LEU A 398 -13.66 14.51 2.77
C LEU A 398 -14.21 15.81 3.33
N ALA A 399 -13.34 16.81 3.55
CA ALA A 399 -13.77 18.08 4.11
C ALA A 399 -14.83 18.75 3.24
N VAL A 400 -14.59 18.79 1.92
CA VAL A 400 -15.53 19.50 1.06
C VAL A 400 -16.82 18.71 0.89
N VAL A 401 -16.73 17.38 0.82
CA VAL A 401 -17.94 16.57 0.74
C VAL A 401 -18.78 16.72 1.99
N ALA A 402 -18.13 16.68 3.17
CA ALA A 402 -18.84 16.85 4.43
C ALA A 402 -19.45 18.25 4.53
N MET A 403 -18.74 19.26 4.05
CA MET A 403 -19.29 20.62 4.10
C MET A 403 -20.55 20.73 3.26
N ALA A 404 -20.48 20.31 1.99
CA ALA A 404 -21.66 20.36 1.14
C ALA A 404 -22.79 19.52 1.72
N TYR A 405 -22.48 18.33 2.21
CA TYR A 405 -23.51 17.45 2.77
C TYR A 405 -24.19 18.11 3.96
N GLU A 406 -23.41 18.60 4.93
CA GLU A 406 -24.02 19.14 6.14
C GLU A 406 -24.75 20.44 5.86
N GLU A 407 -24.27 21.25 4.90
CA GLU A 407 -24.99 22.48 4.59
C GLU A 407 -26.33 22.17 3.95
N GLN A 408 -26.37 21.24 2.99
CA GLN A 408 -27.65 20.86 2.41
C GLN A 408 -28.52 20.14 3.43
N ASN A 409 -27.92 19.41 4.37
CA ASN A 409 -28.69 18.66 5.35
C ASN A 409 -29.39 19.59 6.34
N GLN A 410 -28.67 20.63 6.80
CA GLN A 410 -29.31 21.54 7.75
C GLN A 410 -30.26 22.49 7.02
N ALA A 411 -29.94 22.86 5.77
CA ALA A 411 -30.91 23.62 4.98
C ALA A 411 -32.17 22.80 4.73
N ASN A 412 -32.04 21.48 4.70
CA ASN A 412 -33.20 20.60 4.62
C ASN A 412 -33.98 20.61 5.93
N ILE A 413 -33.28 20.36 7.04
CA ILE A 413 -33.97 20.27 8.33
C ILE A 413 -34.67 21.59 8.66
N GLU A 414 -33.91 22.67 8.77
CA GLU A 414 -34.52 23.94 9.14
C GLU A 414 -34.95 24.72 7.89
N CYS A 715 -58.52 -26.39 33.39
CA CYS A 715 -57.65 -25.93 34.47
C CYS A 715 -57.39 -24.43 34.38
N SER A 716 -58.46 -23.65 34.21
CA SER A 716 -58.33 -22.21 34.16
C SER A 716 -57.82 -21.61 35.47
N PRO A 717 -58.36 -21.95 36.65
CA PRO A 717 -57.74 -21.45 37.88
C PRO A 717 -56.32 -21.94 38.06
N TYR A 718 -56.04 -23.20 37.71
CA TYR A 718 -54.67 -23.70 37.78
C TYR A 718 -53.77 -22.93 36.82
N TRP A 719 -54.28 -22.58 35.63
CA TRP A 719 -53.48 -21.84 34.67
C TRP A 719 -53.16 -20.43 35.18
N ILE A 720 -54.16 -19.74 35.75
CA ILE A 720 -53.86 -18.39 36.22
C ILE A 720 -53.00 -18.42 37.47
N LYS A 721 -53.08 -19.49 38.28
CA LYS A 721 -52.17 -19.62 39.40
C LYS A 721 -50.74 -19.85 38.92
N PHE A 722 -50.56 -20.73 37.93
CA PHE A 722 -49.27 -20.91 37.28
C PHE A 722 -48.74 -19.59 36.76
N LYS A 723 -49.61 -18.80 36.12
CA LYS A 723 -49.20 -17.52 35.54
C LYS A 723 -48.73 -16.57 36.62
N LYS A 724 -49.52 -16.41 37.69
CA LYS A 724 -49.12 -15.57 38.81
C LYS A 724 -47.77 -16.00 39.37
N CYS A 725 -47.61 -17.31 39.61
CA CYS A 725 -46.38 -17.80 40.22
C CYS A 725 -45.18 -17.51 39.34
N ILE A 726 -45.28 -17.82 38.04
CA ILE A 726 -44.11 -17.63 37.17
C ILE A 726 -43.81 -16.15 36.97
N TYR A 727 -44.84 -15.31 36.82
CA TYR A 727 -44.59 -13.88 36.63
C TYR A 727 -44.03 -13.24 37.89
N PHE A 728 -44.31 -13.82 39.07
CA PHE A 728 -43.68 -13.31 40.27
C PHE A 728 -42.25 -13.81 40.42
N ILE A 729 -41.99 -15.07 40.04
CA ILE A 729 -40.64 -15.61 40.25
C ILE A 729 -39.67 -15.15 39.15
N VAL A 730 -40.17 -14.65 38.01
CA VAL A 730 -39.22 -14.07 37.05
C VAL A 730 -38.58 -12.80 37.60
N MET A 731 -39.11 -12.24 38.70
CA MET A 731 -38.47 -11.20 39.49
C MET A 731 -37.71 -10.18 38.64
N ASP A 732 -38.45 -9.38 37.87
CA ASP A 732 -37.91 -8.53 36.81
C ASP A 732 -36.56 -7.88 37.09
N PRO A 733 -36.31 -7.22 38.23
CA PRO A 733 -35.07 -6.44 38.36
C PRO A 733 -33.81 -7.26 38.58
N PHE A 734 -33.89 -8.58 38.71
CA PHE A 734 -32.69 -9.38 38.98
C PHE A 734 -32.46 -10.49 37.97
N VAL A 735 -33.52 -11.14 37.49
CA VAL A 735 -33.36 -12.14 36.44
C VAL A 735 -32.79 -11.49 35.18
N ASP A 736 -33.01 -10.19 34.99
CA ASP A 736 -32.36 -9.47 33.90
C ASP A 736 -30.84 -9.61 33.99
N LEU A 737 -30.25 -9.19 35.11
CA LEU A 737 -28.80 -9.30 35.27
C LEU A 737 -28.35 -10.75 35.29
N ALA A 738 -29.18 -11.66 35.79
CA ALA A 738 -28.84 -13.08 35.77
C ALA A 738 -28.64 -13.57 34.34
N ILE A 739 -29.65 -13.39 33.49
CA ILE A 739 -29.48 -13.87 32.12
C ILE A 739 -28.49 -13.00 31.36
N THR A 740 -28.22 -11.77 31.81
CA THR A 740 -27.18 -10.97 31.17
C THR A 740 -25.80 -11.57 31.39
N ILE A 741 -25.49 -11.94 32.64
CA ILE A 741 -24.19 -12.56 32.86
C ILE A 741 -24.16 -13.95 32.21
N CYS A 742 -25.31 -14.62 32.11
CA CYS A 742 -25.34 -15.86 31.33
C CYS A 742 -24.99 -15.60 29.86
N ILE A 743 -25.52 -14.53 29.27
CA ILE A 743 -25.20 -14.20 27.88
C ILE A 743 -23.71 -13.92 27.73
N VAL A 744 -23.14 -13.19 28.69
CA VAL A 744 -21.72 -12.82 28.57
C VAL A 744 -20.84 -14.07 28.70
N LEU A 745 -21.17 -14.96 29.63
CA LEU A 745 -20.43 -16.20 29.73
C LEU A 745 -20.64 -17.08 28.51
N ASN A 746 -21.82 -17.05 27.89
CA ASN A 746 -22.03 -17.84 26.68
C ASN A 746 -21.22 -17.29 25.51
N THR A 747 -21.16 -15.96 25.39
CA THR A 747 -20.25 -15.33 24.44
C THR A 747 -18.83 -15.83 24.62
N LEU A 748 -18.28 -15.65 25.83
CA LEU A 748 -16.91 -16.05 26.09
C LEU A 748 -16.71 -17.56 26.11
N PHE A 749 -17.79 -18.34 26.14
CA PHE A 749 -17.70 -19.79 26.05
C PHE A 749 -17.69 -20.28 24.62
N MET A 750 -18.44 -19.62 23.73
CA MET A 750 -18.31 -19.91 22.31
C MET A 750 -16.98 -19.40 21.77
N ALA A 751 -16.45 -18.32 22.34
CA ALA A 751 -15.20 -17.76 21.84
C ALA A 751 -13.99 -18.67 22.05
N MET A 752 -14.08 -19.67 22.92
CA MET A 752 -12.95 -20.59 23.11
C MET A 752 -13.15 -21.87 22.29
N GLU A 753 -13.32 -21.69 20.99
CA GLU A 753 -13.35 -22.80 20.05
C GLU A 753 -12.30 -22.57 18.98
N HIS A 754 -11.52 -23.58 18.70
CA HIS A 754 -10.45 -23.46 17.75
C HIS A 754 -10.28 -24.75 17.00
N HIS A 755 -9.49 -24.73 15.95
CA HIS A 755 -9.27 -25.95 15.19
C HIS A 755 -8.44 -26.97 15.94
N PRO A 756 -7.29 -26.64 16.56
CA PRO A 756 -6.60 -27.65 17.37
C PRO A 756 -7.31 -27.82 18.70
N MET A 757 -8.07 -28.90 18.84
CA MET A 757 -8.97 -29.07 19.96
C MET A 757 -8.94 -30.51 20.45
N THR A 758 -8.84 -30.67 21.76
CA THR A 758 -9.06 -31.98 22.36
C THR A 758 -10.55 -32.29 22.41
N GLU A 759 -10.88 -33.57 22.37
CA GLU A 759 -12.27 -33.97 22.44
C GLU A 759 -12.89 -33.55 23.77
N GLU A 760 -12.07 -33.43 24.81
CA GLU A 760 -12.56 -32.94 26.09
C GLU A 760 -13.02 -31.49 25.98
N PHE A 761 -12.19 -30.63 25.39
CA PHE A 761 -12.62 -29.25 25.17
C PHE A 761 -13.85 -29.21 24.27
N LYS A 762 -13.91 -30.12 23.28
CA LYS A 762 -15.03 -30.12 22.35
C LYS A 762 -16.34 -30.43 23.05
N ASN A 763 -16.39 -31.51 23.84
CA ASN A 763 -17.65 -31.86 24.48
C ASN A 763 -17.95 -30.90 25.64
N VAL A 764 -16.93 -30.29 26.25
CA VAL A 764 -17.19 -29.25 27.24
C VAL A 764 -17.91 -28.07 26.59
N LEU A 765 -17.41 -27.61 25.44
CA LEU A 765 -18.08 -26.54 24.72
C LEU A 765 -19.52 -26.93 24.38
N ALA A 766 -19.70 -28.17 23.89
CA ALA A 766 -21.03 -28.60 23.48
C ALA A 766 -22.01 -28.60 24.65
N ILE A 767 -21.59 -29.15 25.79
CA ILE A 767 -22.48 -29.23 26.94
C ILE A 767 -22.76 -27.84 27.50
N GLY A 768 -21.76 -26.96 27.53
CA GLY A 768 -22.01 -25.60 27.99
C GLY A 768 -22.99 -24.87 27.10
N ASN A 769 -22.87 -25.06 25.78
CA ASN A 769 -23.78 -24.38 24.86
C ASN A 769 -25.21 -24.90 25.01
N LEU A 770 -25.38 -26.22 25.11
CA LEU A 770 -26.74 -26.74 25.25
C LEU A 770 -27.34 -26.37 26.59
N VAL A 771 -26.53 -26.29 27.65
CA VAL A 771 -27.04 -25.85 28.95
C VAL A 771 -27.50 -24.41 28.87
N PHE A 772 -26.70 -23.54 28.25
CA PHE A 772 -27.07 -22.13 28.14
C PHE A 772 -28.35 -21.97 27.31
N THR A 773 -28.47 -22.73 26.22
CA THR A 773 -29.67 -22.56 25.41
C THR A 773 -30.90 -23.14 26.08
N GLY A 774 -30.74 -24.19 26.88
CA GLY A 774 -31.86 -24.66 27.67
C GLY A 774 -32.32 -23.63 28.68
N ILE A 775 -31.37 -22.97 29.35
CA ILE A 775 -31.70 -21.88 30.27
C ILE A 775 -32.46 -20.78 29.54
N PHE A 776 -31.97 -20.38 28.37
CA PHE A 776 -32.60 -19.31 27.60
C PHE A 776 -34.03 -19.68 27.22
N ALA A 777 -34.20 -20.89 26.68
CA ALA A 777 -35.53 -21.34 26.27
C ALA A 777 -36.49 -21.36 27.46
N ALA A 778 -36.05 -21.93 28.57
CA ALA A 778 -36.89 -21.99 29.76
C ALA A 778 -37.36 -20.58 30.14
N GLU A 779 -36.42 -19.65 30.28
CA GLU A 779 -36.78 -18.31 30.74
C GLU A 779 -37.70 -17.61 29.74
N MET A 780 -37.42 -17.76 28.45
CA MET A 780 -38.20 -17.03 27.45
C MET A 780 -39.63 -17.55 27.39
N VAL A 781 -39.81 -18.88 27.41
CA VAL A 781 -41.16 -19.42 27.37
C VAL A 781 -41.90 -19.08 28.67
N LEU A 782 -41.20 -19.16 29.80
CA LEU A 782 -41.80 -18.78 31.07
C LEU A 782 -42.40 -17.38 30.99
N LYS A 783 -41.59 -16.40 30.62
CA LYS A 783 -42.14 -15.05 30.64
C LYS A 783 -43.12 -14.83 29.49
N LEU A 784 -43.00 -15.57 28.39
CA LEU A 784 -44.01 -15.46 27.33
C LEU A 784 -45.40 -15.82 27.84
N ILE A 785 -45.54 -17.01 28.43
CA ILE A 785 -46.87 -17.35 28.94
C ILE A 785 -47.16 -16.75 30.30
N ALA A 786 -46.21 -16.01 30.88
CA ALA A 786 -46.53 -15.16 32.03
C ALA A 786 -47.19 -13.85 31.59
N MET A 787 -46.57 -13.13 30.66
CA MET A 787 -47.06 -11.82 30.21
C MET A 787 -47.64 -11.89 28.80
N ASP A 788 -48.38 -12.97 28.51
CA ASP A 788 -49.42 -12.85 27.49
C ASP A 788 -48.85 -12.77 26.08
N PRO A 789 -48.58 -13.94 25.45
CA PRO A 789 -47.94 -13.99 24.14
C PRO A 789 -48.25 -12.85 23.17
N TYR A 790 -49.48 -12.32 23.17
CA TYR A 790 -49.74 -11.11 22.38
C TYR A 790 -48.90 -9.94 22.90
N GLU A 791 -48.96 -9.67 24.20
CA GLU A 791 -48.13 -8.62 24.79
C GLU A 791 -46.64 -8.91 24.60
N TYR A 792 -46.27 -10.19 24.62
CA TYR A 792 -44.88 -10.57 24.36
C TYR A 792 -44.46 -10.17 22.95
N PHE A 793 -45.11 -10.73 21.94
CA PHE A 793 -44.83 -10.41 20.55
C PHE A 793 -45.00 -8.94 20.23
N GLN A 794 -45.63 -8.17 21.13
CA GLN A 794 -45.71 -6.72 20.93
C GLN A 794 -44.32 -6.08 20.80
N VAL A 795 -43.31 -6.64 21.46
CA VAL A 795 -42.05 -5.95 21.68
C VAL A 795 -40.95 -6.55 20.83
N GLY A 796 -40.06 -5.67 20.33
CA GLY A 796 -39.00 -6.11 19.45
C GLY A 796 -38.01 -7.05 20.12
N TRP A 797 -37.61 -6.74 21.35
CA TRP A 797 -36.65 -7.60 22.02
C TRP A 797 -37.27 -8.95 22.37
N ASN A 798 -38.55 -8.95 22.72
CA ASN A 798 -39.23 -10.21 22.98
C ASN A 798 -39.28 -11.08 21.72
N ILE A 799 -39.63 -10.47 20.58
CA ILE A 799 -39.66 -11.28 19.35
C ILE A 799 -38.26 -11.70 18.93
N PHE A 800 -37.24 -10.87 19.21
CA PHE A 800 -35.87 -11.24 18.91
C PHE A 800 -35.44 -12.46 19.72
N ASP A 801 -35.75 -12.45 21.02
CA ASP A 801 -35.43 -13.60 21.85
C ASP A 801 -36.20 -14.83 21.41
N SER A 802 -37.45 -14.67 20.97
CA SER A 802 -38.21 -15.79 20.42
C SER A 802 -37.50 -16.38 19.21
N LEU A 803 -37.11 -15.52 18.27
CA LEU A 803 -36.39 -15.98 17.09
C LEU A 803 -35.10 -16.69 17.46
N ILE A 804 -34.36 -16.15 18.43
CA ILE A 804 -33.09 -16.73 18.83
C ILE A 804 -33.29 -18.11 19.44
N VAL A 805 -34.30 -18.25 20.31
CA VAL A 805 -34.56 -19.56 20.90
C VAL A 805 -35.03 -20.55 19.85
N THR A 806 -35.79 -20.12 18.84
CA THR A 806 -36.17 -21.04 17.78
C THR A 806 -34.96 -21.51 16.97
N LEU A 807 -34.09 -20.58 16.59
CA LEU A 807 -32.89 -20.95 15.86
C LEU A 807 -31.94 -21.78 16.71
N SER A 808 -32.03 -21.65 18.03
CA SER A 808 -31.24 -22.50 18.91
C SER A 808 -31.80 -23.92 18.95
N LEU A 809 -33.11 -24.05 19.21
CA LEU A 809 -33.75 -25.35 19.28
C LEU A 809 -33.81 -26.08 17.95
N VAL A 810 -33.60 -25.38 16.83
CA VAL A 810 -33.42 -26.08 15.57
C VAL A 810 -32.15 -26.94 15.58
N GLU A 811 -31.30 -26.77 16.60
CA GLU A 811 -30.15 -27.62 16.83
C GLU A 811 -30.43 -28.70 17.87
N LEU A 812 -31.69 -29.16 17.95
CA LEU A 812 -32.05 -30.19 18.91
C LEU A 812 -31.44 -31.52 18.54
N PHE A 813 -31.81 -32.05 17.36
CA PHE A 813 -31.24 -33.29 16.86
C PHE A 813 -30.95 -33.19 15.36
N LEU A 814 -30.81 -31.99 14.82
CA LEU A 814 -30.63 -31.78 13.39
C LEU A 814 -29.36 -32.46 12.89
N LEU A 820 -22.44 -28.85 9.49
CA LEU A 820 -22.45 -27.53 8.87
C LEU A 820 -22.47 -26.47 9.98
N SER A 821 -21.66 -25.43 9.84
CA SER A 821 -21.45 -24.49 10.93
C SER A 821 -22.34 -23.25 10.83
N VAL A 822 -22.89 -22.94 9.65
CA VAL A 822 -23.85 -21.85 9.55
C VAL A 822 -25.12 -22.18 10.30
N LEU A 823 -25.33 -23.46 10.62
CA LEU A 823 -26.44 -23.86 11.49
C LEU A 823 -26.28 -23.26 12.88
N ARG A 824 -25.10 -23.43 13.48
CA ARG A 824 -24.87 -22.99 14.84
C ARG A 824 -24.42 -21.53 14.93
N SER A 825 -23.79 -20.99 13.90
CA SER A 825 -23.19 -19.66 14.01
C SER A 825 -24.21 -18.53 13.96
N PHE A 826 -25.50 -18.84 14.05
CA PHE A 826 -26.52 -17.81 14.21
C PHE A 826 -26.95 -17.65 15.66
N ARG A 827 -26.29 -18.36 16.58
CA ARG A 827 -26.40 -18.06 18.00
C ARG A 827 -25.66 -16.78 18.36
N LEU A 828 -24.68 -16.38 17.54
CA LEU A 828 -23.80 -15.28 17.89
C LEU A 828 -24.56 -14.01 18.24
N LEU A 829 -25.60 -13.66 17.48
CA LEU A 829 -26.19 -12.34 17.64
C LEU A 829 -27.03 -12.21 18.90
N ARG A 830 -27.01 -13.21 19.79
CA ARG A 830 -27.46 -12.99 21.16
C ARG A 830 -26.83 -11.72 21.73
N VAL A 831 -25.53 -11.53 21.47
CA VAL A 831 -24.75 -10.44 22.06
C VAL A 831 -25.44 -9.09 21.91
N PHE A 832 -26.24 -8.90 20.86
CA PHE A 832 -26.94 -7.63 20.73
C PHE A 832 -27.98 -7.43 21.82
N LYS A 833 -28.40 -8.50 22.50
CA LYS A 833 -29.29 -8.36 23.65
C LYS A 833 -28.74 -7.37 24.66
N LEU A 834 -27.43 -7.20 24.70
CA LEU A 834 -26.78 -6.25 25.60
C LEU A 834 -27.03 -4.80 25.20
N ALA A 835 -27.65 -4.54 24.05
CA ALA A 835 -27.85 -3.17 23.62
C ALA A 835 -28.87 -2.44 24.49
N LYS A 836 -29.77 -3.18 25.14
CA LYS A 836 -30.76 -2.55 26.01
C LYS A 836 -30.13 -1.99 27.28
N SER A 837 -29.00 -2.56 27.72
CA SER A 837 -28.27 -2.05 28.86
C SER A 837 -27.05 -1.21 28.48
N TRP A 838 -26.61 -1.30 27.23
CA TRP A 838 -25.38 -0.68 26.78
C TRP A 838 -25.69 0.57 25.98
N PRO A 839 -25.36 1.77 26.46
CA PRO A 839 -25.67 2.98 25.67
C PRO A 839 -24.80 3.15 24.43
N THR A 840 -23.53 2.77 24.50
CA THR A 840 -22.69 2.83 23.30
C THR A 840 -23.15 1.80 22.27
N LEU A 841 -23.54 0.60 22.72
CA LEU A 841 -24.17 -0.33 21.79
C LEU A 841 -25.52 0.17 21.32
N ASN A 842 -26.21 1.01 22.10
CA ASN A 842 -27.42 1.64 21.63
C ASN A 842 -27.12 2.58 20.47
N MET A 843 -26.06 3.37 20.58
CA MET A 843 -25.65 4.23 19.47
C MET A 843 -25.30 3.40 18.24
N LEU A 844 -24.62 2.27 18.45
CA LEU A 844 -24.25 1.42 17.31
C LEU A 844 -25.49 0.80 16.66
N ILE A 845 -26.43 0.30 17.47
CA ILE A 845 -27.70 -0.19 16.94
C ILE A 845 -28.44 0.92 16.20
N LYS A 846 -28.42 2.13 16.76
CA LYS A 846 -29.06 3.26 16.12
C LYS A 846 -28.52 3.47 14.73
N ILE A 847 -27.20 3.52 14.57
CA ILE A 847 -26.63 3.82 13.26
C ILE A 847 -26.81 2.65 12.30
N ILE A 848 -26.69 1.42 12.79
CA ILE A 848 -26.85 0.27 11.90
C ILE A 848 -28.28 0.17 11.40
N GLY A 849 -29.27 0.47 12.24
CA GLY A 849 -30.64 0.50 11.79
C GLY A 849 -30.95 1.71 10.93
N ASN A 850 -30.31 2.85 11.23
CA ASN A 850 -30.50 4.04 10.42
C ASN A 850 -30.06 3.81 8.98
N SER A 851 -28.99 3.03 8.80
CA SER A 851 -28.52 2.70 7.45
C SER A 851 -29.59 2.04 6.59
N VAL A 852 -30.36 1.11 7.16
CA VAL A 852 -31.45 0.46 6.43
C VAL A 852 -32.75 1.26 6.53
N GLY A 853 -32.77 2.29 7.36
CA GLY A 853 -33.94 3.13 7.53
C GLY A 853 -33.83 4.42 6.73
N ALA A 854 -33.33 5.46 7.39
CA ALA A 854 -33.40 6.80 6.80
C ALA A 854 -32.53 6.93 5.57
N LEU A 855 -31.32 6.36 5.60
CA LEU A 855 -30.46 6.33 4.43
C LEU A 855 -30.35 4.94 3.83
N GLY A 856 -31.40 4.14 3.98
CA GLY A 856 -31.62 3.06 3.05
C GLY A 856 -31.57 3.54 1.62
N ASN A 857 -31.98 4.79 1.38
CA ASN A 857 -31.83 5.37 0.05
C ASN A 857 -30.37 5.41 -0.39
N LEU A 858 -29.47 5.81 0.52
CA LEU A 858 -28.06 5.89 0.13
C LEU A 858 -27.45 4.51 -0.03
N THR A 859 -27.79 3.57 0.85
CA THR A 859 -27.26 2.22 0.66
C THR A 859 -27.83 1.58 -0.60
N LEU A 860 -29.06 1.93 -0.99
CA LEU A 860 -29.63 1.42 -2.22
C LEU A 860 -28.98 2.05 -3.44
N VAL A 861 -28.68 3.35 -3.38
CA VAL A 861 -27.98 3.99 -4.49
C VAL A 861 -26.60 3.39 -4.66
N LEU A 862 -25.90 3.11 -3.55
CA LEU A 862 -24.61 2.44 -3.64
C LEU A 862 -24.75 1.05 -4.24
N ALA A 863 -25.76 0.30 -3.83
CA ALA A 863 -25.96 -1.04 -4.37
C ALA A 863 -26.26 -0.99 -5.86
N ILE A 864 -27.05 -0.01 -6.29
CA ILE A 864 -27.42 0.11 -7.69
C ILE A 864 -26.21 0.52 -8.52
N ILE A 865 -25.41 1.45 -8.02
CA ILE A 865 -24.20 1.85 -8.74
C ILE A 865 -23.23 0.68 -8.85
N VAL A 866 -23.06 -0.08 -7.77
CA VAL A 866 -22.14 -1.21 -7.81
C VAL A 866 -22.65 -2.26 -8.79
N PHE A 867 -23.96 -2.53 -8.79
CA PHE A 867 -24.52 -3.47 -9.75
C PHE A 867 -24.29 -3.01 -11.18
N ILE A 868 -24.56 -1.73 -11.45
CA ILE A 868 -24.45 -1.21 -12.81
C ILE A 868 -23.01 -1.29 -13.29
N PHE A 869 -22.06 -0.93 -12.42
CA PHE A 869 -20.67 -1.00 -12.85
C PHE A 869 -20.19 -2.44 -12.98
N ALA A 870 -20.67 -3.34 -12.13
CA ALA A 870 -20.35 -4.74 -12.29
C ALA A 870 -20.79 -5.26 -13.64
N VAL A 871 -22.04 -5.00 -14.00
CA VAL A 871 -22.55 -5.55 -15.25
C VAL A 871 -21.97 -4.83 -16.46
N VAL A 872 -21.69 -3.53 -16.36
CA VAL A 872 -21.02 -2.83 -17.46
C VAL A 872 -19.63 -3.41 -17.69
N GLY A 873 -18.84 -3.55 -16.62
CA GLY A 873 -17.53 -4.15 -16.74
C GLY A 873 -17.60 -5.56 -17.29
N MET A 874 -18.59 -6.33 -16.86
CA MET A 874 -18.72 -7.69 -17.38
C MET A 874 -18.96 -7.65 -18.88
N GLN A 875 -20.04 -6.98 -19.31
CA GLN A 875 -20.38 -6.92 -20.73
C GLN A 875 -19.21 -6.42 -21.57
N LEU A 876 -18.39 -5.52 -21.03
CA LEU A 876 -17.27 -5.00 -21.80
C LEU A 876 -16.10 -5.98 -21.86
N PHE A 877 -15.66 -6.51 -20.72
CA PHE A 877 -14.35 -7.14 -20.64
C PHE A 877 -14.37 -8.65 -20.41
N GLY A 878 -15.52 -9.27 -20.13
CA GLY A 878 -15.51 -10.67 -19.77
C GLY A 878 -15.23 -11.56 -20.96
N LYS A 879 -15.54 -11.09 -22.16
CA LYS A 879 -15.18 -11.84 -23.35
C LYS A 879 -13.67 -11.84 -23.57
N SER A 880 -13.02 -10.68 -23.40
CA SER A 880 -11.57 -10.61 -23.60
C SER A 880 -10.82 -11.44 -22.56
N TYR A 881 -11.24 -11.35 -21.30
CA TYR A 881 -10.61 -12.15 -20.25
C TYR A 881 -10.54 -13.61 -20.66
N LYS A 882 -11.63 -14.15 -21.20
CA LYS A 882 -11.63 -15.53 -21.65
C LYS A 882 -10.93 -15.70 -23.00
N GLU A 883 -10.96 -14.65 -23.85
CA GLU A 883 -10.36 -14.76 -25.17
C GLU A 883 -8.89 -15.10 -25.08
N CYS A 884 -8.13 -14.36 -24.26
CA CYS A 884 -6.91 -14.97 -23.71
C CYS A 884 -6.45 -14.23 -22.45
N VAL A 885 -6.75 -14.83 -21.30
CA VAL A 885 -5.96 -14.66 -20.10
C VAL A 885 -4.46 -14.89 -20.32
N CYS A 886 -4.08 -15.64 -21.36
CA CYS A 886 -2.68 -16.01 -21.52
C CYS A 886 -1.75 -14.81 -21.57
N LYS A 887 -2.28 -13.59 -21.62
CA LYS A 887 -1.49 -12.39 -21.42
C LYS A 887 -1.19 -12.15 -19.94
N ILE A 888 -2.22 -12.21 -19.10
CA ILE A 888 -2.09 -11.88 -17.69
C ILE A 888 -1.92 -13.12 -16.82
N ASN A 889 -1.72 -14.27 -17.45
CA ASN A 889 -1.51 -15.52 -16.75
C ASN A 889 -0.62 -16.40 -17.60
N ASP A 890 0.15 -17.27 -16.94
CA ASP A 890 0.96 -18.25 -17.66
C ASP A 890 0.36 -19.64 -17.62
N ASP A 891 -0.52 -19.90 -16.65
CA ASP A 891 -1.30 -21.13 -16.65
C ASP A 891 -2.49 -21.04 -17.60
N CYS A 892 -2.73 -19.88 -18.20
CA CYS A 892 -3.82 -19.67 -19.16
C CYS A 892 -5.16 -20.03 -18.54
N THR A 893 -5.34 -19.68 -17.28
CA THR A 893 -6.63 -19.73 -16.60
C THR A 893 -6.98 -18.33 -16.13
N LEU A 894 -8.23 -18.16 -15.71
CA LEU A 894 -8.68 -16.86 -15.26
C LEU A 894 -7.89 -16.43 -14.03
N PRO A 895 -7.60 -15.14 -13.88
CA PRO A 895 -6.96 -14.68 -12.65
C PRO A 895 -7.93 -14.75 -11.47
N ARG A 896 -7.49 -14.31 -10.30
CA ARG A 896 -8.40 -14.29 -9.16
C ARG A 896 -9.50 -13.24 -9.36
N TRP A 897 -9.14 -12.07 -9.85
CA TRP A 897 -10.06 -10.94 -9.96
C TRP A 897 -10.28 -10.65 -11.46
N HIS A 898 -11.30 -11.30 -12.02
CA HIS A 898 -11.62 -11.19 -13.43
C HIS A 898 -13.06 -10.73 -13.60
N MET A 899 -13.34 -10.04 -14.70
CA MET A 899 -14.67 -9.50 -14.98
C MET A 899 -15.47 -10.40 -15.90
N ASN A 900 -15.29 -11.72 -15.80
CA ASN A 900 -15.93 -12.66 -16.70
C ASN A 900 -17.30 -13.11 -16.22
N ASP A 901 -17.52 -13.16 -14.91
CA ASP A 901 -18.82 -13.48 -14.35
C ASP A 901 -19.37 -12.25 -13.63
N PHE A 902 -20.67 -12.26 -13.34
CA PHE A 902 -21.24 -11.14 -12.61
C PHE A 902 -20.73 -11.09 -11.18
N PHE A 903 -20.62 -12.25 -10.53
CA PHE A 903 -20.11 -12.27 -9.16
C PHE A 903 -18.72 -11.67 -9.08
N HIS A 904 -17.85 -12.02 -10.03
CA HIS A 904 -16.48 -11.54 -10.00
C HIS A 904 -16.37 -10.09 -10.47
N SER A 905 -17.23 -9.66 -11.40
CA SER A 905 -17.32 -8.25 -11.70
C SER A 905 -17.72 -7.45 -10.47
N PHE A 906 -18.69 -7.95 -9.71
CA PHE A 906 -19.08 -7.27 -8.47
C PHE A 906 -17.94 -7.27 -7.46
N LEU A 907 -17.21 -8.37 -7.36
CA LEU A 907 -16.05 -8.42 -6.47
C LEU A 907 -15.02 -7.37 -6.87
N ILE A 908 -14.76 -7.22 -8.16
CA ILE A 908 -13.82 -6.20 -8.62
C ILE A 908 -14.33 -4.81 -8.28
N VAL A 909 -15.63 -4.57 -8.45
CA VAL A 909 -16.14 -3.24 -8.13
C VAL A 909 -16.06 -2.98 -6.63
N PHE A 910 -16.28 -4.00 -5.82
CA PHE A 910 -16.12 -3.87 -4.38
C PHE A 910 -14.67 -3.57 -4.01
N ARG A 911 -13.74 -4.31 -4.63
CA ARG A 911 -12.31 -4.13 -4.37
C ARG A 911 -11.78 -2.82 -4.93
N VAL A 912 -12.51 -2.18 -5.85
CA VAL A 912 -12.19 -0.82 -6.25
C VAL A 912 -12.86 0.22 -5.36
N LEU A 913 -13.99 -0.13 -4.73
CA LEU A 913 -14.55 0.74 -3.70
C LEU A 913 -13.62 0.83 -2.51
N CYS A 914 -13.16 -0.30 -2.00
CA CYS A 914 -11.90 -0.33 -1.29
C CYS A 914 -10.79 0.11 -2.24
N GLY A 915 -9.79 0.82 -1.72
CA GLY A 915 -8.85 1.41 -2.66
C GLY A 915 -7.80 0.46 -3.21
N GLU A 916 -8.20 -0.49 -4.07
CA GLU A 916 -7.26 -1.43 -4.67
C GLU A 916 -7.54 -1.65 -6.16
N TRP A 917 -7.62 -0.56 -6.91
CA TRP A 917 -8.00 -0.65 -8.31
C TRP A 917 -6.86 -1.10 -9.23
N ILE A 918 -5.61 -0.82 -8.87
CA ILE A 918 -4.53 -0.84 -9.85
C ILE A 918 -4.09 -2.25 -10.21
N GLU A 919 -4.04 -3.17 -9.23
CA GLU A 919 -3.55 -4.51 -9.53
C GLU A 919 -4.47 -5.25 -10.48
N THR A 920 -5.77 -4.93 -10.47
CA THR A 920 -6.71 -5.49 -11.42
C THR A 920 -6.82 -4.66 -12.68
N MET A 921 -6.56 -3.35 -12.61
CA MET A 921 -6.54 -2.54 -13.81
C MET A 921 -5.40 -2.95 -14.73
N TRP A 922 -4.25 -3.34 -14.18
CA TRP A 922 -3.16 -3.79 -15.03
C TRP A 922 -3.58 -4.99 -15.87
N ASP A 923 -4.16 -6.00 -15.22
CA ASP A 923 -4.59 -7.19 -15.94
C ASP A 923 -5.67 -6.86 -16.96
N CYS A 924 -6.63 -6.02 -16.58
CA CYS A 924 -7.71 -5.72 -17.50
C CYS A 924 -7.20 -4.90 -18.68
N MET A 925 -6.24 -3.99 -18.44
CA MET A 925 -5.65 -3.23 -19.52
C MET A 925 -4.97 -4.17 -20.51
N GLU A 926 -4.11 -5.04 -20.00
CA GLU A 926 -3.41 -5.99 -20.87
C GLU A 926 -4.39 -6.81 -21.70
N VAL A 927 -5.50 -7.24 -21.11
CA VAL A 927 -6.37 -8.13 -21.89
C VAL A 927 -7.31 -7.36 -22.81
N ALA A 928 -7.72 -6.14 -22.45
CA ALA A 928 -8.83 -5.53 -23.18
C ALA A 928 -8.67 -4.03 -23.39
N GLY A 929 -7.44 -3.54 -23.58
CA GLY A 929 -7.32 -2.17 -24.04
C GLY A 929 -7.32 -1.11 -22.96
N GLN A 930 -6.26 -0.29 -22.98
CA GLN A 930 -6.06 0.71 -21.94
C GLN A 930 -7.16 1.75 -21.94
N ALA A 931 -7.64 2.13 -23.12
CA ALA A 931 -8.67 3.17 -23.18
C ALA A 931 -9.91 2.75 -22.39
N MET A 932 -10.50 1.61 -22.76
CA MET A 932 -11.71 1.17 -22.07
C MET A 932 -11.44 0.86 -20.61
N CYS A 933 -10.28 0.29 -20.28
CA CYS A 933 -10.05 -0.07 -18.89
C CYS A 933 -9.86 1.15 -18.01
N LEU A 934 -9.11 2.15 -18.49
CA LEU A 934 -8.98 3.39 -17.74
C LEU A 934 -10.34 4.06 -17.59
N ILE A 935 -11.13 4.11 -18.66
CA ILE A 935 -12.44 4.74 -18.57
C ILE A 935 -13.27 4.08 -17.47
N VAL A 936 -13.40 2.75 -17.53
CA VAL A 936 -14.28 2.05 -16.60
C VAL A 936 -13.76 2.14 -15.18
N TYR A 937 -12.46 1.92 -14.97
CA TYR A 937 -11.94 1.89 -13.62
C TYR A 937 -11.90 3.30 -13.01
N MET A 938 -11.63 4.33 -13.82
CA MET A 938 -11.67 5.68 -13.30
C MET A 938 -13.08 6.08 -12.93
N MET A 939 -14.07 5.68 -13.73
CA MET A 939 -15.45 5.97 -13.35
C MET A 939 -15.81 5.27 -12.04
N VAL A 940 -15.53 3.97 -11.95
CA VAL A 940 -15.79 3.23 -10.71
C VAL A 940 -15.13 3.93 -9.54
N MET A 941 -13.82 4.15 -9.63
CA MET A 941 -13.06 4.71 -8.52
C MET A 941 -13.61 6.07 -8.10
N VAL A 942 -13.75 7.00 -9.03
CA VAL A 942 -14.22 8.33 -8.63
C VAL A 942 -15.60 8.22 -8.00
N ILE A 943 -16.58 7.66 -8.73
CA ILE A 943 -17.96 7.73 -8.28
C ILE A 943 -18.15 6.96 -6.97
N GLY A 944 -17.46 5.84 -6.79
CA GLY A 944 -17.52 5.20 -5.50
C GLY A 944 -16.77 5.96 -4.44
N ASN A 945 -15.44 5.93 -4.48
CA ASN A 945 -14.66 6.40 -3.34
C ASN A 945 -14.82 7.91 -3.13
N LEU A 946 -14.51 8.71 -4.16
CA LEU A 946 -14.36 10.13 -3.92
C LEU A 946 -15.71 10.82 -3.81
N VAL A 947 -16.80 10.08 -3.99
CA VAL A 947 -18.16 10.64 -3.96
C VAL A 947 -19.04 9.95 -2.92
N VAL A 948 -19.33 8.65 -3.12
CA VAL A 948 -20.38 8.01 -2.34
C VAL A 948 -19.84 7.51 -1.02
N LEU A 949 -18.80 6.67 -1.06
CA LEU A 949 -18.20 6.16 0.18
C LEU A 949 -17.60 7.26 1.04
N ASN A 950 -17.50 8.48 0.52
CA ASN A 950 -17.22 9.65 1.33
C ASN A 950 -18.48 10.23 1.94
N LEU A 951 -19.62 10.05 1.28
CA LEU A 951 -20.90 10.53 1.81
C LEU A 951 -21.26 9.79 3.09
N PHE A 952 -20.98 8.48 3.15
CA PHE A 952 -21.26 7.71 4.35
C PHE A 952 -20.46 8.20 5.55
N LEU A 953 -19.17 8.44 5.35
CA LEU A 953 -18.35 8.90 6.45
C LEU A 953 -18.72 10.33 6.84
N ALA A 954 -19.01 11.18 5.86
CA ALA A 954 -19.48 12.53 6.18
C ALA A 954 -20.80 12.49 6.91
N LEU A 955 -21.63 11.48 6.61
CA LEU A 955 -22.92 11.33 7.27
C LEU A 955 -22.75 10.91 8.72
N LEU A 956 -21.88 9.93 8.97
CA LEU A 956 -21.58 9.54 10.35
C LEU A 956 -20.96 10.69 11.11
N LEU A 957 -20.09 11.46 10.46
CA LEU A 957 -19.49 12.64 11.07
C LEU A 957 -20.55 13.64 11.50
N SER A 958 -21.49 13.96 10.61
CA SER A 958 -22.53 14.92 10.93
C SER A 958 -23.47 14.38 12.01
N SER A 959 -23.80 13.08 11.96
CA SER A 959 -24.69 12.50 12.96
C SER A 959 -24.06 12.52 14.34
N PHE A 960 -22.75 12.29 14.43
CA PHE A 960 -22.10 12.31 15.73
C PHE A 960 -21.80 13.73 16.19
N SER A 961 -21.68 14.66 15.25
CA SER A 961 -21.72 16.07 15.63
C SER A 961 -23.04 16.39 16.31
N SER A 962 -24.15 16.08 15.65
CA SER A 962 -25.48 16.16 16.25
C SER A 962 -26.50 15.40 15.39
N GLY A 1164 18.15 27.64 62.46
CA GLY A 1164 18.98 27.32 61.30
C GLY A 1164 18.17 27.12 60.04
N LYS A 1165 17.61 25.92 59.90
CA LYS A 1165 16.78 25.56 58.74
C LYS A 1165 17.53 25.78 57.43
N ILE A 1166 18.71 25.17 57.34
CA ILE A 1166 19.49 25.25 56.10
C ILE A 1166 18.85 24.43 54.99
N TRP A 1167 18.04 23.43 55.34
CA TRP A 1167 17.41 22.57 54.35
C TRP A 1167 16.50 23.37 53.42
N TRP A 1168 15.84 24.41 53.94
CA TRP A 1168 14.89 25.14 53.12
C TRP A 1168 15.59 26.02 52.09
N ASN A 1169 16.66 26.71 52.48
CA ASN A 1169 17.41 27.47 51.48
C ASN A 1169 18.12 26.53 50.51
N ILE A 1170 18.51 25.34 50.96
CA ILE A 1170 19.05 24.35 50.04
C ILE A 1170 18.01 23.98 48.98
N ARG A 1171 16.78 23.69 49.44
CA ARG A 1171 15.72 23.34 48.50
C ARG A 1171 15.40 24.51 47.56
N LYS A 1172 15.47 25.74 48.08
CA LYS A 1172 15.18 26.91 47.25
C LYS A 1172 16.20 27.07 46.14
N THR A 1173 17.49 26.97 46.48
CA THR A 1173 18.51 27.11 45.44
C THR A 1173 18.46 25.93 44.47
N CYS A 1174 18.13 24.74 44.97
CA CYS A 1174 17.97 23.60 44.08
C CYS A 1174 16.82 23.81 43.11
N TYR A 1175 15.69 24.35 43.59
CA TYR A 1175 14.57 24.65 42.71
C TYR A 1175 14.95 25.66 41.65
N LYS A 1176 15.64 26.73 42.06
CA LYS A 1176 16.10 27.72 41.11
C LYS A 1176 16.95 27.07 40.02
N ILE A 1177 17.93 26.27 40.42
CA ILE A 1177 18.85 25.67 39.45
C ILE A 1177 18.11 24.69 38.55
N VAL A 1178 17.20 23.89 39.11
CA VAL A 1178 16.52 22.86 38.33
C VAL A 1178 15.61 23.49 37.29
N GLU A 1179 14.85 24.51 37.67
CA GLU A 1179 13.94 25.14 36.70
C GLU A 1179 14.59 26.26 35.91
N HIS A 1180 15.89 26.50 36.10
CA HIS A 1180 16.61 27.36 35.16
C HIS A 1180 16.43 26.87 33.73
N SER A 1181 16.21 27.83 32.82
CA SER A 1181 16.06 27.49 31.41
C SER A 1181 17.35 26.91 30.85
N TRP A 1182 18.50 27.36 31.33
CA TRP A 1182 19.78 26.79 30.91
C TRP A 1182 19.84 25.30 31.25
N PHE A 1183 19.49 24.95 32.49
CA PHE A 1183 19.51 23.54 32.88
C PHE A 1183 18.50 22.75 32.06
N GLU A 1184 17.33 23.32 31.80
CA GLU A 1184 16.32 22.56 31.07
C GLU A 1184 16.76 22.32 29.63
N SER A 1185 17.34 23.32 28.99
CA SER A 1185 17.84 23.14 27.62
C SER A 1185 19.03 22.18 27.59
N PHE A 1186 19.89 22.22 28.62
CA PHE A 1186 20.97 21.26 28.71
C PHE A 1186 20.44 19.84 28.78
N ILE A 1187 19.39 19.62 29.57
CA ILE A 1187 18.83 18.28 29.67
C ILE A 1187 18.12 17.89 28.39
N VAL A 1188 17.53 18.84 27.68
CA VAL A 1188 16.93 18.54 26.38
C VAL A 1188 18.00 18.09 25.39
N LEU A 1189 19.11 18.82 25.35
CA LEU A 1189 20.22 18.45 24.46
C LEU A 1189 20.77 17.08 24.82
N MET A 1190 20.88 16.78 26.11
CA MET A 1190 21.38 15.47 26.52
C MET A 1190 20.39 14.36 26.22
N ILE A 1191 19.09 14.65 26.30
CA ILE A 1191 18.08 13.67 25.88
C ILE A 1191 18.24 13.36 24.41
N LEU A 1192 18.40 14.39 23.59
CA LEU A 1192 18.60 14.20 22.17
C LEU A 1192 19.85 13.37 21.89
N LEU A 1193 20.94 13.68 22.58
CA LEU A 1193 22.19 12.94 22.39
C LEU A 1193 22.04 11.49 22.80
N SER A 1194 21.42 11.24 23.96
CA SER A 1194 21.28 9.87 24.45
C SER A 1194 20.32 9.05 23.61
N SER A 1195 19.37 9.71 22.95
CA SER A 1195 18.48 8.99 22.05
C SER A 1195 19.15 8.72 20.71
N GLY A 1196 19.87 9.71 20.17
CA GLY A 1196 20.63 9.48 18.95
C GLY A 1196 21.70 8.42 19.11
N ALA A 1197 22.24 8.26 20.31
CA ALA A 1197 23.26 7.25 20.57
C ALA A 1197 22.73 5.83 20.39
N LEU A 1198 21.44 5.69 20.07
CA LEU A 1198 20.82 4.41 19.84
C LEU A 1198 20.70 4.05 18.36
N ALA A 1199 20.78 5.04 17.47
CA ALA A 1199 20.74 4.77 16.04
C ALA A 1199 21.97 3.98 15.59
N PHE A 1200 23.09 4.12 16.28
CA PHE A 1200 24.36 3.57 15.81
C PHE A 1200 24.53 2.10 16.17
N GLU A 1201 23.69 1.53 17.02
CA GLU A 1201 23.86 0.15 17.47
C GLU A 1201 22.97 -0.77 16.62
N ASP A 1202 23.48 -1.09 15.44
CA ASP A 1202 22.85 -1.98 14.48
C ASP A 1202 23.82 -3.11 14.13
N ILE A 1203 23.49 -3.88 13.10
CA ILE A 1203 24.32 -5.03 12.77
C ILE A 1203 25.71 -4.63 12.30
N TYR A 1204 25.89 -3.36 11.92
CA TYR A 1204 27.20 -2.85 11.50
C TYR A 1204 28.00 -2.26 12.65
N ILE A 1205 27.73 -2.70 13.88
CA ILE A 1205 28.40 -2.15 15.06
C ILE A 1205 29.62 -2.95 15.48
N GLU A 1206 29.82 -4.15 14.91
CA GLU A 1206 31.07 -4.84 15.14
C GLU A 1206 32.22 -4.18 14.39
N ARG A 1207 31.88 -3.40 13.41
CA ARG A 1207 32.86 -2.52 12.83
C ARG A 1207 32.79 -1.23 13.71
N LYS A 1208 33.35 -0.10 13.22
CA LYS A 1208 33.37 1.17 13.96
C LYS A 1208 33.48 0.94 15.47
N LYS A 1209 34.51 0.20 15.86
CA LYS A 1209 34.70 -0.13 17.26
C LYS A 1209 35.02 1.09 18.09
N THR A 1210 35.63 2.11 17.47
CA THR A 1210 35.91 3.35 18.18
C THR A 1210 34.62 4.03 18.62
N ILE A 1211 33.66 4.15 17.70
CA ILE A 1211 32.39 4.76 18.08
C ILE A 1211 31.60 3.83 18.98
N LYS A 1212 31.78 2.52 18.85
CA LYS A 1212 31.14 1.59 19.78
C LYS A 1212 31.58 1.86 21.21
N ILE A 1213 32.90 1.97 21.44
CA ILE A 1213 33.40 2.24 22.78
C ILE A 1213 32.99 3.63 23.24
N ILE A 1214 33.06 4.62 22.34
CA ILE A 1214 32.65 5.97 22.69
C ILE A 1214 31.21 5.98 23.18
N LEU A 1215 30.32 5.27 22.51
CA LEU A 1215 28.92 5.25 22.90
C LEU A 1215 28.71 4.45 24.18
N GLU A 1216 29.46 3.36 24.37
CA GLU A 1216 29.32 2.60 25.60
C GLU A 1216 29.72 3.44 26.81
N TYR A 1217 30.68 4.34 26.65
CA TYR A 1217 31.03 5.24 27.76
C TYR A 1217 30.12 6.45 27.86
N ALA A 1218 29.63 6.95 26.73
CA ALA A 1218 28.66 8.04 26.77
C ALA A 1218 27.36 7.60 27.43
N ASP A 1219 27.02 6.32 27.34
CA ASP A 1219 25.81 5.85 27.99
C ASP A 1219 25.95 5.91 29.51
N LYS A 1220 27.14 5.60 30.04
CA LYS A 1220 27.37 5.77 31.46
C LYS A 1220 27.33 7.23 31.86
N ILE A 1221 27.93 8.10 31.04
CA ILE A 1221 27.86 9.53 31.31
C ILE A 1221 26.41 10.01 31.35
N PHE A 1222 25.58 9.49 30.44
CA PHE A 1222 24.18 9.90 30.38
C PHE A 1222 23.41 9.40 31.60
N THR A 1223 23.61 8.13 31.95
CA THR A 1223 23.03 7.60 33.19
C THR A 1223 23.35 8.51 34.36
N TYR A 1224 24.61 8.92 34.49
CA TYR A 1224 25.00 9.75 35.63
C TYR A 1224 24.34 11.13 35.56
N ILE A 1225 24.31 11.74 34.38
CA ILE A 1225 23.69 13.07 34.26
C ILE A 1225 22.21 13.01 34.62
N PHE A 1226 21.52 11.97 34.15
CA PHE A 1226 20.09 11.89 34.40
C PHE A 1226 19.77 11.51 35.83
N ILE A 1227 20.64 10.71 36.48
CA ILE A 1227 20.46 10.47 37.91
C ILE A 1227 20.68 11.74 38.70
N LEU A 1228 21.67 12.54 38.32
CA LEU A 1228 21.87 13.82 38.99
C LEU A 1228 20.65 14.72 38.81
N GLU A 1229 20.08 14.74 37.61
CA GLU A 1229 18.88 15.55 37.38
C GLU A 1229 17.70 15.05 38.19
N MET A 1230 17.55 13.72 38.31
CA MET A 1230 16.46 13.18 39.12
C MET A 1230 16.61 13.56 40.58
N LEU A 1231 17.83 13.44 41.11
CA LEU A 1231 18.04 13.79 42.52
C LEU A 1231 17.87 15.28 42.75
N LEU A 1232 18.28 16.10 41.78
CA LEU A 1232 18.05 17.54 41.89
C LEU A 1232 16.56 17.86 41.88
N LYS A 1233 15.80 17.20 41.01
CA LYS A 1233 14.35 17.42 40.98
C LYS A 1233 13.71 16.99 42.28
N TRP A 1234 14.18 15.88 42.86
CA TRP A 1234 13.72 15.47 44.18
C TRP A 1234 13.96 16.59 45.19
N ILE A 1235 15.23 16.93 45.41
CA ILE A 1235 15.58 17.93 46.40
C ILE A 1235 14.90 19.27 46.14
N ALA A 1236 14.47 19.53 44.91
CA ALA A 1236 13.88 20.81 44.56
C ALA A 1236 12.35 20.82 44.63
N TYR A 1237 11.70 19.68 44.48
CA TYR A 1237 10.24 19.63 44.46
C TYR A 1237 9.63 18.99 45.69
N GLY A 1238 10.28 18.00 46.28
CA GLY A 1238 9.62 17.20 47.29
C GLY A 1238 9.00 15.96 46.68
N TYR A 1239 9.00 14.88 47.47
CA TYR A 1239 8.46 13.61 46.98
C TYR A 1239 7.00 13.73 46.58
N LYS A 1240 6.24 14.57 47.28
CA LYS A 1240 4.83 14.74 46.95
C LYS A 1240 4.66 15.33 45.55
N THR A 1241 5.27 16.50 45.32
CA THR A 1241 5.17 17.14 44.02
C THR A 1241 5.81 16.30 42.93
N TYR A 1242 6.76 15.44 43.29
CA TYR A 1242 7.39 14.59 42.28
C TYR A 1242 6.45 13.46 41.87
N PHE A 1243 6.06 12.63 42.84
CA PHE A 1243 5.26 11.45 42.54
C PHE A 1243 3.78 11.75 42.33
N THR A 1244 3.37 13.01 42.35
CA THR A 1244 2.06 13.38 41.81
C THR A 1244 2.19 14.05 40.44
N ASN A 1245 3.13 13.58 39.63
CA ASN A 1245 3.35 14.10 38.28
C ASN A 1245 3.67 12.92 37.37
N ALA A 1246 2.85 12.73 36.33
CA ALA A 1246 3.04 11.58 35.44
C ALA A 1246 4.33 11.70 34.64
N TRP A 1247 4.70 12.91 34.24
CA TRP A 1247 5.95 13.10 33.52
C TRP A 1247 7.15 12.74 34.40
N CYS A 1248 7.15 13.21 35.64
CA CYS A 1248 8.22 12.85 36.56
C CYS A 1248 8.21 11.36 36.88
N TRP A 1249 7.03 10.74 36.93
CA TRP A 1249 6.98 9.31 37.16
C TRP A 1249 7.61 8.54 36.00
N LEU A 1250 7.34 8.97 34.77
CA LEU A 1250 7.93 8.32 33.61
C LEU A 1250 9.44 8.50 33.58
N ASP A 1251 9.90 9.73 33.85
CA ASP A 1251 11.34 9.97 33.90
C ASP A 1251 12.00 9.14 35.01
N PHE A 1252 11.35 9.04 36.16
CA PHE A 1252 11.89 8.27 37.28
C PHE A 1252 11.96 6.79 36.94
N LEU A 1253 10.95 6.28 36.24
CA LEU A 1253 10.97 4.87 35.83
C LEU A 1253 12.11 4.62 34.84
N ILE A 1254 12.28 5.50 33.86
CA ILE A 1254 13.35 5.30 32.89
C ILE A 1254 14.71 5.41 33.57
N VAL A 1255 14.86 6.36 34.49
CA VAL A 1255 16.15 6.53 35.17
C VAL A 1255 16.44 5.32 36.07
N ASP A 1256 15.42 4.74 36.68
CA ASP A 1256 15.64 3.53 37.48
C ASP A 1256 16.04 2.36 36.59
N VAL A 1257 15.41 2.21 35.43
CA VAL A 1257 15.81 1.12 34.54
C VAL A 1257 17.24 1.33 34.06
N SER A 1258 17.61 2.58 33.76
CA SER A 1258 18.97 2.89 33.35
C SER A 1258 19.96 2.56 34.45
N LEU A 1259 19.64 2.94 35.70
CA LEU A 1259 20.53 2.64 36.81
C LEU A 1259 20.62 1.14 37.06
N VAL A 1260 19.53 0.42 36.87
CA VAL A 1260 19.57 -1.04 37.04
C VAL A 1260 20.52 -1.66 36.04
N THR A 1261 20.36 -1.31 34.76
CA THR A 1261 21.25 -1.90 33.75
C THR A 1261 22.68 -1.42 33.93
N LEU A 1262 22.89 -0.18 34.41
CA LEU A 1262 24.23 0.32 34.64
C LEU A 1262 24.92 -0.46 35.76
N VAL A 1263 24.25 -0.61 36.90
CA VAL A 1263 24.86 -1.33 38.01
C VAL A 1263 25.05 -2.79 37.65
N ALA A 1264 24.18 -3.35 36.81
CA ALA A 1264 24.39 -4.72 36.36
C ALA A 1264 25.66 -4.83 35.54
N ASN A 1265 25.79 -4.01 34.50
CA ASN A 1265 26.98 -4.07 33.65
C ASN A 1265 28.25 -3.65 34.38
N THR A 1266 28.13 -2.90 35.48
CA THR A 1266 29.31 -2.52 36.24
C THR A 1266 29.73 -3.58 37.25
N LEU A 1267 28.77 -4.18 37.95
CA LEU A 1267 29.06 -5.27 38.86
C LEU A 1267 29.45 -6.55 38.13
N GLY A 1268 29.13 -6.66 36.85
CA GLY A 1268 29.46 -7.87 36.13
C GLY A 1268 28.39 -8.91 36.35
N TYR A 1269 28.69 -10.14 35.93
CA TYR A 1269 27.76 -11.26 36.02
C TYR A 1269 26.42 -10.92 35.36
N SER A 1270 26.44 -10.02 34.37
CA SER A 1270 25.20 -9.47 33.82
C SER A 1270 25.19 -9.60 32.30
N ASP A 1271 24.80 -10.77 31.83
CA ASP A 1271 24.22 -10.96 30.50
C ASP A 1271 23.12 -12.01 30.61
N LEU A 1272 22.40 -11.97 31.72
CA LEU A 1272 21.53 -13.07 32.15
C LEU A 1272 20.09 -12.71 31.88
N GLY A 1273 19.55 -13.19 30.76
CA GLY A 1273 18.13 -13.27 30.55
C GLY A 1273 17.40 -11.96 30.78
N PRO A 1274 16.68 -11.89 31.90
CA PRO A 1274 15.88 -10.69 32.21
C PRO A 1274 16.61 -9.37 32.08
N ILE A 1275 17.88 -9.26 32.49
CA ILE A 1275 18.53 -7.96 32.37
C ILE A 1275 18.92 -7.68 30.92
N LYS A 1276 19.22 -8.73 30.14
CA LYS A 1276 19.44 -8.52 28.71
C LYS A 1276 18.16 -8.02 28.04
N SER A 1277 17.01 -8.54 28.47
CA SER A 1277 15.73 -8.02 27.97
C SER A 1277 15.47 -6.60 28.45
N LEU A 1278 15.83 -6.30 29.70
CA LEU A 1278 15.73 -4.92 30.20
C LEU A 1278 16.57 -3.97 29.37
N ARG A 1279 17.71 -4.45 28.85
CA ARG A 1279 18.56 -3.61 28.02
C ARG A 1279 17.83 -3.13 26.77
N THR A 1280 17.00 -3.97 26.16
CA THR A 1280 16.27 -3.54 24.98
C THR A 1280 15.24 -2.48 25.29
N LEU A 1281 14.88 -2.30 26.56
CA LEU A 1281 14.02 -1.21 26.96
C LEU A 1281 14.73 0.14 26.96
N ARG A 1282 16.02 0.16 26.61
CA ARG A 1282 16.68 1.44 26.34
C ARG A 1282 16.05 2.14 25.16
N ALA A 1283 15.32 1.41 24.31
CA ALA A 1283 14.61 1.99 23.20
C ALA A 1283 13.57 3.01 23.64
N LEU A 1284 13.17 2.98 24.91
CA LEU A 1284 12.19 3.92 25.44
C LEU A 1284 12.83 5.19 25.99
N ARG A 1285 14.16 5.30 25.92
CA ARG A 1285 14.83 6.55 26.31
C ARG A 1285 14.30 7.79 25.60
N PRO A 1286 13.91 7.76 24.31
CA PRO A 1286 13.37 8.98 23.70
C PRO A 1286 12.10 9.47 24.34
N LEU A 1287 11.43 8.66 25.17
CA LEU A 1287 10.18 9.09 25.78
C LEU A 1287 10.38 10.28 26.71
N ARG A 1288 11.60 10.53 27.18
CA ARG A 1288 11.87 11.70 28.00
C ARG A 1288 11.72 13.01 27.24
N ALA A 1289 11.49 12.95 25.92
CA ALA A 1289 11.34 14.16 25.12
C ALA A 1289 9.90 14.65 25.09
N LEU A 1290 8.93 13.80 25.41
CA LEU A 1290 7.54 14.23 25.51
C LEU A 1290 7.39 15.32 26.55
N SER A 1291 7.98 15.11 27.73
CA SER A 1291 7.87 16.09 28.82
C SER A 1291 8.47 17.44 28.43
N ARG A 1292 9.43 17.44 27.51
CA ARG A 1292 10.15 18.67 27.19
C ARG A 1292 9.51 19.40 26.01
N PHE A 1293 9.16 18.69 24.95
CA PHE A 1293 8.62 19.32 23.74
C PHE A 1293 7.12 19.48 23.90
N GLU A 1294 6.66 20.72 24.05
CA GLU A 1294 5.23 20.92 24.27
C GLU A 1294 4.43 20.64 23.01
N GLY A 1295 5.05 20.67 21.83
CA GLY A 1295 4.36 20.23 20.64
C GLY A 1295 3.88 18.79 20.74
N MET A 1296 4.76 17.90 21.20
CA MET A 1296 4.34 16.52 21.47
C MET A 1296 3.46 16.43 22.69
N ARG A 1297 3.70 17.29 23.68
CA ARG A 1297 2.93 17.20 24.92
C ARG A 1297 1.46 17.54 24.69
N VAL A 1298 1.17 18.51 23.82
CA VAL A 1298 -0.22 18.88 23.59
C VAL A 1298 -0.95 17.81 22.80
N VAL A 1299 -0.27 17.13 21.88
CA VAL A 1299 -0.93 16.04 21.16
C VAL A 1299 -1.15 14.85 22.08
N VAL A 1300 -0.21 14.59 23.00
CA VAL A 1300 -0.43 13.54 23.98
C VAL A 1300 -1.58 13.89 24.90
N ASN A 1301 -1.73 15.17 25.26
CA ASN A 1301 -2.85 15.58 26.10
C ASN A 1301 -4.18 15.42 25.36
N ALA A 1302 -4.21 15.77 24.07
CA ALA A 1302 -5.42 15.57 23.28
C ALA A 1302 -5.81 14.10 23.22
N LEU A 1303 -4.83 13.23 22.94
CA LEU A 1303 -5.12 11.80 22.89
C LEU A 1303 -5.55 11.27 24.25
N ILE A 1304 -4.96 11.78 25.34
CA ILE A 1304 -5.33 11.33 26.67
C ILE A 1304 -6.76 11.76 27.00
N GLY A 1305 -7.14 12.97 26.58
CA GLY A 1305 -8.50 13.40 26.76
C GLY A 1305 -9.49 12.60 25.93
N ALA A 1306 -9.08 12.15 24.76
CA ALA A 1306 -9.98 11.40 23.88
C ALA A 1306 -10.04 9.90 24.19
N ILE A 1307 -9.10 9.38 24.97
CA ILE A 1307 -9.00 7.94 25.20
C ILE A 1307 -10.21 7.30 25.92
N PRO A 1308 -11.01 8.00 26.77
CA PRO A 1308 -12.15 7.29 27.39
C PRO A 1308 -13.27 6.94 26.42
N SER A 1309 -13.67 7.90 25.58
CA SER A 1309 -14.64 7.59 24.53
C SER A 1309 -14.09 6.54 23.57
N ILE A 1310 -12.79 6.64 23.27
CA ILE A 1310 -12.13 5.61 22.48
C ILE A 1310 -12.30 4.25 23.12
N MET A 1311 -12.12 4.17 24.44
CA MET A 1311 -12.23 2.87 25.12
C MET A 1311 -13.66 2.34 25.06
N ASN A 1312 -14.65 3.22 25.24
CA ASN A 1312 -16.04 2.79 25.15
C ASN A 1312 -16.36 2.23 23.76
N VAL A 1313 -16.12 3.03 22.72
CA VAL A 1313 -16.39 2.57 21.37
C VAL A 1313 -15.50 1.40 20.99
N LEU A 1314 -14.32 1.28 21.61
CA LEU A 1314 -13.42 0.19 21.29
C LEU A 1314 -13.91 -1.11 21.88
N LEU A 1315 -14.51 -1.06 23.08
CA LEU A 1315 -15.14 -2.26 23.62
C LEU A 1315 -16.33 -2.67 22.77
N VAL A 1316 -17.14 -1.69 22.33
CA VAL A 1316 -18.27 -2.02 21.46
C VAL A 1316 -17.79 -2.68 20.18
N CYS A 1317 -16.75 -2.11 19.56
CA CYS A 1317 -16.28 -2.65 18.29
C CYS A 1317 -15.49 -3.93 18.47
N LEU A 1318 -14.86 -4.13 19.63
CA LEU A 1318 -14.23 -5.41 19.91
C LEU A 1318 -15.25 -6.51 20.06
N ILE A 1319 -16.42 -6.21 20.63
CA ILE A 1319 -17.40 -7.30 20.74
C ILE A 1319 -18.13 -7.49 19.41
N PHE A 1320 -18.30 -6.44 18.62
CA PHE A 1320 -18.72 -6.60 17.23
C PHE A 1320 -17.78 -7.54 16.47
N TRP A 1321 -16.47 -7.22 16.50
CA TRP A 1321 -15.50 -8.06 15.84
C TRP A 1321 -15.39 -9.44 16.48
N LEU A 1322 -15.75 -9.59 17.75
CA LEU A 1322 -15.75 -10.91 18.36
C LEU A 1322 -16.88 -11.77 17.80
N ILE A 1323 -18.05 -11.17 17.60
CA ILE A 1323 -19.12 -11.85 16.89
C ILE A 1323 -18.64 -12.29 15.52
N PHE A 1324 -18.07 -11.34 14.76
CA PHE A 1324 -17.58 -11.65 13.42
C PHE A 1324 -16.49 -12.70 13.44
N SER A 1325 -15.62 -12.69 14.47
CA SER A 1325 -14.51 -13.62 14.54
C SER A 1325 -14.93 -15.01 14.97
N ILE A 1326 -15.95 -15.13 15.82
CA ILE A 1326 -16.46 -16.46 16.14
C ILE A 1326 -17.16 -17.05 14.92
N MET A 1327 -17.89 -16.22 14.18
CA MET A 1327 -18.45 -16.69 12.91
C MET A 1327 -17.35 -17.15 11.97
N GLY A 1328 -16.34 -16.30 11.77
CA GLY A 1328 -15.22 -16.65 10.92
C GLY A 1328 -14.48 -17.88 11.38
N VAL A 1329 -14.37 -18.10 12.69
CA VAL A 1329 -13.70 -19.29 13.19
C VAL A 1329 -14.51 -20.53 12.88
N ASN A 1330 -15.82 -20.48 13.13
CA ASN A 1330 -16.68 -21.61 12.77
C ASN A 1330 -16.59 -21.91 11.28
N LEU A 1331 -16.44 -20.86 10.46
CA LEU A 1331 -16.37 -21.06 9.02
C LEU A 1331 -15.00 -21.61 8.58
N PHE A 1332 -13.91 -21.06 9.12
CA PHE A 1332 -12.57 -21.26 8.61
C PHE A 1332 -11.60 -21.80 9.66
N ALA A 1333 -12.07 -22.66 10.55
CA ALA A 1333 -11.16 -23.28 11.53
C ALA A 1333 -10.42 -24.43 10.87
N GLY A 1334 -9.14 -24.21 10.58
CA GLY A 1334 -8.30 -25.27 10.09
C GLY A 1334 -8.40 -25.56 8.61
N LYS A 1335 -9.06 -24.70 7.85
CA LYS A 1335 -9.28 -24.92 6.44
C LYS A 1335 -8.29 -24.14 5.56
N PHE A 1336 -7.17 -23.70 6.15
CA PHE A 1336 -6.15 -22.97 5.41
C PHE A 1336 -4.88 -23.78 5.21
N TYR A 1337 -4.85 -25.03 5.69
CA TYR A 1337 -3.69 -25.88 5.49
C TYR A 1337 -3.67 -26.40 4.07
N GLU A 1338 -2.56 -26.18 3.37
CA GLU A 1338 -2.41 -26.63 2.00
C GLU A 1338 -1.02 -27.21 1.82
N CYS A 1339 -0.87 -28.04 0.79
CA CYS A 1339 0.43 -28.63 0.47
C CYS A 1339 1.15 -27.73 -0.53
N ILE A 1340 1.82 -26.72 -0.01
CA ILE A 1340 2.67 -25.89 -0.86
C ILE A 1340 3.94 -26.66 -1.18
N ASN A 1341 4.40 -26.55 -2.42
CA ASN A 1341 5.62 -27.20 -2.87
C ASN A 1341 6.76 -26.20 -2.69
N THR A 1342 7.65 -26.47 -1.72
CA THR A 1342 8.50 -25.44 -1.14
C THR A 1342 9.33 -24.69 -2.18
N THR A 1343 9.71 -25.35 -3.28
CA THR A 1343 10.57 -24.72 -4.26
C THR A 1343 9.86 -23.58 -4.99
N ASP A 1344 8.70 -23.86 -5.56
CA ASP A 1344 8.00 -22.85 -6.37
C ASP A 1344 6.97 -22.05 -5.58
N GLY A 1345 6.42 -22.59 -4.50
CA GLY A 1345 5.38 -21.91 -3.77
C GLY A 1345 4.04 -22.02 -4.45
N SER A 1346 3.71 -23.24 -4.90
CA SER A 1346 2.51 -23.50 -5.68
C SER A 1346 1.72 -24.62 -5.02
N ARG A 1347 0.45 -24.36 -4.73
CA ARG A 1347 -0.38 -25.37 -4.11
C ARG A 1347 -0.56 -26.56 -5.06
N PHE A 1348 -0.42 -27.76 -4.51
CA PHE A 1348 -0.51 -28.97 -5.31
C PHE A 1348 -1.87 -29.07 -5.99
N PRO A 1349 -1.98 -29.84 -7.07
CA PRO A 1349 -3.14 -29.67 -7.98
C PRO A 1349 -4.45 -30.18 -7.44
N ALA A 1350 -4.48 -30.79 -6.26
CA ALA A 1350 -5.68 -31.28 -5.59
C ALA A 1350 -6.35 -32.44 -6.33
N SER A 1351 -5.83 -32.86 -7.48
CA SER A 1351 -6.27 -34.11 -8.08
C SER A 1351 -5.56 -35.27 -7.41
N GLN A 1352 -4.22 -35.24 -7.41
CA GLN A 1352 -3.46 -35.98 -6.43
C GLN A 1352 -3.38 -35.17 -5.14
N VAL A 1353 -2.97 -35.84 -4.07
CA VAL A 1353 -2.91 -35.29 -2.71
C VAL A 1353 -4.13 -34.41 -2.42
N PRO A 1354 -5.31 -35.00 -2.24
CA PRO A 1354 -6.49 -34.19 -1.88
C PRO A 1354 -6.62 -33.92 -0.39
N ASN A 1355 -5.76 -34.49 0.45
CA ASN A 1355 -5.90 -34.33 1.89
C ASN A 1355 -4.54 -34.53 2.56
N ARG A 1356 -4.53 -34.36 3.89
CA ARG A 1356 -3.30 -34.44 4.66
C ARG A 1356 -2.70 -35.83 4.63
N SER A 1357 -3.54 -36.86 4.62
CA SER A 1357 -3.04 -38.24 4.66
C SER A 1357 -2.29 -38.59 3.37
N GLU A 1358 -2.62 -37.93 2.27
CA GLU A 1358 -1.84 -38.06 1.04
C GLU A 1358 -0.69 -37.08 1.00
N CYS A 1359 -0.84 -35.90 1.62
CA CYS A 1359 0.26 -34.96 1.71
C CYS A 1359 1.45 -35.56 2.45
N PHE A 1360 1.21 -36.33 3.49
CA PHE A 1360 2.31 -36.90 4.25
C PHE A 1360 2.95 -38.08 3.54
N ALA A 1361 2.15 -38.87 2.81
CA ALA A 1361 2.74 -39.86 1.91
C ALA A 1361 3.63 -39.19 0.88
N LEU A 1362 3.17 -38.07 0.32
CA LEU A 1362 4.00 -37.30 -0.59
C LEU A 1362 5.26 -36.80 0.10
N MET A 1363 5.14 -36.39 1.36
CA MET A 1363 6.26 -35.78 2.08
C MET A 1363 7.32 -36.80 2.46
N ASN A 1364 6.97 -38.07 2.59
CA ASN A 1364 8.02 -39.06 2.78
C ASN A 1364 8.30 -39.91 1.54
N VAL A 1365 7.67 -39.63 0.41
CA VAL A 1365 8.20 -40.18 -0.85
C VAL A 1365 9.06 -39.17 -1.60
N SER A 1366 8.78 -37.87 -1.44
CA SER A 1366 9.59 -36.79 -1.98
C SER A 1366 10.02 -35.92 -0.82
N GLN A 1367 10.97 -35.01 -1.07
CA GLN A 1367 11.63 -34.30 0.01
C GLN A 1367 11.22 -32.84 0.15
N ASN A 1368 10.51 -32.27 -0.82
CA ASN A 1368 10.36 -30.82 -0.90
C ASN A 1368 8.91 -30.37 -0.93
N VAL A 1369 8.05 -31.00 -0.13
CA VAL A 1369 6.65 -30.58 0.03
C VAL A 1369 6.38 -30.35 1.50
N ARG A 1370 5.61 -29.30 1.80
CA ARG A 1370 5.39 -28.84 3.16
C ARG A 1370 3.92 -28.49 3.35
N TRP A 1371 3.20 -29.31 4.13
CA TRP A 1371 1.81 -29.06 4.47
C TRP A 1371 1.73 -27.91 5.47
N LYS A 1372 1.49 -26.69 4.97
CA LYS A 1372 1.71 -25.49 5.75
C LYS A 1372 0.44 -24.65 5.85
N ASN A 1373 0.30 -23.98 7.00
CA ASN A 1373 -0.81 -23.08 7.27
C ASN A 1373 -0.50 -21.70 6.70
N LEU A 1374 -1.27 -20.70 7.11
CA LEU A 1374 -1.16 -19.36 6.54
C LEU A 1374 -0.67 -18.33 7.54
N LYS A 1375 -0.58 -18.67 8.82
CA LYS A 1375 0.09 -17.90 9.88
C LYS A 1375 -0.68 -16.64 10.26
N VAL A 1376 -1.66 -16.24 9.46
CA VAL A 1376 -2.70 -15.31 9.90
C VAL A 1376 -4.02 -15.87 9.41
N ASN A 1377 -4.70 -16.63 10.25
CA ASN A 1377 -5.87 -17.38 9.82
C ASN A 1377 -6.93 -17.26 10.89
N PHE A 1378 -7.98 -18.07 10.77
CA PHE A 1378 -9.08 -18.10 11.72
C PHE A 1378 -9.04 -19.38 12.54
N ASP A 1379 -7.84 -19.77 12.98
CA ASP A 1379 -7.68 -21.03 13.70
C ASP A 1379 -8.14 -20.92 15.14
N ASN A 1380 -8.03 -19.74 15.74
CA ASN A 1380 -8.62 -19.44 17.04
C ASN A 1380 -9.07 -17.99 16.99
N VAL A 1381 -9.66 -17.51 18.08
CA VAL A 1381 -10.24 -16.17 18.03
C VAL A 1381 -9.16 -15.09 18.02
N GLY A 1382 -7.98 -15.35 18.60
CA GLY A 1382 -6.92 -14.37 18.51
C GLY A 1382 -6.40 -14.20 17.10
N LEU A 1383 -6.11 -15.32 16.43
CA LEU A 1383 -5.72 -15.26 15.03
C LEU A 1383 -6.87 -14.72 14.17
N GLY A 1384 -8.12 -14.99 14.56
CA GLY A 1384 -9.24 -14.42 13.83
C GLY A 1384 -9.30 -12.91 13.96
N TYR A 1385 -9.00 -12.39 15.15
CA TYR A 1385 -8.90 -10.96 15.33
C TYR A 1385 -7.80 -10.37 14.48
N LEU A 1386 -6.67 -11.08 14.38
CA LEU A 1386 -5.57 -10.62 13.53
C LEU A 1386 -5.97 -10.61 12.06
N SER A 1387 -6.63 -11.69 11.62
CA SER A 1387 -7.07 -11.77 10.23
C SER A 1387 -8.13 -10.74 9.91
N LEU A 1388 -9.03 -10.46 10.85
CA LEU A 1388 -9.99 -9.39 10.66
C LEU A 1388 -9.33 -8.02 10.64
N LEU A 1389 -8.28 -7.83 11.43
CA LEU A 1389 -7.52 -6.59 11.34
C LEU A 1389 -6.93 -6.42 9.95
N GLN A 1390 -6.37 -7.49 9.39
CA GLN A 1390 -5.81 -7.40 8.05
C GLN A 1390 -6.90 -7.14 7.01
N VAL A 1391 -8.04 -7.83 7.12
CA VAL A 1391 -9.12 -7.65 6.16
C VAL A 1391 -9.70 -6.24 6.26
N ALA A 1392 -9.80 -5.69 7.47
CA ALA A 1392 -10.36 -4.36 7.66
C ALA A 1392 -9.37 -3.26 7.30
N THR A 1393 -8.08 -3.54 7.35
CA THR A 1393 -7.08 -2.60 6.87
C THR A 1393 -6.85 -2.68 5.37
N PHE A 1394 -7.22 -3.81 4.75
CA PHE A 1394 -7.11 -4.08 3.31
C PHE A 1394 -5.67 -4.34 2.90
N LYS A 1395 -4.77 -4.47 3.86
CA LYS A 1395 -3.35 -4.70 3.60
C LYS A 1395 -3.02 -6.10 4.08
N GLY A 1396 -3.18 -7.07 3.19
CA GLY A 1396 -2.93 -8.46 3.50
C GLY A 1396 -4.16 -9.32 3.44
N TRP A 1397 -5.31 -8.72 3.12
CA TRP A 1397 -6.58 -9.45 3.18
C TRP A 1397 -6.69 -10.47 2.07
N THR A 1398 -5.94 -10.31 0.98
CA THR A 1398 -6.20 -11.11 -0.21
C THR A 1398 -5.74 -12.54 -0.04
N ILE A 1399 -4.68 -12.78 0.73
CA ILE A 1399 -4.26 -14.16 0.94
C ILE A 1399 -5.29 -14.91 1.76
N ILE A 1400 -5.86 -14.24 2.77
CA ILE A 1400 -6.91 -14.86 3.58
C ILE A 1400 -8.16 -15.09 2.74
N MET A 1401 -8.54 -14.12 1.90
CA MET A 1401 -9.70 -14.29 1.05
C MET A 1401 -9.50 -15.47 0.11
N TYR A 1402 -8.33 -15.57 -0.52
CA TYR A 1402 -8.08 -16.67 -1.44
C TYR A 1402 -8.14 -18.01 -0.71
N ALA A 1403 -7.56 -18.09 0.48
CA ALA A 1403 -7.57 -19.37 1.18
C ALA A 1403 -8.95 -19.73 1.70
N ALA A 1404 -9.72 -18.75 2.16
CA ALA A 1404 -11.09 -19.02 2.60
C ALA A 1404 -11.94 -19.53 1.43
N VAL A 1405 -11.89 -18.83 0.30
CA VAL A 1405 -12.71 -19.24 -0.83
C VAL A 1405 -12.21 -20.53 -1.47
N ASP A 1406 -10.94 -20.90 -1.26
CA ASP A 1406 -10.50 -22.21 -1.69
C ASP A 1406 -10.82 -23.30 -0.68
N SER A 1407 -11.12 -22.95 0.57
CA SER A 1407 -11.33 -23.94 1.61
C SER A 1407 -12.36 -24.99 1.22
N VAL A 1408 -12.14 -26.21 1.70
CA VAL A 1408 -13.08 -27.31 1.50
C VAL A 1408 -13.53 -27.85 2.85
N ASN A 1409 -12.58 -28.36 3.63
CA ASN A 1409 -12.86 -28.91 4.95
C ASN A 1409 -11.62 -28.71 5.82
N VAL A 1410 -11.55 -29.42 6.93
CA VAL A 1410 -10.48 -29.19 7.90
C VAL A 1410 -9.16 -29.78 7.41
N ASP A 1411 -9.12 -31.08 7.18
CA ASP A 1411 -7.91 -31.75 6.71
C ASP A 1411 -7.98 -32.09 5.23
N LYS A 1412 -8.56 -31.22 4.42
CA LYS A 1412 -8.70 -31.42 2.99
C LYS A 1412 -7.92 -30.36 2.23
N GLN A 1413 -7.22 -30.79 1.18
CA GLN A 1413 -6.55 -29.87 0.29
C GLN A 1413 -7.56 -28.90 -0.33
N PRO A 1414 -7.31 -27.59 -0.29
CA PRO A 1414 -8.26 -26.66 -0.89
C PRO A 1414 -8.41 -26.88 -2.38
N LYS A 1415 -9.55 -26.44 -2.91
CA LYS A 1415 -9.83 -26.45 -4.33
C LYS A 1415 -10.09 -25.02 -4.78
N TYR A 1416 -9.62 -24.68 -5.97
CA TYR A 1416 -9.67 -23.29 -6.42
C TYR A 1416 -11.10 -22.78 -6.43
N GLU A 1417 -11.39 -21.84 -5.53
CA GLU A 1417 -12.73 -21.27 -5.38
C GLU A 1417 -13.79 -22.35 -5.17
N TYR A 1418 -13.45 -23.36 -4.37
CA TYR A 1418 -14.43 -24.40 -4.06
C TYR A 1418 -15.62 -23.82 -3.32
N SER A 1419 -15.37 -22.88 -2.40
CA SER A 1419 -16.49 -22.20 -1.75
C SER A 1419 -16.92 -21.01 -2.58
N LEU A 1420 -16.01 -20.05 -2.78
CA LEU A 1420 -16.18 -18.94 -3.71
C LEU A 1420 -17.24 -17.98 -3.19
N TYR A 1421 -17.98 -18.38 -2.17
CA TYR A 1421 -19.05 -17.57 -1.61
C TYR A 1421 -18.80 -17.19 -0.18
N MET A 1422 -17.66 -17.60 0.39
CA MET A 1422 -17.15 -16.93 1.58
C MET A 1422 -16.69 -15.52 1.24
N TYR A 1423 -16.57 -15.20 -0.05
CA TYR A 1423 -16.41 -13.82 -0.46
C TYR A 1423 -17.54 -12.96 0.08
N ILE A 1424 -18.75 -13.52 0.22
CA ILE A 1424 -19.82 -12.70 0.77
C ILE A 1424 -19.66 -12.57 2.29
N TYR A 1425 -19.09 -13.58 2.96
CA TYR A 1425 -18.71 -13.39 4.35
C TYR A 1425 -17.77 -12.22 4.50
N PHE A 1426 -16.74 -12.16 3.65
CA PHE A 1426 -15.80 -11.05 3.70
C PHE A 1426 -16.44 -9.73 3.31
N VAL A 1427 -17.38 -9.76 2.36
CA VAL A 1427 -18.06 -8.52 1.96
C VAL A 1427 -18.90 -7.99 3.11
N VAL A 1428 -19.66 -8.86 3.77
CA VAL A 1428 -20.46 -8.44 4.91
C VAL A 1428 -19.56 -7.96 6.04
N PHE A 1429 -18.45 -8.68 6.29
CA PHE A 1429 -17.56 -8.26 7.36
C PHE A 1429 -16.96 -6.91 7.06
N ILE A 1430 -16.47 -6.69 5.84
CA ILE A 1430 -16.02 -5.35 5.49
C ILE A 1430 -17.12 -4.34 5.76
N ILE A 1431 -18.22 -4.42 5.01
CA ILE A 1431 -19.27 -3.40 5.04
C ILE A 1431 -19.67 -3.06 6.46
N PHE A 1432 -19.74 -4.06 7.35
CA PHE A 1432 -20.08 -3.69 8.73
C PHE A 1432 -18.85 -3.49 9.59
N GLY A 1433 -18.12 -4.56 9.92
CA GLY A 1433 -17.06 -4.45 10.91
C GLY A 1433 -15.98 -3.47 10.52
N SER A 1434 -15.54 -3.48 9.27
CA SER A 1434 -14.51 -2.53 8.88
C SER A 1434 -15.10 -1.17 8.57
N PHE A 1435 -15.93 -1.11 7.54
CA PHE A 1435 -16.49 0.16 7.09
C PHE A 1435 -17.21 0.89 8.22
N PHE A 1436 -18.30 0.30 8.73
CA PHE A 1436 -19.14 0.98 9.70
C PHE A 1436 -18.35 1.30 10.97
N THR A 1437 -17.58 0.34 11.48
CA THR A 1437 -16.95 0.56 12.78
C THR A 1437 -15.78 1.53 12.68
N LEU A 1438 -15.01 1.52 11.58
CA LEU A 1438 -13.94 2.50 11.47
C LEU A 1438 -14.53 3.89 11.25
N ASN A 1439 -15.63 4.00 10.51
CA ASN A 1439 -16.27 5.30 10.39
C ASN A 1439 -16.90 5.72 11.71
N LEU A 1440 -17.32 4.76 12.53
CA LEU A 1440 -17.84 5.05 13.86
C LEU A 1440 -16.74 5.53 14.78
N PHE A 1441 -15.59 4.86 14.75
CA PHE A 1441 -14.38 5.37 15.39
C PHE A 1441 -14.15 6.82 15.02
N ILE A 1442 -14.10 7.11 13.72
CA ILE A 1442 -13.84 8.47 13.27
C ILE A 1442 -14.90 9.43 13.80
N GLY A 1443 -16.18 9.04 13.71
CA GLY A 1443 -17.24 9.94 14.15
C GLY A 1443 -17.15 10.25 15.63
N VAL A 1444 -17.00 9.23 16.46
CA VAL A 1444 -16.95 9.45 17.90
C VAL A 1444 -15.68 10.19 18.29
N ILE A 1445 -14.58 9.97 17.57
CA ILE A 1445 -13.34 10.64 17.92
C ILE A 1445 -13.38 12.10 17.51
N ILE A 1446 -14.03 12.42 16.39
CA ILE A 1446 -14.20 13.82 16.01
C ILE A 1446 -15.15 14.50 16.98
N ASP A 1447 -16.21 13.81 17.40
CA ASP A 1447 -17.10 14.40 18.39
C ASP A 1447 -16.36 14.68 19.69
N ASN A 1448 -15.48 13.77 20.11
CA ASN A 1448 -14.70 13.99 21.33
C ASN A 1448 -13.72 15.13 21.16
N PHE A 1449 -13.04 15.21 20.01
CA PHE A 1449 -12.12 16.31 19.78
C PHE A 1449 -12.85 17.64 19.74
N ASN A 1450 -14.11 17.66 19.28
CA ASN A 1450 -14.85 18.90 19.27
C ASN A 1450 -15.36 19.26 20.66
N GLN A 1451 -15.77 18.26 21.45
CA GLN A 1451 -16.04 18.49 22.86
C GLN A 1451 -14.83 19.11 23.54
N GLN A 1452 -13.63 18.60 23.24
CA GLN A 1452 -12.41 19.15 23.84
C GLN A 1452 -12.13 20.56 23.35
N LYS A 1453 -12.27 20.80 22.05
CA LYS A 1453 -12.03 22.11 21.49
C LYS A 1453 -13.00 23.14 22.05
N LYS A 1454 -14.19 22.70 22.48
CA LYS A 1454 -15.13 23.63 23.09
C LYS A 1454 -14.88 23.78 24.59
N LYS A 1455 -14.47 22.70 25.27
CA LYS A 1455 -14.11 22.80 26.68
C LYS A 1455 -12.93 23.75 26.88
N LEU A 1456 -11.95 23.70 25.98
CA LEU A 1456 -10.77 24.54 26.12
C LEU A 1456 -11.03 25.94 25.58
N GLY A 1457 -12.10 26.58 26.05
CA GLY A 1457 -12.39 27.96 25.72
C GLY A 1457 -12.60 28.24 24.26
N GLY A 1458 -12.82 27.22 23.44
CA GLY A 1458 -12.98 27.41 22.02
C GLY A 1458 -11.69 27.42 21.22
N GLN A 1459 -10.60 26.88 21.77
CA GLN A 1459 -9.30 26.91 21.13
C GLN A 1459 -8.96 25.55 20.53
N ASP A 1460 -8.12 25.57 19.50
CA ASP A 1460 -7.60 24.35 18.92
C ASP A 1460 -6.81 23.55 19.94
N ILE A 1461 -6.67 22.26 19.71
CA ILE A 1461 -6.13 21.36 20.72
C ILE A 1461 -4.92 20.57 20.19
N PHE A 1462 -4.27 21.04 19.13
CA PHE A 1462 -3.05 20.43 18.65
C PHE A 1462 -1.90 21.42 18.56
N MET A 1463 -2.11 22.68 18.92
CA MET A 1463 -1.09 23.71 18.82
C MET A 1463 -0.74 24.25 20.20
N THR A 1464 0.54 24.47 20.43
CA THR A 1464 0.99 25.20 21.61
C THR A 1464 0.46 26.64 21.54
N GLU A 1465 0.72 27.43 22.58
CA GLU A 1465 0.19 28.80 22.58
C GLU A 1465 1.02 29.73 21.69
N GLU A 1466 2.33 29.55 21.66
CA GLU A 1466 3.14 30.25 20.68
C GLU A 1466 2.69 29.91 19.27
N GLN A 1467 2.48 28.63 19.00
CA GLN A 1467 1.95 28.19 17.71
C GLN A 1467 0.58 28.79 17.45
N LYS A 1468 -0.25 28.92 18.48
CA LYS A 1468 -1.60 29.44 18.29
C LYS A 1468 -1.54 30.89 17.85
N LYS A 1469 -0.68 31.69 18.46
CA LYS A 1469 -0.60 33.08 18.04
C LYS A 1469 0.08 33.20 16.67
N TYR A 1470 1.06 32.33 16.38
CA TYR A 1470 1.60 32.23 15.04
C TYR A 1470 0.50 31.98 14.02
N TYR A 1471 -0.36 31.00 14.31
CA TYR A 1471 -1.43 30.60 13.40
C TYR A 1471 -2.49 31.69 13.28
N ASN A 1472 -2.76 32.43 14.34
CA ASN A 1472 -3.66 33.57 14.26
C ASN A 1472 -3.10 34.66 13.35
N ALA A 1473 -1.85 35.07 13.59
CA ALA A 1473 -1.22 36.05 12.72
C ALA A 1473 -1.05 35.54 11.29
N MET A 1474 -1.02 34.22 11.11
CA MET A 1474 -0.98 33.62 9.79
C MET A 1474 -2.32 33.77 9.07
N LYS A 1475 -3.41 33.30 9.70
CA LYS A 1475 -4.73 33.47 9.11
C LYS A 1475 -5.10 34.94 8.96
N LYS A 1476 -4.41 35.84 9.66
CA LYS A 1476 -4.62 37.27 9.46
C LYS A 1476 -4.40 37.71 8.01
N LEU A 1477 -3.74 36.89 7.18
CA LEU A 1477 -3.57 37.22 5.78
C LEU A 1477 -4.85 37.01 4.96
N GLY A 1478 -5.90 36.46 5.56
CA GLY A 1478 -7.17 36.31 4.88
C GLY A 1478 -7.91 37.63 4.79
N SER A 1479 -7.23 38.66 4.28
CA SER A 1479 -7.76 40.01 4.28
C SER A 1479 -9.07 40.10 3.50
N LYS A 1480 -10.01 40.86 4.06
CA LYS A 1480 -11.21 41.27 3.37
C LYS A 1480 -11.03 42.56 2.58
N LYS A 1481 -9.98 43.32 2.88
CA LYS A 1481 -9.64 44.63 2.34
C LYS A 1481 -8.74 44.49 1.12
N PRO A 1482 -9.07 45.14 0.00
CA PRO A 1482 -8.13 45.21 -1.13
C PRO A 1482 -7.07 46.27 -0.86
N GLN A 1483 -5.81 45.88 -0.98
CA GLN A 1483 -4.73 46.79 -0.64
C GLN A 1483 -4.58 47.87 -1.71
N LYS A 1484 -4.03 49.01 -1.29
CA LYS A 1484 -3.71 50.09 -2.19
C LYS A 1484 -2.84 49.56 -3.32
N PRO A 1485 -3.32 49.55 -4.57
CA PRO A 1485 -2.64 48.77 -5.62
C PRO A 1485 -1.18 49.15 -5.82
N ILE A 1486 -0.93 50.38 -6.27
CA ILE A 1486 0.39 51.01 -6.29
C ILE A 1486 0.17 52.41 -6.87
N PRO A 1487 1.00 53.41 -6.51
CA PRO A 1487 0.85 54.73 -7.14
C PRO A 1487 1.52 54.76 -8.51
N ARG A 1488 0.75 55.15 -9.53
CA ARG A 1488 1.27 55.20 -10.88
C ARG A 1488 2.38 56.24 -10.99
N PRO A 1489 3.39 56.01 -11.83
CA PRO A 1489 4.47 56.99 -11.97
C PRO A 1489 4.01 58.19 -12.80
N GLY A 1490 4.68 59.33 -12.55
CA GLY A 1490 4.40 60.53 -13.31
C GLY A 1490 4.99 60.52 -14.70
N ASN A 1491 6.17 59.90 -14.86
CA ASN A 1491 6.77 59.74 -16.17
C ASN A 1491 5.85 58.89 -17.04
N LYS A 1492 5.45 59.44 -18.20
CA LYS A 1492 4.27 58.91 -18.87
C LYS A 1492 4.58 57.63 -19.66
N ILE A 1493 5.80 57.46 -20.16
CA ILE A 1493 6.11 56.20 -20.83
C ILE A 1493 6.15 55.05 -19.82
N GLN A 1494 6.75 55.28 -18.65
CA GLN A 1494 6.67 54.30 -17.59
C GLN A 1494 5.24 54.13 -17.12
N GLY A 1495 4.41 55.17 -17.26
CA GLY A 1495 3.00 55.04 -16.90
C GLY A 1495 2.23 54.14 -17.84
N CYS A 1496 2.49 54.23 -19.14
CA CYS A 1496 1.81 53.33 -20.07
C CYS A 1496 2.30 51.90 -19.88
N ILE A 1497 3.61 51.74 -19.62
CA ILE A 1497 4.12 50.44 -19.18
C ILE A 1497 3.37 49.97 -17.95
N PHE A 1498 3.10 50.88 -17.02
CA PHE A 1498 2.40 50.56 -15.78
C PHE A 1498 1.01 50.00 -16.05
N ASP A 1499 0.22 50.68 -16.88
CA ASP A 1499 -1.14 50.20 -17.12
C ASP A 1499 -1.12 48.91 -17.93
N LEU A 1500 -0.21 48.79 -18.89
CA LEU A 1500 -0.10 47.55 -19.65
C LEU A 1500 0.29 46.38 -18.74
N VAL A 1501 1.12 46.63 -17.73
CA VAL A 1501 1.48 45.59 -16.77
C VAL A 1501 0.27 45.22 -15.91
N THR A 1502 -0.44 46.23 -15.40
CA THR A 1502 -1.49 45.96 -14.44
C THR A 1502 -2.75 45.37 -15.05
N ASN A 1503 -2.93 45.46 -16.37
CA ASN A 1503 -4.20 45.04 -16.92
C ASN A 1503 -4.43 43.53 -16.86
N GLN A 1504 -5.70 43.15 -16.77
CA GLN A 1504 -6.11 41.75 -16.69
C GLN A 1504 -5.66 40.97 -17.91
N ALA A 1505 -5.60 41.61 -19.08
CA ALA A 1505 -5.10 40.94 -20.28
C ALA A 1505 -3.66 40.48 -20.09
N PHE A 1506 -2.81 41.36 -19.55
CA PHE A 1506 -1.43 40.99 -19.25
C PHE A 1506 -1.37 39.85 -18.24
N ASP A 1507 -2.17 39.95 -17.19
CA ASP A 1507 -2.19 38.87 -16.18
C ASP A 1507 -2.54 37.52 -16.82
N ILE A 1508 -3.64 37.48 -17.59
CA ILE A 1508 -4.07 36.22 -18.17
C ILE A 1508 -3.10 35.75 -19.25
N SER A 1509 -2.39 36.67 -19.92
CA SER A 1509 -1.38 36.25 -20.87
C SER A 1509 -0.23 35.54 -20.16
N ILE A 1510 0.21 36.09 -19.03
CA ILE A 1510 1.25 35.41 -18.26
C ILE A 1510 0.75 34.05 -17.77
N MET A 1511 -0.52 33.98 -17.38
CA MET A 1511 -1.10 32.70 -16.96
C MET A 1511 -1.06 31.67 -18.08
N VAL A 1512 -1.42 32.10 -19.29
CA VAL A 1512 -1.42 31.18 -20.44
C VAL A 1512 0.00 30.77 -20.80
N LEU A 1513 0.97 31.69 -20.69
CA LEU A 1513 2.35 31.32 -20.94
C LEU A 1513 2.84 30.30 -19.91
N ILE A 1514 2.41 30.44 -18.66
CA ILE A 1514 2.76 29.46 -17.63
C ILE A 1514 2.15 28.10 -17.97
N CYS A 1515 0.90 28.10 -18.45
CA CYS A 1515 0.27 26.85 -18.84
C CYS A 1515 1.01 26.19 -20.00
N LEU A 1516 1.48 26.99 -20.96
CA LEU A 1516 2.24 26.43 -22.07
C LEU A 1516 3.60 25.92 -21.63
N ASN A 1517 4.22 26.57 -20.64
CA ASN A 1517 5.43 26.03 -20.04
C ASN A 1517 5.16 24.68 -19.39
N MET A 1518 4.04 24.57 -18.68
CA MET A 1518 3.66 23.29 -18.11
C MET A 1518 3.47 22.24 -19.20
N VAL A 1519 2.90 22.63 -20.33
CA VAL A 1519 2.68 21.69 -21.43
C VAL A 1519 4.01 21.22 -22.02
N THR A 1520 4.94 22.14 -22.23
CA THR A 1520 6.22 21.73 -22.80
C THR A 1520 7.10 20.98 -21.79
N MET A 1521 6.77 21.07 -20.50
CA MET A 1521 7.38 20.15 -19.56
C MET A 1521 6.71 18.78 -19.61
N MET A 1522 5.40 18.75 -19.79
CA MET A 1522 4.68 17.49 -19.91
C MET A 1522 5.14 16.68 -21.11
N VAL A 1523 5.40 17.35 -22.23
CA VAL A 1523 5.65 16.66 -23.49
C VAL A 1523 6.92 15.81 -23.44
N GLU A 1524 7.80 16.06 -22.47
CA GLU A 1524 9.02 15.26 -22.35
C GLU A 1524 8.67 13.80 -22.05
N LYS A 1525 9.62 12.92 -22.34
CA LYS A 1525 9.42 11.49 -22.13
C LYS A 1525 10.77 10.79 -22.22
N GLU A 1526 10.77 9.48 -21.99
CA GLU A 1526 12.00 8.71 -21.97
C GLU A 1526 12.33 8.24 -23.37
N GLY A 1527 13.61 8.29 -23.71
CA GLY A 1527 14.05 7.86 -25.03
C GLY A 1527 13.70 8.81 -26.15
N GLN A 1528 13.43 10.06 -25.84
CA GLN A 1528 13.19 11.06 -26.88
C GLN A 1528 14.46 11.30 -27.68
N SER A 1529 14.29 11.67 -28.94
CA SER A 1529 15.42 11.87 -29.82
C SER A 1529 16.18 13.15 -29.45
N GLN A 1530 17.41 13.25 -29.95
CA GLN A 1530 18.25 14.41 -29.65
C GLN A 1530 17.65 15.69 -30.22
N HIS A 1531 17.02 15.59 -31.39
CA HIS A 1531 16.39 16.78 -31.98
C HIS A 1531 15.26 17.28 -31.12
N MET A 1532 14.40 16.38 -30.64
CA MET A 1532 13.32 16.78 -29.75
C MET A 1532 13.88 17.33 -28.44
N THR A 1533 14.93 16.70 -27.91
CA THR A 1533 15.53 17.18 -26.68
C THR A 1533 16.03 18.61 -26.84
N GLU A 1534 16.71 18.90 -27.96
CA GLU A 1534 17.27 20.23 -28.15
C GLU A 1534 16.18 21.26 -28.46
N VAL A 1535 15.15 20.89 -29.22
CA VAL A 1535 14.09 21.85 -29.47
C VAL A 1535 13.34 22.15 -28.17
N LEU A 1536 13.19 21.15 -27.29
CA LEU A 1536 12.59 21.42 -25.98
C LEU A 1536 13.48 22.30 -25.14
N TYR A 1537 14.79 22.07 -25.18
CA TYR A 1537 15.75 22.97 -24.56
C TYR A 1537 15.51 24.41 -24.99
N TRP A 1538 15.36 24.63 -26.30
CA TRP A 1538 15.26 26.00 -26.80
C TRP A 1538 13.90 26.61 -26.46
N ILE A 1539 12.83 25.82 -26.49
CA ILE A 1539 11.55 26.33 -26.02
C ILE A 1539 11.63 26.73 -24.55
N ASN A 1540 12.32 25.93 -23.75
CA ASN A 1540 12.45 26.25 -22.33
C ASN A 1540 13.26 27.53 -22.13
N VAL A 1541 14.33 27.72 -22.91
CA VAL A 1541 15.14 28.92 -22.72
C VAL A 1541 14.38 30.16 -23.19
N VAL A 1542 13.57 30.05 -24.25
CA VAL A 1542 12.82 31.23 -24.66
C VAL A 1542 11.71 31.52 -23.66
N PHE A 1543 11.12 30.49 -23.05
CA PHE A 1543 10.19 30.70 -21.96
C PHE A 1543 10.85 31.45 -20.82
N ILE A 1544 12.06 31.01 -20.44
CA ILE A 1544 12.80 31.65 -19.37
C ILE A 1544 13.10 33.11 -19.70
N ILE A 1545 13.50 33.37 -20.95
CA ILE A 1545 13.82 34.74 -21.35
C ILE A 1545 12.60 35.64 -21.26
N LEU A 1546 11.46 35.18 -21.78
CA LEU A 1546 10.28 36.03 -21.71
C LEU A 1546 9.76 36.18 -20.28
N PHE A 1547 9.93 35.17 -19.44
CA PHE A 1547 9.56 35.31 -18.03
C PHE A 1547 10.40 36.36 -17.33
N THR A 1548 11.73 36.28 -17.52
CA THR A 1548 12.60 37.30 -16.95
C THR A 1548 12.28 38.67 -17.53
N GLY A 1549 11.90 38.73 -18.80
CA GLY A 1549 11.57 40.02 -19.39
C GLY A 1549 10.34 40.64 -18.76
N GLU A 1550 9.28 39.85 -18.59
CA GLU A 1550 8.08 40.40 -17.96
C GLU A 1550 8.36 40.81 -16.52
N CYS A 1551 9.13 40.01 -15.79
CA CYS A 1551 9.41 40.38 -14.41
C CYS A 1551 10.27 41.64 -14.35
N VAL A 1552 11.25 41.78 -15.25
CA VAL A 1552 12.13 42.93 -15.17
C VAL A 1552 11.42 44.19 -15.62
N LEU A 1553 10.45 44.11 -16.54
CA LEU A 1553 9.77 45.34 -16.91
C LEU A 1553 8.77 45.74 -15.83
N LYS A 1554 8.08 44.77 -15.21
CA LYS A 1554 7.24 45.18 -14.08
C LYS A 1554 8.09 45.71 -12.94
N LEU A 1555 9.34 45.25 -12.80
CA LEU A 1555 10.23 45.87 -11.82
C LEU A 1555 10.63 47.28 -12.23
N ILE A 1556 10.92 47.50 -13.51
CA ILE A 1556 11.18 48.86 -13.98
C ILE A 1556 9.99 49.75 -13.67
N SER A 1557 8.79 49.19 -13.68
CA SER A 1557 7.60 49.95 -13.32
C SER A 1557 7.52 50.21 -11.81
N LEU A 1558 7.77 49.20 -10.98
CA LEU A 1558 7.49 49.26 -9.55
C LEU A 1558 8.75 49.09 -8.71
N ARG A 1559 9.86 49.69 -9.14
CA ARG A 1559 11.12 49.66 -8.41
C ARG A 1559 10.99 49.68 -6.88
N HIS A 1560 10.16 50.58 -6.34
CA HIS A 1560 10.10 50.74 -4.90
C HIS A 1560 8.95 50.00 -4.24
N TYR A 1561 8.07 49.36 -5.00
CA TYR A 1561 6.86 48.78 -4.44
C TYR A 1561 6.65 47.32 -4.85
N TYR A 1562 7.53 46.76 -5.69
CA TYR A 1562 7.33 45.40 -6.19
C TYR A 1562 7.51 44.38 -5.07
N PHE A 1563 8.65 44.42 -4.41
CA PHE A 1563 8.97 43.39 -3.41
C PHE A 1563 8.11 43.47 -2.16
N THR A 1564 7.13 44.37 -2.08
CA THR A 1564 6.25 44.44 -0.93
C THR A 1564 5.12 43.41 -0.98
N VAL A 1565 5.16 42.46 -1.92
CA VAL A 1565 4.12 41.46 -2.09
C VAL A 1565 4.76 40.08 -2.13
N GLY A 1566 4.11 39.13 -1.46
CA GLY A 1566 4.63 37.77 -1.42
C GLY A 1566 4.67 37.12 -2.78
N TRP A 1567 3.62 37.33 -3.59
CA TRP A 1567 3.60 36.69 -4.90
C TRP A 1567 4.61 37.33 -5.84
N ASN A 1568 4.84 38.64 -5.72
CA ASN A 1568 5.88 39.27 -6.53
C ASN A 1568 7.27 38.79 -6.13
N ILE A 1569 7.53 38.65 -4.82
CA ILE A 1569 8.85 38.15 -4.44
C ILE A 1569 8.99 36.68 -4.83
N PHE A 1570 7.90 35.91 -4.82
CA PHE A 1570 7.99 34.53 -5.29
C PHE A 1570 8.26 34.46 -6.78
N ASP A 1571 7.66 35.35 -7.56
CA ASP A 1571 7.95 35.43 -8.98
C ASP A 1571 9.43 35.75 -9.21
N PHE A 1572 9.94 36.74 -8.49
CA PHE A 1572 11.37 37.07 -8.58
C PHE A 1572 12.22 35.84 -8.25
N VAL A 1573 11.87 35.14 -7.16
CA VAL A 1573 12.66 33.99 -6.72
C VAL A 1573 12.64 32.89 -7.77
N VAL A 1574 11.48 32.65 -8.39
CA VAL A 1574 11.41 31.51 -9.31
C VAL A 1574 12.14 31.84 -10.61
N VAL A 1575 12.03 33.08 -11.10
CA VAL A 1575 12.78 33.42 -12.30
C VAL A 1575 14.28 33.35 -12.03
N ILE A 1576 14.71 33.79 -10.83
CA ILE A 1576 16.13 33.70 -10.49
C ILE A 1576 16.59 32.25 -10.43
N ILE A 1577 15.81 31.40 -9.76
CA ILE A 1577 16.26 30.02 -9.58
C ILE A 1577 16.22 29.27 -10.92
N SER A 1578 15.30 29.64 -11.81
CA SER A 1578 15.26 28.98 -13.11
C SER A 1578 16.45 29.39 -13.98
N ILE A 1579 16.76 30.69 -14.02
CA ILE A 1579 17.92 31.12 -14.81
C ILE A 1579 19.20 30.50 -14.25
N VAL A 1580 19.31 30.42 -12.92
CA VAL A 1580 20.55 29.90 -12.36
C VAL A 1580 20.62 28.40 -12.59
N GLY A 1581 19.49 27.70 -12.57
CA GLY A 1581 19.51 26.27 -12.87
C GLY A 1581 19.92 25.99 -14.30
N MET A 1582 19.44 26.79 -15.25
CA MET A 1582 19.81 26.49 -16.64
C MET A 1582 21.25 26.89 -16.92
N PHE A 1583 21.72 28.01 -16.35
CA PHE A 1583 23.14 28.32 -16.51
C PHE A 1583 24.02 27.34 -15.75
N LEU A 1584 23.52 26.75 -14.67
CA LEU A 1584 24.31 25.74 -13.96
C LEU A 1584 24.35 24.43 -14.73
N ALA A 1585 23.28 24.11 -15.47
CA ALA A 1585 23.35 22.97 -16.38
C ALA A 1585 24.39 23.21 -17.47
N ASP A 1586 24.43 24.44 -18.00
CA ASP A 1586 25.49 24.78 -18.95
C ASP A 1586 26.88 24.61 -18.34
N LEU A 1587 27.08 25.13 -17.13
CA LEU A 1587 28.38 24.98 -16.48
C LEU A 1587 28.67 23.53 -16.12
N ILE A 1588 27.64 22.73 -15.83
CA ILE A 1588 27.85 21.30 -15.61
C ILE A 1588 28.41 20.66 -16.87
N GLU A 1589 27.70 20.82 -17.99
CA GLU A 1589 28.22 20.44 -19.30
C GLU A 1589 29.68 20.83 -19.48
N THR A 1590 30.02 22.07 -19.16
CA THR A 1590 31.37 22.55 -19.46
C THR A 1590 32.42 21.97 -18.51
N TYR A 1591 32.10 21.84 -17.23
CA TYR A 1591 33.09 21.61 -16.19
C TYR A 1591 33.05 20.21 -15.59
N PHE A 1592 31.87 19.73 -15.20
CA PHE A 1592 31.75 18.63 -14.27
C PHE A 1592 30.86 17.54 -14.83
N VAL A 1593 30.60 16.51 -14.02
CA VAL A 1593 29.73 15.40 -14.39
C VAL A 1593 28.99 14.97 -13.14
N SER A 1594 27.68 15.20 -13.12
CA SER A 1594 26.82 14.76 -12.02
C SER A 1594 25.39 14.65 -12.50
N PRO A 1595 24.92 13.45 -12.87
CA PRO A 1595 23.53 13.34 -13.37
C PRO A 1595 22.49 13.58 -12.30
N THR A 1596 22.69 13.06 -11.09
CA THR A 1596 21.71 13.25 -10.03
C THR A 1596 21.58 14.72 -9.66
N LEU A 1597 22.71 15.41 -9.47
CA LEU A 1597 22.66 16.84 -9.18
C LEU A 1597 22.10 17.61 -10.36
N PHE A 1598 22.40 17.18 -11.58
CA PHE A 1598 21.82 17.80 -12.76
C PHE A 1598 20.30 17.77 -12.72
N ARG A 1599 19.73 16.59 -12.44
CA ARG A 1599 18.28 16.45 -12.39
C ARG A 1599 17.69 17.27 -11.24
N VAL A 1600 18.31 17.21 -10.07
CA VAL A 1600 17.77 17.94 -8.92
C VAL A 1600 17.91 19.44 -9.09
N ILE A 1601 18.81 19.90 -9.95
CA ILE A 1601 18.88 21.33 -10.25
C ILE A 1601 17.86 21.69 -11.34
N ARG A 1602 17.67 20.82 -12.32
CA ARG A 1602 16.60 21.01 -13.30
C ARG A 1602 15.25 21.13 -12.62
N LEU A 1603 15.07 20.45 -11.49
CA LEU A 1603 13.82 20.56 -10.73
C LEU A 1603 13.48 21.99 -10.34
N ALA A 1604 14.40 22.95 -10.52
CA ALA A 1604 14.13 24.32 -10.14
C ALA A 1604 13.08 24.98 -11.04
N ARG A 1605 12.94 24.51 -12.27
CA ARG A 1605 12.03 25.14 -13.22
C ARG A 1605 10.56 24.89 -12.89
N ILE A 1606 10.27 24.01 -11.94
CA ILE A 1606 8.89 23.71 -11.58
C ILE A 1606 8.24 24.86 -10.82
N GLY A 1607 9.03 25.81 -10.29
CA GLY A 1607 8.45 26.99 -9.68
C GLY A 1607 7.65 27.82 -10.67
N ARG A 1608 8.08 27.85 -11.93
CA ARG A 1608 7.35 28.62 -12.94
C ARG A 1608 5.94 28.09 -13.10
N ILE A 1609 5.75 26.77 -12.94
CA ILE A 1609 4.40 26.22 -13.01
C ILE A 1609 3.69 26.35 -11.67
N LEU A 1610 4.42 26.23 -10.57
CA LEU A 1610 3.81 26.47 -9.25
C LEU A 1610 3.27 27.88 -9.12
N ARG A 1611 3.75 28.79 -9.96
CA ARG A 1611 3.14 30.12 -10.06
C ARG A 1611 1.69 30.08 -10.51
N LEU A 1612 1.16 28.91 -10.91
CA LEU A 1612 -0.19 28.84 -11.43
C LEU A 1612 -1.23 29.15 -10.36
N VAL A 1613 -0.95 28.79 -9.10
CA VAL A 1613 -1.93 28.99 -8.03
C VAL A 1613 -2.09 30.45 -7.65
N LYS A 1614 -1.36 31.36 -8.31
CA LYS A 1614 -1.53 32.78 -8.04
C LYS A 1614 -2.91 33.27 -8.46
N GLY A 1615 -3.41 32.78 -9.59
CA GLY A 1615 -4.67 33.25 -10.12
C GLY A 1615 -5.84 32.31 -9.95
N ALA A 1616 -5.57 31.05 -9.58
CA ALA A 1616 -6.61 30.05 -9.39
C ALA A 1616 -7.07 30.11 -7.95
N LYS A 1617 -8.17 30.83 -7.70
CA LYS A 1617 -8.62 31.10 -6.34
C LYS A 1617 -9.19 29.86 -5.67
N GLY A 1618 -9.94 29.05 -6.41
CA GLY A 1618 -10.53 27.84 -5.87
C GLY A 1618 -9.52 26.83 -5.37
N ILE A 1619 -8.25 27.00 -5.71
CA ILE A 1619 -7.19 26.16 -5.19
C ILE A 1619 -6.23 26.94 -4.29
N ARG A 1620 -6.10 28.26 -4.48
CA ARG A 1620 -5.35 29.07 -3.53
C ARG A 1620 -6.00 29.05 -2.15
N THR A 1621 -7.33 28.96 -2.10
CA THR A 1621 -8.02 28.86 -0.82
C THR A 1621 -7.62 27.58 -0.08
N LEU A 1622 -7.60 26.45 -0.78
CA LEU A 1622 -7.26 25.20 -0.13
C LEU A 1622 -5.77 25.11 0.17
N LEU A 1623 -4.93 25.78 -0.62
CA LEU A 1623 -3.52 25.86 -0.26
C LEU A 1623 -3.32 26.67 1.02
N PHE A 1624 -4.06 27.77 1.16
CA PHE A 1624 -4.03 28.50 2.43
C PHE A 1624 -4.55 27.66 3.58
N ALA A 1625 -5.56 26.81 3.32
CA ALA A 1625 -6.05 25.90 4.36
C ALA A 1625 -4.94 24.96 4.82
N LEU A 1626 -4.21 24.37 3.87
CA LEU A 1626 -3.11 23.49 4.24
C LEU A 1626 -2.01 24.25 4.99
N MET A 1627 -1.74 25.48 4.57
CA MET A 1627 -0.74 26.28 5.26
C MET A 1627 -1.16 26.57 6.71
N MET A 1628 -2.45 26.83 6.91
CA MET A 1628 -2.96 27.03 8.26
C MET A 1628 -2.86 25.75 9.09
N SER A 1629 -3.13 24.62 8.46
CA SER A 1629 -3.06 23.34 9.16
C SER A 1629 -1.62 22.89 9.41
N LEU A 1630 -0.64 23.55 8.77
CA LEU A 1630 0.75 23.13 8.94
C LEU A 1630 1.27 23.11 10.39
N PRO A 1631 0.94 24.06 11.28
CA PRO A 1631 1.49 23.96 12.65
C PRO A 1631 1.01 22.75 13.45
N ALA A 1632 -0.30 22.50 13.47
CA ALA A 1632 -0.81 21.30 14.13
C ALA A 1632 -0.23 20.06 13.47
N LEU A 1633 -0.06 20.09 12.15
CA LEU A 1633 0.56 18.98 11.45
C LEU A 1633 2.00 18.80 11.89
N PHE A 1634 2.70 19.89 12.19
CA PHE A 1634 4.09 19.79 12.62
C PHE A 1634 4.18 19.18 14.01
N ASN A 1635 3.25 19.54 14.89
CA ASN A 1635 3.22 18.92 16.22
C ASN A 1635 2.91 17.43 16.12
N ILE A 1636 1.91 17.08 15.31
CA ILE A 1636 1.59 15.67 15.08
C ILE A 1636 2.77 14.96 14.46
N GLY A 1637 3.52 15.63 13.58
CA GLY A 1637 4.67 14.99 12.96
C GLY A 1637 5.82 14.81 13.93
N LEU A 1638 6.03 15.77 14.82
CA LEU A 1638 6.98 15.59 15.91
C LEU A 1638 6.66 14.33 16.71
N LEU A 1639 5.39 14.21 17.13
CA LEU A 1639 5.01 13.03 17.92
C LEU A 1639 5.14 11.76 17.10
N LEU A 1640 4.76 11.80 15.82
CA LEU A 1640 4.86 10.62 14.97
C LEU A 1640 6.32 10.24 14.74
N PHE A 1641 7.20 11.22 14.62
CA PHE A 1641 8.62 10.92 14.46
C PHE A 1641 9.22 10.35 15.73
N LEU A 1642 8.78 10.81 16.90
CA LEU A 1642 9.27 10.21 18.14
C LEU A 1642 8.76 8.78 18.31
N VAL A 1643 7.50 8.54 17.95
CA VAL A 1643 6.97 7.18 17.99
C VAL A 1643 7.70 6.31 16.99
N MET A 1644 8.02 6.85 15.81
CA MET A 1644 8.76 6.12 14.81
C MET A 1644 10.18 5.82 15.27
N PHE A 1645 10.81 6.78 15.96
CA PHE A 1645 12.13 6.56 16.52
C PHE A 1645 12.12 5.42 17.52
N ILE A 1646 11.18 5.46 18.47
CA ILE A 1646 11.09 4.40 19.47
C ILE A 1646 10.86 3.05 18.81
N TYR A 1647 9.94 3.00 17.83
CA TYR A 1647 9.65 1.74 17.16
C TYR A 1647 10.81 1.29 16.30
N ALA A 1648 11.57 2.21 15.72
CA ALA A 1648 12.72 1.84 14.90
C ALA A 1648 13.85 1.29 15.74
N ILE A 1649 14.06 1.84 16.94
CA ILE A 1649 15.06 1.26 17.83
C ILE A 1649 14.61 -0.12 18.30
N PHE A 1650 13.31 -0.27 18.60
CA PHE A 1650 12.80 -1.58 18.97
C PHE A 1650 12.97 -2.58 17.82
N GLY A 1651 12.74 -2.12 16.59
CA GLY A 1651 12.99 -2.93 15.41
C GLY A 1651 14.43 -3.35 15.29
N MET A 1652 15.34 -2.38 15.21
CA MET A 1652 16.77 -2.68 15.11
C MET A 1652 17.22 -3.65 16.20
N SER A 1653 16.57 -3.62 17.37
CA SER A 1653 16.99 -4.53 18.42
C SER A 1653 16.41 -5.93 18.22
N ASN A 1654 15.11 -6.04 17.96
CA ASN A 1654 14.47 -7.35 17.89
C ASN A 1654 14.46 -7.95 16.48
N PHE A 1655 13.91 -7.21 15.51
CA PHE A 1655 13.59 -7.76 14.20
C PHE A 1655 14.76 -7.70 13.23
N ALA A 1656 15.90 -7.17 13.63
CA ALA A 1656 17.10 -7.40 12.84
C ALA A 1656 17.46 -8.88 12.97
N TYR A 1657 17.99 -9.43 11.88
CA TYR A 1657 18.33 -10.85 11.73
C TYR A 1657 17.11 -11.74 11.53
N VAL A 1658 15.91 -11.18 11.31
CA VAL A 1658 14.81 -12.05 10.91
C VAL A 1658 15.06 -12.57 9.50
N LYS A 1659 14.29 -13.57 9.11
CA LYS A 1659 14.40 -14.13 7.78
C LYS A 1659 13.77 -13.12 6.84
N LYS A 1660 14.28 -12.96 5.63
CA LYS A 1660 13.74 -11.97 4.72
C LYS A 1660 12.66 -12.54 3.78
N GLU A 1661 11.44 -12.06 3.95
CA GLU A 1661 10.29 -12.48 3.16
C GLU A 1661 9.30 -11.33 3.00
N ASP A 1662 8.58 -11.29 1.89
CA ASP A 1662 7.58 -10.24 1.66
C ASP A 1662 8.18 -8.85 1.80
N GLY A 1663 7.69 -8.13 2.79
CA GLY A 1663 8.11 -6.78 3.08
C GLY A 1663 9.55 -6.58 3.49
N ILE A 1664 10.18 -7.62 4.03
CA ILE A 1664 11.57 -7.57 4.47
C ILE A 1664 12.52 -8.21 3.47
N ASN A 1665 13.48 -7.43 2.97
CA ASN A 1665 14.45 -7.88 1.97
C ASN A 1665 15.79 -7.17 2.21
N ASP A 1666 16.60 -6.96 1.17
CA ASP A 1666 17.84 -6.23 1.40
C ASP A 1666 17.57 -4.74 1.51
N MET A 1667 16.74 -4.22 0.63
CA MET A 1667 16.41 -2.81 0.68
C MET A 1667 15.59 -2.38 1.90
N PHE A 1668 14.57 -3.16 2.26
CA PHE A 1668 13.69 -2.83 3.39
C PHE A 1668 13.65 -3.90 4.45
N ASN A 1669 14.23 -3.59 5.60
CA ASN A 1669 14.30 -4.46 6.75
C ASN A 1669 14.74 -3.62 7.94
N PHE A 1670 14.71 -4.20 9.13
CA PHE A 1670 15.13 -3.43 10.29
C PHE A 1670 16.61 -3.66 10.61
N GLU A 1671 17.51 -3.69 9.62
CA GLU A 1671 18.88 -3.97 10.03
C GLU A 1671 19.63 -2.71 10.44
N THR A 1672 19.27 -1.56 9.90
CA THR A 1672 19.89 -0.30 10.30
C THR A 1672 18.79 0.74 10.51
N PHE A 1673 19.20 1.94 10.89
CA PHE A 1673 18.23 2.99 11.19
C PHE A 1673 17.52 3.46 9.94
N GLY A 1674 18.26 3.61 8.84
CA GLY A 1674 17.61 3.99 7.58
C GLY A 1674 16.56 2.99 7.15
N ASN A 1675 16.93 1.70 7.14
CA ASN A 1675 15.99 0.66 6.73
C ASN A 1675 14.80 0.58 7.67
N SER A 1676 15.03 0.76 8.98
CA SER A 1676 13.93 0.66 9.91
C SER A 1676 12.98 1.84 9.76
N MET A 1677 13.51 3.04 9.57
CA MET A 1677 12.64 4.19 9.41
C MET A 1677 11.91 4.17 8.07
N ILE A 1678 12.50 3.61 7.03
CA ILE A 1678 11.75 3.53 5.77
C ILE A 1678 10.63 2.48 5.87
N CYS A 1679 10.91 1.33 6.51
CA CYS A 1679 9.83 0.37 6.77
C CYS A 1679 8.74 0.99 7.63
N LEU A 1680 9.12 1.79 8.63
CA LEU A 1680 8.13 2.37 9.52
C LEU A 1680 7.31 3.46 8.84
N PHE A 1681 7.93 4.23 7.93
CA PHE A 1681 7.13 5.19 7.18
C PHE A 1681 6.20 4.49 6.20
N GLN A 1682 6.62 3.35 5.65
CA GLN A 1682 5.71 2.55 4.84
C GLN A 1682 4.52 2.09 5.68
N ILE A 1683 4.76 1.66 6.91
CA ILE A 1683 3.69 1.18 7.77
C ILE A 1683 2.80 2.31 8.28
N THR A 1684 3.35 3.52 8.45
CA THR A 1684 2.55 4.64 8.98
C THR A 1684 1.23 4.79 8.24
N THR A 1685 1.22 4.58 6.93
CA THR A 1685 -0.01 4.55 6.15
C THR A 1685 -0.63 3.16 6.09
N SER A 1686 -0.24 2.27 7.00
CA SER A 1686 -0.75 0.90 7.10
C SER A 1686 -0.37 0.05 5.89
N ALA A 1687 0.38 0.62 4.96
CA ALA A 1687 0.72 -0.07 3.72
C ALA A 1687 1.77 -1.13 3.97
N GLY A 1688 1.46 -2.38 3.63
CA GLY A 1688 2.45 -3.43 3.70
C GLY A 1688 2.80 -3.89 5.08
N TRP A 1689 2.01 -3.54 6.10
CA TRP A 1689 2.31 -3.99 7.45
C TRP A 1689 2.17 -5.49 7.57
N ASP A 1690 1.29 -6.10 6.78
CA ASP A 1690 1.18 -7.56 6.78
C ASP A 1690 2.43 -8.20 6.21
N GLY A 1691 2.97 -7.66 5.12
CA GLY A 1691 4.19 -8.19 4.56
C GLY A 1691 5.36 -8.01 5.50
N LEU A 1692 5.42 -6.88 6.19
CA LEU A 1692 6.50 -6.68 7.16
C LEU A 1692 6.37 -7.63 8.34
N LEU A 1693 5.14 -7.88 8.82
CA LEU A 1693 4.95 -8.77 9.96
C LEU A 1693 5.11 -10.24 9.61
N ALA A 1694 4.92 -10.62 8.35
CA ALA A 1694 4.94 -12.04 8.01
C ALA A 1694 6.29 -12.73 8.22
N PRO A 1695 7.45 -12.09 8.03
CA PRO A 1695 8.71 -12.78 8.37
C PRO A 1695 8.96 -12.88 9.87
N ILE A 1696 8.39 -11.97 10.66
CA ILE A 1696 8.50 -12.07 12.12
C ILE A 1696 7.66 -13.20 12.65
N LEU A 1697 6.40 -13.29 12.18
CA LEU A 1697 5.46 -14.27 12.72
C LEU A 1697 5.93 -15.71 12.60
N ASN A 1698 6.99 -15.99 11.84
CA ASN A 1698 7.43 -17.36 11.70
C ASN A 1698 8.58 -17.64 12.66
N SER A 1699 8.44 -18.75 13.40
CA SER A 1699 9.49 -19.35 14.19
C SER A 1699 9.30 -20.86 14.06
N LYS A 1700 10.00 -21.62 14.91
CA LYS A 1700 9.75 -23.06 14.97
C LYS A 1700 9.95 -23.72 13.61
N PRO A 1701 11.20 -23.92 13.21
CA PRO A 1701 11.52 -24.46 11.87
C PRO A 1701 10.59 -25.59 11.45
N PRO A 1702 10.37 -25.79 10.15
CA PRO A 1702 11.12 -25.22 9.02
C PRO A 1702 10.74 -23.82 8.55
N ASP A 1703 10.07 -23.05 9.40
CA ASP A 1703 9.91 -21.62 9.15
C ASP A 1703 11.17 -20.83 9.46
N CYS A 1704 12.25 -21.49 9.87
CA CYS A 1704 13.39 -20.81 10.48
C CYS A 1704 14.61 -21.73 10.55
N ASP A 1705 15.63 -21.22 11.21
CA ASP A 1705 16.79 -21.87 11.78
C ASP A 1705 17.04 -21.14 13.09
N PRO A 1706 16.79 -21.75 14.25
CA PRO A 1706 16.85 -21.00 15.50
C PRO A 1706 18.25 -20.82 16.03
N LYS A 1707 19.23 -21.50 15.45
CA LYS A 1707 20.65 -21.33 15.82
C LYS A 1707 21.43 -21.16 14.53
N LYS A 1708 21.45 -19.93 14.01
CA LYS A 1708 22.25 -19.59 12.85
C LYS A 1708 23.58 -19.03 13.30
N VAL A 1709 24.37 -18.54 12.35
CA VAL A 1709 25.68 -17.99 12.64
C VAL A 1709 25.73 -16.50 12.38
N HIS A 1710 25.16 -16.04 11.27
CA HIS A 1710 25.16 -14.63 10.89
C HIS A 1710 26.58 -14.07 10.91
N PRO A 1711 27.42 -14.41 9.94
CA PRO A 1711 28.83 -14.01 9.96
C PRO A 1711 29.00 -12.52 10.20
N GLY A 1712 29.89 -12.18 11.13
CA GLY A 1712 30.15 -10.81 11.50
C GLY A 1712 29.43 -10.34 12.75
N SER A 1713 28.80 -11.24 13.49
CA SER A 1713 28.07 -10.89 14.70
C SER A 1713 27.83 -12.15 15.51
N SER A 1714 27.61 -11.95 16.81
CA SER A 1714 27.41 -13.06 17.74
C SER A 1714 25.96 -13.51 17.83
N VAL A 1715 25.04 -12.80 17.18
CA VAL A 1715 23.62 -13.15 17.26
C VAL A 1715 23.38 -14.51 16.61
N GLU A 1716 22.38 -15.23 17.13
CA GLU A 1716 22.04 -16.54 16.62
C GLU A 1716 20.55 -16.59 16.28
N GLY A 1717 20.21 -17.44 15.30
CA GLY A 1717 18.83 -17.63 14.92
C GLY A 1717 18.29 -16.52 14.04
N ASP A 1718 17.49 -16.89 13.04
CA ASP A 1718 17.00 -15.88 12.13
C ASP A 1718 15.49 -15.78 12.06
N CYS A 1719 14.81 -15.92 13.19
CA CYS A 1719 13.41 -15.53 13.28
C CYS A 1719 13.13 -14.69 14.52
N GLY A 1720 11.88 -14.23 14.58
CA GLY A 1720 11.47 -13.30 15.61
C GLY A 1720 10.34 -13.86 16.45
N ASN A 1721 10.21 -13.33 17.66
CA ASN A 1721 9.18 -13.79 18.58
C ASN A 1721 7.82 -13.32 18.08
N PRO A 1722 6.88 -14.24 17.81
CA PRO A 1722 5.58 -13.80 17.27
C PRO A 1722 4.81 -12.91 18.21
N SER A 1723 4.94 -13.11 19.52
CA SER A 1723 4.24 -12.26 20.48
C SER A 1723 4.64 -10.80 20.31
N VAL A 1724 5.93 -10.51 20.42
CA VAL A 1724 6.38 -9.13 20.30
C VAL A 1724 6.20 -8.62 18.88
N GLY A 1725 6.27 -9.50 17.88
CA GLY A 1725 6.02 -9.05 16.52
C GLY A 1725 4.61 -8.56 16.30
N ILE A 1726 3.63 -9.38 16.70
CA ILE A 1726 2.23 -8.99 16.59
C ILE A 1726 1.98 -7.72 17.41
N PHE A 1727 2.52 -7.67 18.63
CA PHE A 1727 2.30 -6.49 19.47
C PHE A 1727 2.87 -5.25 18.81
N TYR A 1728 4.14 -5.30 18.41
CA TYR A 1728 4.79 -4.20 17.71
C TYR A 1728 3.94 -3.68 16.57
N PHE A 1729 3.59 -4.57 15.63
CA PHE A 1729 2.97 -4.09 14.40
C PHE A 1729 1.53 -3.65 14.62
N VAL A 1730 0.75 -4.38 15.41
CA VAL A 1730 -0.62 -3.98 15.68
C VAL A 1730 -0.66 -2.65 16.44
N SER A 1731 0.16 -2.52 17.49
CA SER A 1731 0.18 -1.27 18.24
C SER A 1731 0.63 -0.12 17.37
N TYR A 1732 1.59 -0.35 16.46
CA TYR A 1732 2.05 0.76 15.64
C TYR A 1732 0.98 1.18 14.64
N ILE A 1733 0.29 0.21 14.02
CA ILE A 1733 -0.75 0.61 13.08
C ILE A 1733 -1.90 1.29 13.80
N ILE A 1734 -2.17 0.92 15.06
CA ILE A 1734 -3.26 1.58 15.78
C ILE A 1734 -2.85 2.99 16.21
N ILE A 1735 -1.61 3.18 16.66
CA ILE A 1735 -1.15 4.51 17.02
C ILE A 1735 -1.08 5.40 15.79
N SER A 1736 -0.64 4.84 14.66
CA SER A 1736 -0.63 5.60 13.41
C SER A 1736 -2.04 5.93 12.97
N PHE A 1737 -3.01 5.04 13.22
CA PHE A 1737 -4.40 5.35 12.89
C PHE A 1737 -4.90 6.51 13.75
N LEU A 1738 -4.56 6.50 15.04
CA LEU A 1738 -5.01 7.60 15.90
C LEU A 1738 -4.35 8.92 15.52
N VAL A 1739 -3.09 8.91 15.12
CA VAL A 1739 -2.47 10.16 14.69
C VAL A 1739 -2.94 10.56 13.28
N VAL A 1740 -3.33 9.59 12.46
CA VAL A 1740 -3.99 9.92 11.19
C VAL A 1740 -5.31 10.63 11.46
N VAL A 1741 -6.06 10.14 12.45
CA VAL A 1741 -7.29 10.82 12.83
C VAL A 1741 -6.98 12.23 13.34
N ASN A 1742 -5.91 12.38 14.11
CA ASN A 1742 -5.49 13.70 14.57
C ASN A 1742 -5.26 14.65 13.39
N MET A 1743 -4.49 14.21 12.40
CA MET A 1743 -4.21 15.07 11.26
C MET A 1743 -5.46 15.29 10.42
N TYR A 1744 -6.33 14.29 10.35
CA TYR A 1744 -7.63 14.42 9.70
C TYR A 1744 -8.46 15.52 10.34
N ILE A 1745 -8.44 15.59 11.67
CA ILE A 1745 -9.20 16.62 12.36
C ILE A 1745 -8.58 17.97 12.11
N ALA A 1746 -7.25 18.03 12.08
CA ALA A 1746 -6.58 19.29 11.73
C ALA A 1746 -7.04 19.78 10.36
N VAL A 1747 -7.05 18.88 9.37
CA VAL A 1747 -7.46 19.26 8.02
C VAL A 1747 -8.90 19.75 8.01
N ILE A 1748 -9.79 19.01 8.68
CA ILE A 1748 -11.21 19.38 8.68
C ILE A 1748 -11.40 20.74 9.35
N LEU A 1749 -10.79 20.93 10.52
CA LEU A 1749 -10.96 22.17 11.25
C LEU A 1749 -10.46 23.36 10.44
N GLU A 1750 -9.29 23.23 9.82
CA GLU A 1750 -8.76 24.37 9.09
C GLU A 1750 -9.49 24.60 7.77
N ASN A 1751 -10.04 23.55 7.15
CA ASN A 1751 -10.88 23.76 5.98
C ASN A 1751 -12.15 24.49 6.36
N PHE A 1752 -12.80 24.08 7.44
CA PHE A 1752 -13.97 24.81 7.94
C PHE A 1752 -13.61 26.27 8.17
N SER A 1753 -12.49 26.53 8.84
CA SER A 1753 -12.08 27.88 9.17
C SER A 1753 -11.89 28.72 7.91
N VAL A 1754 -11.11 28.21 6.95
CA VAL A 1754 -10.82 29.01 5.76
C VAL A 1754 -12.09 29.22 4.93
N ALA A 1755 -12.98 28.22 4.89
CA ALA A 1755 -14.21 28.39 4.14
C ALA A 1755 -15.09 29.47 4.74
N THR A 1756 -15.34 29.41 6.06
CA THR A 1756 -16.29 30.36 6.64
C THR A 1756 -15.67 31.75 6.77
N GLU A 1757 -14.37 31.84 7.04
CA GLU A 1757 -13.74 33.12 7.27
C GLU A 1757 -12.99 33.61 6.03
N GLY B 20 21.73 -10.29 8.74
CA GLY B 20 22.48 -10.63 7.55
C GLY B 20 23.99 -10.62 7.78
N CYS B 21 24.74 -10.75 6.70
CA CYS B 21 26.20 -10.77 6.83
C CYS B 21 26.75 -9.35 6.86
N VAL B 22 27.94 -9.22 7.43
CA VAL B 22 28.61 -7.94 7.57
C VAL B 22 30.11 -8.16 7.54
N GLU B 23 30.80 -7.41 6.68
CA GLU B 23 32.26 -7.53 6.55
C GLU B 23 32.89 -6.68 7.63
N VAL B 24 33.53 -7.33 8.59
CA VAL B 24 34.22 -6.65 9.68
C VAL B 24 35.71 -6.92 9.58
N ASP B 25 36.51 -5.89 9.81
CA ASP B 25 37.95 -6.00 9.70
C ASP B 25 38.52 -6.76 10.90
N SER B 26 39.52 -7.60 10.64
CA SER B 26 40.13 -8.39 11.69
C SER B 26 40.86 -7.50 12.68
N GLU B 27 41.30 -8.11 13.79
CA GLU B 27 42.07 -7.43 14.80
C GLU B 27 43.55 -7.57 14.49
N THR B 28 44.27 -6.45 14.49
CA THR B 28 45.63 -6.40 13.97
C THR B 28 46.69 -6.47 15.07
N GLU B 29 46.35 -7.06 16.22
CA GLU B 29 47.28 -7.09 17.36
C GLU B 29 47.04 -8.36 18.17
N ALA B 30 47.81 -9.40 17.89
CA ALA B 30 47.79 -10.60 18.70
C ALA B 30 48.65 -10.42 19.95
N VAL B 31 48.66 -11.44 20.79
CA VAL B 31 49.45 -11.45 22.02
C VAL B 31 50.08 -12.83 22.19
N TYR B 32 51.36 -12.85 22.54
CA TYR B 32 52.14 -14.08 22.55
C TYR B 32 51.52 -15.14 23.45
N GLY B 33 51.71 -16.40 23.08
CA GLY B 33 51.29 -17.54 23.88
C GLY B 33 49.80 -17.65 24.10
N MET B 34 49.01 -16.94 23.30
CA MET B 34 47.56 -16.93 23.41
C MET B 34 46.93 -17.45 22.11
N THR B 35 45.62 -17.31 22.02
CA THR B 35 44.86 -17.70 20.83
C THR B 35 44.38 -16.47 20.09
N PHE B 36 44.19 -16.62 18.77
CA PHE B 36 43.77 -15.48 17.95
C PHE B 36 43.01 -15.97 16.73
N LYS B 37 41.88 -15.32 16.46
CA LYS B 37 41.01 -15.61 15.33
C LYS B 37 41.17 -14.49 14.30
N ILE B 38 41.68 -14.83 13.12
CA ILE B 38 41.88 -13.86 12.05
C ILE B 38 40.59 -13.77 11.24
N LEU B 39 40.00 -12.58 11.20
CA LEU B 39 38.73 -12.38 10.50
C LEU B 39 38.97 -12.09 9.03
N CYS B 40 38.20 -12.76 8.17
CA CYS B 40 38.10 -12.41 6.76
C CYS B 40 36.68 -12.76 6.32
N ILE B 41 35.80 -11.76 6.32
CA ILE B 41 34.40 -11.94 5.97
C ILE B 41 34.15 -11.19 4.66
N SER B 42 33.68 -11.91 3.65
CA SER B 42 33.40 -11.33 2.34
C SER B 42 32.03 -11.84 1.89
N CYS B 43 30.99 -11.06 2.17
CA CYS B 43 29.64 -11.43 1.78
C CYS B 43 29.32 -10.92 0.39
N LYS B 44 28.24 -11.46 -0.17
CA LYS B 44 27.81 -11.19 -1.53
C LYS B 44 27.03 -9.89 -1.60
N ARG B 45 26.81 -9.42 -2.83
CA ARG B 45 25.97 -8.25 -3.05
C ARG B 45 24.49 -8.57 -2.89
N ARG B 46 24.11 -9.83 -3.10
CA ARG B 46 22.73 -10.26 -2.90
C ARG B 46 22.78 -11.61 -2.19
N SER B 47 22.22 -11.67 -0.98
CA SER B 47 22.38 -12.87 -0.17
C SER B 47 21.53 -14.03 -0.66
N GLU B 48 20.53 -13.77 -1.51
CA GLU B 48 19.72 -14.86 -2.04
C GLU B 48 20.48 -15.69 -3.07
N THR B 49 21.53 -15.15 -3.67
CA THR B 49 22.30 -15.87 -4.67
C THR B 49 22.85 -17.16 -4.09
N ASN B 50 22.87 -18.21 -4.92
CA ASN B 50 23.39 -19.51 -4.52
C ASN B 50 24.82 -19.62 -5.01
N ALA B 51 25.73 -18.94 -4.33
CA ALA B 51 27.12 -18.93 -4.72
C ALA B 51 27.80 -20.24 -4.31
N GLU B 52 29.08 -20.37 -4.67
CA GLU B 52 29.91 -21.51 -4.30
C GLU B 52 31.31 -20.98 -4.09
N THR B 53 31.83 -21.14 -2.87
CA THR B 53 33.07 -20.48 -2.46
C THR B 53 34.00 -21.46 -1.76
N PHE B 54 35.30 -21.30 -2.01
CA PHE B 54 36.34 -21.85 -1.17
C PHE B 54 37.39 -20.76 -0.98
N THR B 55 38.39 -21.04 -0.16
CA THR B 55 39.33 -20.00 0.23
C THR B 55 40.76 -20.53 0.28
N GLU B 56 41.70 -19.60 0.15
CA GLU B 56 43.12 -19.90 0.20
C GLU B 56 43.83 -18.79 0.95
N TRP B 57 44.77 -19.17 1.81
CA TRP B 57 45.48 -18.23 2.67
C TRP B 57 46.96 -18.23 2.32
N THR B 58 47.51 -17.03 2.11
CA THR B 58 48.94 -16.85 1.89
C THR B 58 49.50 -15.89 2.92
N PHE B 59 50.72 -16.15 3.35
CA PHE B 59 51.31 -15.47 4.51
C PHE B 59 52.78 -15.20 4.28
N ARG B 60 53.21 -13.99 4.66
CA ARG B 60 54.63 -13.64 4.68
C ARG B 60 54.98 -13.18 6.08
N GLN B 61 56.10 -13.65 6.60
CA GLN B 61 56.54 -13.24 7.93
C GLN B 61 57.03 -11.79 7.90
N LYS B 62 57.43 -11.30 9.06
CA LYS B 62 57.95 -9.94 9.15
C LYS B 62 59.35 -9.89 8.56
N GLY B 63 59.57 -8.95 7.64
CA GLY B 63 60.86 -8.83 6.99
C GLY B 63 61.17 -9.90 5.97
N THR B 64 60.19 -10.30 5.18
CA THR B 64 60.36 -11.36 4.21
C THR B 64 59.76 -10.93 2.87
N GLU B 65 60.40 -11.36 1.78
CA GLU B 65 59.92 -11.11 0.42
C GLU B 65 59.34 -12.42 -0.10
N GLU B 66 58.04 -12.61 0.11
CA GLU B 66 57.33 -13.82 -0.30
C GLU B 66 55.86 -13.64 0.01
N PHE B 67 55.07 -14.64 -0.40
CA PHE B 67 53.70 -14.81 0.11
C PHE B 67 53.43 -16.32 0.02
N VAL B 68 53.61 -17.01 1.15
CA VAL B 68 53.55 -18.47 1.17
C VAL B 68 52.13 -18.90 1.46
N LYS B 69 51.64 -19.85 0.67
CA LYS B 69 50.32 -20.43 0.96
C LYS B 69 50.42 -21.32 2.18
N ILE B 70 49.50 -21.12 3.13
CA ILE B 70 49.54 -21.80 4.42
C ILE B 70 48.41 -22.81 4.56
N LEU B 71 47.19 -22.42 4.18
CA LEU B 71 46.06 -23.32 4.34
C LEU B 71 44.96 -22.92 3.37
N ARG B 72 44.39 -23.91 2.69
CA ARG B 72 43.32 -23.70 1.72
C ARG B 72 42.12 -24.52 2.18
N TYR B 73 40.98 -23.87 2.33
CA TYR B 73 39.74 -24.53 2.73
C TYR B 73 38.86 -24.67 1.49
N GLU B 74 38.72 -25.89 1.00
CA GLU B 74 37.85 -26.21 -0.11
C GLU B 74 36.50 -26.64 0.45
N ASN B 75 35.68 -27.25 -0.40
CA ASN B 75 34.23 -27.34 -0.17
C ASN B 75 33.87 -27.53 1.30
N GLU B 76 34.41 -28.57 1.94
CA GLU B 76 34.36 -28.65 3.39
C GLU B 76 35.61 -29.21 4.04
N VAL B 77 36.63 -29.59 3.27
CA VAL B 77 37.87 -30.12 3.82
C VAL B 77 38.87 -28.99 3.98
N LEU B 78 39.53 -28.94 5.13
CA LEU B 78 40.61 -27.99 5.38
C LEU B 78 41.92 -28.77 5.45
N GLN B 79 42.72 -28.68 4.39
CA GLN B 79 44.03 -29.29 4.36
C GLN B 79 45.07 -28.18 4.46
N LEU B 80 46.06 -28.36 5.34
CA LEU B 80 47.03 -27.33 5.64
C LEU B 80 48.33 -27.63 4.92
N GLU B 81 49.06 -26.56 4.56
CA GLU B 81 50.30 -26.73 3.80
C GLU B 81 51.40 -27.31 4.68
N GLU B 82 52.59 -27.44 4.09
CA GLU B 82 53.75 -28.03 4.74
C GLU B 82 54.47 -27.06 5.65
N ASP B 83 53.89 -25.87 5.87
CA ASP B 83 54.51 -24.86 6.71
C ASP B 83 54.44 -25.29 8.17
N GLU B 84 55.61 -25.37 8.81
CA GLU B 84 55.66 -25.70 10.24
C GLU B 84 55.46 -24.49 11.13
N ARG B 85 55.40 -23.29 10.55
CA ARG B 85 55.09 -22.11 11.35
C ARG B 85 53.64 -22.11 11.81
N PHE B 86 52.80 -22.94 11.18
CA PHE B 86 51.40 -23.07 11.55
C PHE B 86 50.99 -24.52 11.78
N GLU B 87 51.91 -25.47 11.62
CA GLU B 87 51.57 -26.88 11.67
C GLU B 87 51.02 -27.25 13.04
N GLY B 88 49.76 -27.68 13.07
CA GLY B 88 49.14 -28.17 14.29
C GLY B 88 48.69 -27.10 15.26
N ARG B 89 48.77 -25.83 14.89
CA ARG B 89 48.36 -24.74 15.76
C ARG B 89 47.43 -23.78 15.04
N VAL B 90 46.51 -24.33 14.25
CA VAL B 90 45.57 -23.51 13.49
C VAL B 90 44.38 -24.39 13.10
N VAL B 91 43.18 -23.83 13.18
CA VAL B 91 41.95 -24.56 12.93
C VAL B 91 40.93 -23.62 12.29
N TRP B 92 40.06 -24.20 11.47
CA TRP B 92 39.04 -23.42 10.77
C TRP B 92 38.09 -22.78 11.77
N ASN B 93 37.75 -21.51 11.52
CA ASN B 93 36.87 -20.74 12.39
C ASN B 93 35.87 -19.97 11.56
N GLY B 94 35.31 -20.60 10.53
CA GLY B 94 34.42 -19.92 9.62
C GLY B 94 33.06 -20.56 9.48
N SER B 95 32.41 -20.35 8.34
CA SER B 95 31.08 -20.91 8.12
C SER B 95 31.14 -22.42 8.04
N ARG B 96 30.14 -23.09 8.64
CA ARG B 96 30.13 -24.54 8.74
C ARG B 96 29.08 -25.14 7.83
N GLY B 97 29.48 -26.18 7.10
CA GLY B 97 28.56 -27.01 6.34
C GLY B 97 27.62 -26.25 5.40
N THR B 98 28.07 -25.15 4.82
CA THR B 98 27.21 -24.31 3.99
C THR B 98 27.49 -24.44 2.50
N LYS B 99 28.77 -24.59 2.12
CA LYS B 99 29.24 -24.65 0.74
C LYS B 99 29.15 -23.29 0.07
N ASP B 100 28.54 -22.33 0.75
CA ASP B 100 28.59 -20.91 0.39
C ASP B 100 29.19 -20.26 1.63
N LEU B 101 30.51 -20.08 1.63
CA LEU B 101 31.22 -19.85 2.86
C LEU B 101 30.94 -18.46 3.42
N GLN B 102 31.30 -17.42 2.66
CA GLN B 102 30.90 -16.07 2.99
C GLN B 102 31.50 -15.60 4.33
N ASP B 103 32.27 -16.47 4.99
CA ASP B 103 32.95 -16.12 6.22
C ASP B 103 34.21 -16.99 6.30
N LEU B 104 35.34 -16.43 5.90
CA LEU B 104 36.61 -17.15 5.87
C LEU B 104 37.47 -16.61 7.02
N SER B 105 37.24 -17.14 8.22
CA SER B 105 37.95 -16.69 9.41
C SER B 105 38.76 -17.84 9.95
N ILE B 106 40.05 -17.61 10.14
CA ILE B 106 40.98 -18.64 10.58
C ILE B 106 41.32 -18.40 12.04
N PHE B 107 41.43 -19.49 12.80
CA PHE B 107 41.75 -19.42 14.22
C PHE B 107 43.13 -19.99 14.45
N ILE B 108 43.97 -19.24 15.16
CA ILE B 108 45.30 -19.69 15.55
C ILE B 108 45.26 -20.02 17.05
N THR B 109 45.66 -21.24 17.39
CA THR B 109 45.84 -21.64 18.77
C THR B 109 47.31 -21.57 19.11
N ASN B 110 47.63 -21.04 20.29
CA ASN B 110 49.00 -20.86 20.76
C ASN B 110 49.79 -19.97 19.79
N VAL B 111 49.34 -18.72 19.71
CA VAL B 111 50.00 -17.72 18.89
C VAL B 111 51.49 -17.68 19.24
N THR B 112 52.32 -17.52 18.22
CA THR B 112 53.77 -17.48 18.35
C THR B 112 54.28 -16.12 17.88
N TYR B 113 55.60 -15.98 17.82
CA TYR B 113 56.20 -14.76 17.28
C TYR B 113 56.27 -14.79 15.77
N ASN B 114 56.22 -15.98 15.15
CA ASN B 114 56.24 -16.08 13.71
C ASN B 114 54.89 -15.83 13.06
N HIS B 115 53.82 -15.72 13.85
CA HIS B 115 52.54 -15.29 13.31
C HIS B 115 52.48 -13.77 13.25
N SER B 116 53.50 -13.16 12.66
CA SER B 116 53.60 -11.71 12.59
C SER B 116 53.95 -11.34 11.17
N GLY B 117 52.98 -10.81 10.44
CA GLY B 117 53.20 -10.44 9.05
C GLY B 117 51.87 -10.19 8.37
N ASP B 118 51.92 -10.19 7.04
CA ASP B 118 50.75 -9.92 6.22
C ASP B 118 50.17 -11.24 5.73
N TYR B 119 48.91 -11.50 6.09
CA TYR B 119 48.15 -12.61 5.57
C TYR B 119 47.35 -12.14 4.37
N GLU B 120 46.97 -13.08 3.51
CA GLU B 120 46.12 -12.78 2.38
C GLU B 120 45.02 -13.83 2.29
N CYS B 121 43.78 -13.35 2.24
CA CYS B 121 42.60 -14.20 2.25
C CYS B 121 42.02 -14.21 0.84
N HIS B 122 42.20 -15.33 0.13
CA HIS B 122 41.67 -15.49 -1.22
C HIS B 122 40.27 -16.07 -1.14
N VAL B 123 39.34 -15.46 -1.87
CA VAL B 123 37.94 -15.88 -1.86
C VAL B 123 37.53 -16.11 -3.31
N TYR B 124 37.46 -17.38 -3.72
CA TYR B 124 37.17 -17.75 -5.10
C TYR B 124 35.70 -18.14 -5.21
N ARG B 125 34.84 -17.13 -5.25
CA ARG B 125 33.39 -17.33 -5.23
C ARG B 125 32.88 -17.54 -6.65
N LEU B 126 32.44 -18.75 -6.95
CA LEU B 126 31.81 -19.10 -8.21
C LEU B 126 30.30 -19.13 -8.00
N LEU B 127 29.60 -18.15 -8.57
CA LEU B 127 28.17 -18.02 -8.33
C LEU B 127 27.38 -18.99 -9.21
N PHE B 128 26.06 -18.94 -9.09
CA PHE B 128 25.18 -19.83 -9.84
C PHE B 128 23.93 -19.05 -10.23
N PHE B 129 23.64 -19.02 -11.53
CA PHE B 129 22.41 -18.40 -12.02
C PHE B 129 21.72 -19.34 -12.98
N GLU B 130 20.71 -18.84 -13.72
CA GLU B 130 19.88 -19.69 -14.57
C GLU B 130 20.70 -20.48 -15.58
N ASN B 131 21.37 -19.79 -16.48
CA ASN B 131 22.33 -20.38 -17.41
C ASN B 131 23.60 -19.55 -17.42
N TYR B 132 24.02 -19.10 -16.24
CA TYR B 132 25.10 -18.14 -16.10
C TYR B 132 25.84 -18.47 -14.82
N GLU B 133 27.16 -18.57 -14.90
CA GLU B 133 27.99 -18.95 -13.75
C GLU B 133 29.15 -17.97 -13.67
N HIS B 134 28.99 -16.93 -12.86
CA HIS B 134 30.06 -15.96 -12.68
C HIS B 134 31.21 -16.57 -11.90
N ASN B 135 32.38 -15.93 -12.00
CA ASN B 135 33.60 -16.40 -11.34
C ASN B 135 34.34 -15.16 -10.85
N THR B 136 34.05 -14.75 -9.61
CA THR B 136 34.65 -13.57 -9.03
C THR B 136 35.69 -13.98 -7.99
N SER B 137 36.53 -13.03 -7.62
CA SER B 137 37.57 -13.27 -6.63
C SER B 137 37.84 -11.97 -5.88
N VAL B 138 37.70 -12.02 -4.56
CA VAL B 138 38.06 -10.90 -3.70
C VAL B 138 39.19 -11.35 -2.78
N VAL B 139 40.13 -10.45 -2.53
CA VAL B 139 41.34 -10.76 -1.77
C VAL B 139 41.36 -9.87 -0.53
N LYS B 140 41.41 -10.49 0.63
CA LYS B 140 41.52 -9.78 1.90
C LYS B 140 42.92 -9.95 2.46
N LYS B 141 43.58 -8.84 2.75
CA LYS B 141 44.94 -8.85 3.26
C LYS B 141 44.95 -8.30 4.68
N ILE B 142 45.45 -9.11 5.61
CA ILE B 142 45.40 -8.80 7.04
C ILE B 142 46.82 -8.86 7.59
N HIS B 143 47.23 -7.80 8.28
CA HIS B 143 48.55 -7.70 8.87
C HIS B 143 48.43 -7.68 10.39
N ILE B 144 49.02 -8.66 11.06
CA ILE B 144 48.97 -8.75 12.51
C ILE B 144 50.39 -8.72 13.06
N GLU B 145 50.54 -8.16 14.25
CA GLU B 145 51.82 -8.03 14.93
C GLU B 145 51.67 -8.52 16.35
N VAL B 146 52.42 -9.56 16.70
CA VAL B 146 52.29 -10.23 17.99
C VAL B 146 53.08 -9.47 19.03
N VAL B 147 52.53 -9.38 20.25
CA VAL B 147 53.17 -8.74 21.38
C VAL B 147 53.13 -9.70 22.56
N ASP B 148 53.69 -9.26 23.69
CA ASP B 148 53.73 -10.07 24.91
C ASP B 148 52.61 -9.71 25.87
N LYS B 149 52.27 -8.43 25.98
CA LYS B 149 51.18 -7.99 26.85
C LYS B 149 50.16 -7.24 26.00
N ALA B 150 48.88 -7.54 26.24
CA ALA B 150 47.80 -6.93 25.47
C ALA B 150 47.71 -5.44 25.80
N ASN B 151 48.11 -4.59 24.86
CA ASN B 151 48.01 -3.15 25.05
C ASN B 151 46.58 -2.70 24.77
N ARG B 152 45.91 -2.19 25.78
CA ARG B 152 44.60 -1.59 25.59
C ARG B 152 44.70 -0.41 24.63
N ASP B 153 43.77 -0.33 23.69
CA ASP B 153 43.91 0.61 22.59
C ASP B 153 43.69 2.04 23.06
N MET B 154 44.41 2.96 22.40
CA MET B 154 44.42 4.34 22.84
C MET B 154 43.05 4.98 22.69
N ALA B 155 42.23 4.51 21.76
CA ALA B 155 40.86 5.02 21.66
C ALA B 155 40.05 4.67 22.91
N SER B 156 40.15 3.43 23.38
CA SER B 156 39.47 3.04 24.60
C SER B 156 39.99 3.80 25.80
N ILE B 157 41.31 3.97 25.90
CA ILE B 157 41.87 4.63 27.08
C ILE B 157 41.49 6.10 27.09
N VAL B 158 41.49 6.77 25.93
CA VAL B 158 41.11 8.17 25.92
C VAL B 158 39.62 8.31 26.13
N SER B 159 38.83 7.33 25.70
CA SER B 159 37.40 7.39 25.95
C SER B 159 37.09 7.28 27.44
N GLU B 160 37.78 6.38 28.15
CA GLU B 160 37.56 6.26 29.59
C GLU B 160 38.06 7.50 30.33
N ILE B 161 39.23 8.02 29.94
CA ILE B 161 39.75 9.23 30.57
C ILE B 161 38.79 10.39 30.34
N MET B 162 38.23 10.50 29.13
CA MET B 162 37.31 11.59 28.85
C MET B 162 35.98 11.41 29.57
N MET B 163 35.55 10.15 29.77
CA MET B 163 34.36 9.91 30.58
C MET B 163 34.55 10.44 31.99
N TYR B 164 35.67 10.08 32.61
CA TYR B 164 35.92 10.55 33.97
C TYR B 164 36.09 12.05 34.03
N VAL B 165 36.77 12.63 33.04
CA VAL B 165 36.97 14.08 32.99
C VAL B 165 35.62 14.79 32.87
N LEU B 166 34.74 14.26 32.01
CA LEU B 166 33.44 14.90 31.83
C LEU B 166 32.58 14.76 33.07
N ILE B 167 32.60 13.59 33.72
CA ILE B 167 31.88 13.44 34.98
C ILE B 167 32.35 14.47 36.00
N VAL B 168 33.68 14.63 36.10
CA VAL B 168 34.23 15.54 37.10
C VAL B 168 33.88 16.98 36.79
N VAL B 169 34.01 17.39 35.52
CA VAL B 169 33.73 18.79 35.20
C VAL B 169 32.23 19.06 35.32
N LEU B 170 31.38 18.07 35.05
CA LEU B 170 29.94 18.28 35.19
C LEU B 170 29.55 18.45 36.65
N THR B 171 30.07 17.57 37.53
CA THR B 171 29.74 17.75 38.94
C THR B 171 30.34 19.03 39.49
N ILE B 172 31.50 19.46 38.98
CA ILE B 172 32.09 20.70 39.45
C ILE B 172 31.23 21.89 39.02
N TRP B 173 30.76 21.90 37.78
CA TRP B 173 29.83 22.93 37.33
C TRP B 173 28.59 22.95 38.19
N LEU B 174 28.05 21.76 38.50
CA LEU B 174 26.87 21.65 39.34
C LEU B 174 27.11 22.31 40.69
N VAL B 175 28.14 21.89 41.41
CA VAL B 175 28.38 22.41 42.76
C VAL B 175 28.74 23.90 42.72
N ALA B 176 29.41 24.34 41.66
CA ALA B 176 29.73 25.77 41.54
C ALA B 176 28.46 26.60 41.47
N GLU B 177 27.59 26.31 40.50
CA GLU B 177 26.32 27.03 40.42
C GLU B 177 25.50 26.84 41.69
N MET B 178 25.61 25.68 42.32
CA MET B 178 24.89 25.40 43.56
C MET B 178 25.26 26.40 44.64
N ILE B 179 26.55 26.46 44.99
CA ILE B 179 26.97 27.34 46.06
C ILE B 179 26.79 28.80 45.67
N TYR B 180 26.95 29.12 44.38
CA TYR B 180 26.73 30.49 43.92
C TYR B 180 25.31 30.95 44.22
N CYS B 181 24.33 30.24 43.63
CA CYS B 181 22.93 30.56 43.88
C CYS B 181 22.59 30.46 45.35
N TYR B 182 23.23 29.54 46.08
CA TYR B 182 22.89 29.34 47.49
C TYR B 182 23.26 30.54 48.33
N LYS B 183 24.51 31.01 48.22
CA LYS B 183 24.86 32.18 49.02
C LYS B 183 24.21 33.44 48.50
N LYS B 184 23.90 33.51 47.20
CA LYS B 184 23.12 34.64 46.71
C LYS B 184 21.75 34.69 47.38
N ILE B 185 21.02 33.57 47.35
CA ILE B 185 19.70 33.55 47.96
C ILE B 185 19.79 33.61 49.48
N ALA B 186 20.94 33.31 50.08
CA ALA B 186 21.08 33.51 51.52
C ALA B 186 21.22 35.00 51.84
N ALA B 187 22.00 35.73 51.04
CA ALA B 187 22.03 37.18 51.15
C ALA B 187 20.65 37.78 50.91
N ALA B 188 19.86 37.16 50.02
CA ALA B 188 18.50 37.63 49.80
C ALA B 188 17.56 37.21 50.93
N THR B 189 17.86 36.12 51.61
CA THR B 189 17.03 35.61 52.69
C THR B 189 17.17 36.47 53.95
N GLU B 190 18.41 36.81 54.30
CA GLU B 190 18.63 37.66 55.47
C GLU B 190 18.46 39.15 55.16
N THR B 191 17.78 39.50 54.06
CA THR B 191 17.38 40.88 53.83
C THR B 191 16.10 41.24 54.59
N ALA B 192 15.47 40.27 55.24
CA ALA B 192 14.23 40.53 55.97
C ALA B 192 14.05 39.51 57.10
N SER C 29 -14.51 -19.55 -35.60
CA SER C 29 -13.46 -19.66 -36.60
C SER C 29 -12.44 -18.54 -36.45
N MET C 30 -11.23 -18.76 -36.95
CA MET C 30 -10.19 -17.75 -36.87
C MET C 30 -10.51 -16.56 -37.76
N GLU C 31 -10.15 -15.37 -37.27
CA GLU C 31 -10.41 -14.13 -37.98
C GLU C 31 -9.55 -14.00 -39.23
N VAL C 32 -9.90 -14.77 -40.25
CA VAL C 32 -9.16 -14.71 -41.51
C VAL C 32 -10.01 -13.99 -42.54
N THR C 33 -9.49 -12.87 -43.05
CA THR C 33 -10.22 -12.10 -44.05
C THR C 33 -9.39 -11.93 -45.31
N VAL C 34 -9.97 -12.33 -46.43
CA VAL C 34 -9.33 -12.22 -47.73
C VAL C 34 -10.39 -11.90 -48.77
N PRO C 35 -10.01 -11.22 -49.85
CA PRO C 35 -11.01 -10.93 -50.88
C PRO C 35 -11.54 -12.25 -51.41
N ALA C 36 -12.82 -12.54 -51.19
CA ALA C 36 -13.42 -13.79 -51.65
C ALA C 36 -13.17 -14.01 -53.13
N THR C 37 -13.19 -12.93 -53.93
CA THR C 37 -12.90 -12.97 -55.36
C THR C 37 -11.83 -11.93 -55.63
N LEU C 38 -10.83 -12.31 -56.42
CA LEU C 38 -9.78 -11.39 -56.82
C LEU C 38 -9.64 -11.49 -58.32
N ASN C 39 -9.90 -10.38 -59.01
CA ASN C 39 -9.88 -10.32 -60.46
C ASN C 39 -8.65 -9.56 -60.90
N VAL C 40 -7.81 -10.21 -61.71
CA VAL C 40 -6.52 -9.65 -62.10
C VAL C 40 -6.33 -9.82 -63.60
N LEU C 41 -5.76 -8.81 -64.24
CA LEU C 41 -5.50 -8.87 -65.67
C LEU C 41 -4.35 -9.83 -65.96
N ASN C 42 -4.50 -10.59 -67.05
CA ASN C 42 -3.42 -11.45 -67.52
C ASN C 42 -2.16 -10.62 -67.74
N GLY C 43 -1.04 -11.08 -67.17
CA GLY C 43 0.23 -10.41 -67.29
C GLY C 43 0.56 -9.46 -66.16
N SER C 44 -0.42 -9.04 -65.38
CA SER C 44 -0.15 -8.18 -64.24
C SER C 44 0.29 -9.01 -63.04
N ASP C 45 0.72 -8.32 -61.98
CA ASP C 45 1.07 -8.96 -60.73
C ASP C 45 -0.16 -9.01 -59.85
N ALA C 46 -0.37 -10.15 -59.21
CA ALA C 46 -1.52 -10.36 -58.34
C ALA C 46 -1.03 -10.55 -56.93
N ARG C 47 -1.29 -9.58 -56.06
CA ARG C 47 -1.08 -9.75 -54.64
C ARG C 47 -2.32 -10.40 -54.06
N LEU C 48 -2.13 -11.54 -53.42
CA LEU C 48 -3.20 -12.24 -52.74
C LEU C 48 -3.15 -11.80 -51.28
N PRO C 49 -4.01 -10.84 -50.92
CA PRO C 49 -4.01 -10.28 -49.56
C PRO C 49 -5.00 -10.89 -48.57
N CYS C 50 -4.45 -11.40 -47.48
CA CYS C 50 -5.21 -12.03 -46.41
C CYS C 50 -4.78 -11.49 -45.05
N THR C 51 -5.74 -11.34 -44.15
CA THR C 51 -5.44 -10.85 -42.82
C THR C 51 -5.76 -11.93 -41.79
N PHE C 52 -4.79 -12.25 -40.95
CA PHE C 52 -4.99 -13.26 -39.91
C PHE C 52 -4.87 -12.51 -38.60
N ASN C 53 -5.81 -12.73 -37.70
CA ASN C 53 -5.76 -12.01 -36.44
C ASN C 53 -5.99 -12.94 -35.26
N SER C 54 -5.09 -12.93 -34.29
CA SER C 54 -5.32 -13.77 -33.15
C SER C 54 -4.59 -13.08 -32.00
N CYS C 55 -4.96 -13.41 -30.76
CA CYS C 55 -4.33 -12.81 -29.60
C CYS C 55 -2.92 -13.35 -29.44
N TYR C 56 -2.14 -12.74 -28.55
CA TYR C 56 -0.75 -13.14 -28.30
C TYR C 56 0.19 -12.49 -29.29
N THR C 57 1.46 -12.88 -29.19
CA THR C 57 2.53 -12.39 -30.06
C THR C 57 3.08 -13.59 -30.84
N VAL C 58 3.26 -13.41 -32.15
CA VAL C 58 3.73 -14.50 -33.00
C VAL C 58 5.12 -15.02 -32.62
N ASN C 59 5.27 -16.34 -32.70
CA ASN C 59 6.52 -17.03 -32.39
C ASN C 59 7.05 -17.69 -33.65
N HIS C 60 8.33 -17.52 -33.94
CA HIS C 60 8.89 -18.07 -35.18
C HIS C 60 8.79 -19.59 -35.26
N LYS C 61 9.16 -20.30 -34.20
CA LYS C 61 9.03 -21.73 -34.20
C LYS C 61 7.55 -22.04 -34.16
N GLN C 62 6.86 -21.28 -33.32
CA GLN C 62 5.43 -21.40 -33.11
C GLN C 62 4.53 -21.06 -34.29
N PHE C 63 4.84 -20.02 -35.03
CA PHE C 63 3.98 -19.63 -36.15
C PHE C 63 4.22 -20.39 -37.44
N SER C 64 3.16 -21.01 -37.95
CA SER C 64 3.22 -21.77 -39.20
C SER C 64 2.13 -21.33 -40.18
N LEU C 65 2.54 -21.04 -41.42
CA LEU C 65 1.61 -20.61 -42.47
C LEU C 65 1.72 -21.47 -43.73
N ASN C 66 0.59 -21.93 -44.24
CA ASN C 66 0.57 -22.76 -45.45
C ASN C 66 -0.35 -22.22 -46.55
N TRP C 67 0.13 -22.24 -47.80
CA TRP C 67 -0.65 -21.77 -48.94
C TRP C 67 -0.81 -22.92 -49.93
N THR C 68 -2.04 -23.13 -50.39
CA THR C 68 -2.32 -24.16 -51.38
C THR C 68 -3.15 -23.61 -52.52
N TYR C 69 -3.02 -24.26 -53.67
CA TYR C 69 -3.72 -23.90 -54.90
C TYR C 69 -4.55 -25.07 -55.38
N GLN C 70 -5.68 -24.75 -56.00
CA GLN C 70 -6.53 -25.73 -56.65
C GLN C 70 -6.97 -25.17 -58.00
N GLU C 71 -6.99 -26.03 -59.01
CA GLU C 71 -7.47 -25.58 -60.32
C GLU C 71 -8.98 -25.35 -60.32
N CYS C 72 -9.70 -25.94 -59.37
CA CYS C 72 -11.16 -25.89 -59.36
C CYS C 72 -11.63 -26.25 -57.96
N ASN C 73 -12.95 -26.12 -57.76
CA ASN C 73 -13.54 -26.26 -56.43
C ASN C 73 -13.25 -27.63 -55.83
N ASN C 74 -13.52 -28.69 -56.59
CA ASN C 74 -13.32 -30.05 -56.10
C ASN C 74 -11.90 -30.55 -56.31
N CYS C 75 -11.05 -29.75 -56.94
CA CYS C 75 -9.71 -30.21 -57.32
C CYS C 75 -8.81 -30.33 -56.09
N SER C 76 -8.06 -31.43 -56.04
CA SER C 76 -6.90 -31.62 -55.16
C SER C 76 -6.15 -30.33 -54.85
N GLU C 77 -5.73 -30.18 -53.59
CA GLU C 77 -4.94 -29.02 -53.19
C GLU C 77 -3.46 -29.29 -53.36
N GLU C 78 -2.74 -28.30 -53.90
CA GLU C 78 -1.31 -28.36 -54.09
C GLU C 78 -0.65 -27.28 -53.23
N MET C 79 0.10 -27.69 -52.21
CA MET C 79 0.81 -26.72 -51.38
C MET C 79 1.91 -26.08 -52.21
N PHE C 80 2.00 -24.75 -52.18
CA PHE C 80 3.03 -24.06 -52.94
C PHE C 80 3.95 -23.19 -52.11
N LEU C 81 3.59 -22.85 -50.89
CA LEU C 81 4.45 -22.07 -50.02
C LEU C 81 4.10 -22.42 -48.58
N GLN C 82 5.12 -22.49 -47.73
CA GLN C 82 4.93 -22.77 -46.31
C GLN C 82 5.80 -21.80 -45.52
N PHE C 83 5.39 -21.52 -44.29
CA PHE C 83 6.25 -20.93 -43.28
C PHE C 83 6.44 -21.96 -42.18
N ARG C 84 7.70 -22.40 -42.01
CA ARG C 84 8.11 -23.28 -40.92
C ARG C 84 9.51 -22.79 -40.53
N MET C 85 9.57 -21.94 -39.50
CA MET C 85 10.80 -21.26 -39.07
C MET C 85 11.42 -20.32 -40.10
N LYS C 86 10.80 -20.24 -41.27
CA LYS C 86 11.24 -19.40 -42.38
C LYS C 86 10.31 -19.72 -43.54
N ILE C 87 10.32 -18.88 -44.57
CA ILE C 87 9.54 -19.16 -45.76
C ILE C 87 10.17 -20.30 -46.54
N ILE C 88 9.35 -21.26 -46.95
CA ILE C 88 9.74 -22.34 -47.84
C ILE C 88 8.87 -22.20 -49.09
N ASN C 89 9.49 -21.89 -50.21
CA ASN C 89 8.79 -21.82 -51.50
C ASN C 89 9.01 -23.16 -52.19
N LEU C 90 7.91 -23.88 -52.44
CA LEU C 90 8.04 -25.23 -52.99
C LEU C 90 8.35 -25.24 -54.48
N LYS C 91 8.30 -24.08 -55.13
CA LYS C 91 8.67 -23.97 -56.54
C LYS C 91 7.91 -24.97 -57.41
N LEU C 92 6.59 -25.01 -57.25
CA LEU C 92 5.77 -25.90 -58.06
C LEU C 92 5.94 -25.57 -59.53
N GLU C 93 6.02 -26.62 -60.36
CA GLU C 93 6.20 -26.41 -61.79
C GLU C 93 5.08 -25.54 -62.36
N ARG C 94 3.85 -25.67 -61.84
CA ARG C 94 2.74 -24.94 -62.42
C ARG C 94 2.88 -23.43 -62.27
N PHE C 95 3.71 -22.96 -61.33
CA PHE C 95 3.89 -21.53 -61.15
C PHE C 95 5.22 -21.02 -61.67
N GLN C 96 6.09 -21.90 -62.15
CA GLN C 96 7.45 -21.52 -62.53
C GLN C 96 8.10 -20.91 -61.29
N ASP C 97 8.70 -19.72 -61.39
CA ASP C 97 9.28 -19.01 -60.26
C ASP C 97 8.54 -17.72 -60.02
N ARG C 98 7.23 -17.73 -60.25
CA ARG C 98 6.42 -16.52 -60.17
C ARG C 98 5.81 -16.29 -58.80
N VAL C 99 5.86 -17.26 -57.89
CA VAL C 99 5.36 -17.09 -56.53
C VAL C 99 6.41 -16.41 -55.67
N GLU C 100 5.96 -15.44 -54.88
CA GLU C 100 6.79 -14.81 -53.86
C GLU C 100 5.96 -14.61 -52.60
N PHE C 101 6.60 -14.74 -51.45
CA PHE C 101 5.96 -14.27 -50.24
C PHE C 101 5.92 -12.74 -50.27
N SER C 102 4.83 -12.18 -49.76
CA SER C 102 4.58 -10.75 -49.80
C SER C 102 4.03 -10.25 -48.47
N GLY C 103 4.30 -10.94 -47.37
CA GLY C 103 3.77 -10.47 -46.12
C GLY C 103 4.64 -10.64 -44.90
N ASN C 104 4.48 -9.72 -43.95
CA ASN C 104 5.22 -9.80 -42.70
C ASN C 104 4.24 -10.42 -41.72
N PRO C 105 4.43 -11.69 -41.41
CA PRO C 105 3.52 -12.41 -40.52
C PRO C 105 3.41 -11.84 -39.11
N SER C 106 4.46 -11.21 -38.62
CA SER C 106 4.45 -10.64 -37.27
C SER C 106 3.35 -9.58 -37.22
N LYS C 107 2.99 -9.06 -38.38
CA LYS C 107 1.95 -8.06 -38.51
C LYS C 107 0.58 -8.71 -38.72
N TYR C 108 0.53 -10.04 -38.68
CA TYR C 108 -0.71 -10.82 -38.89
C TYR C 108 -0.93 -10.96 -40.38
N ASP C 109 0.09 -10.56 -41.12
CA ASP C 109 0.13 -10.57 -42.58
C ASP C 109 0.83 -11.79 -43.13
N VAL C 110 0.18 -12.44 -44.08
CA VAL C 110 0.73 -13.65 -44.71
C VAL C 110 0.47 -13.65 -46.21
N SER C 111 0.37 -12.46 -46.80
CA SER C 111 0.04 -12.35 -48.21
C SER C 111 1.12 -12.95 -49.10
N VAL C 112 0.71 -13.34 -50.30
CA VAL C 112 1.62 -13.83 -51.32
C VAL C 112 1.43 -13.00 -52.58
N MET C 113 2.42 -13.08 -53.46
CA MET C 113 2.44 -12.37 -54.72
C MET C 113 2.61 -13.38 -55.83
N LEU C 114 1.80 -13.27 -56.87
CA LEU C 114 1.96 -14.09 -58.06
C LEU C 114 2.30 -13.13 -59.19
N ARG C 115 3.56 -13.15 -59.61
CA ARG C 115 4.00 -12.23 -60.65
C ARG C 115 3.48 -12.68 -62.01
N ASN C 116 3.25 -11.69 -62.88
CA ASN C 116 2.99 -11.92 -64.30
C ASN C 116 1.96 -13.04 -64.48
N VAL C 117 0.77 -12.80 -63.93
CA VAL C 117 -0.24 -13.84 -63.84
C VAL C 117 -0.63 -14.35 -65.22
N GLN C 118 -0.83 -15.66 -65.31
CA GLN C 118 -1.19 -16.37 -66.52
C GLN C 118 -2.59 -16.94 -66.40
N PRO C 119 -3.26 -17.24 -67.53
CA PRO C 119 -4.63 -17.75 -67.44
C PRO C 119 -4.76 -19.01 -66.62
N GLU C 120 -3.74 -19.89 -66.64
CA GLU C 120 -3.82 -21.13 -65.89
C GLU C 120 -3.77 -20.91 -64.38
N ASP C 121 -3.41 -19.71 -63.92
CA ASP C 121 -3.39 -19.41 -62.50
C ASP C 121 -4.80 -19.28 -61.91
N GLU C 122 -5.82 -19.13 -62.76
CA GLU C 122 -7.18 -19.09 -62.26
C GLU C 122 -7.47 -20.30 -61.38
N GLY C 123 -8.12 -20.06 -60.24
CA GLY C 123 -8.49 -21.14 -59.35
C GLY C 123 -8.66 -20.63 -57.93
N ILE C 124 -8.52 -21.55 -56.98
CA ILE C 124 -8.76 -21.29 -55.56
C ILE C 124 -7.43 -21.33 -54.82
N TYR C 125 -7.17 -20.28 -54.06
CA TYR C 125 -5.96 -20.18 -53.24
C TYR C 125 -6.37 -20.18 -51.78
N ASN C 126 -5.82 -21.11 -51.00
CA ASN C 126 -6.14 -21.28 -49.59
C ASN C 126 -4.93 -20.91 -48.74
N CYS C 127 -5.17 -20.11 -47.69
CA CYS C 127 -4.18 -19.77 -46.65
C CYS C 127 -4.63 -20.46 -45.36
N TYR C 128 -3.75 -21.27 -44.77
CA TYR C 128 -4.02 -21.92 -43.48
C TYR C 128 -2.99 -21.44 -42.47
N ILE C 129 -3.48 -20.93 -41.35
CA ILE C 129 -2.57 -20.43 -40.33
C ILE C 129 -2.88 -21.11 -39.01
N MET C 130 -1.86 -21.72 -38.43
CA MET C 130 -2.00 -22.35 -37.14
C MET C 130 -1.00 -21.60 -36.29
N ASN C 131 -1.44 -20.99 -35.21
CA ASN C 131 -0.50 -20.24 -34.39
C ASN C 131 -0.48 -20.62 -32.91
N PRO C 132 0.70 -21.20 -32.48
CA PRO C 132 0.72 -21.50 -31.04
C PRO C 132 0.86 -20.20 -30.25
N PRO C 133 0.26 -20.08 -29.09
CA PRO C 133 -0.50 -21.17 -28.47
C PRO C 133 -1.94 -21.32 -28.94
N ASP C 134 -2.39 -20.49 -29.87
CA ASP C 134 -3.77 -20.62 -30.31
C ASP C 134 -4.01 -21.99 -30.91
N ARG C 135 -4.97 -22.72 -30.35
CA ARG C 135 -5.32 -24.04 -30.86
C ARG C 135 -5.97 -23.99 -32.26
N HIS C 136 -6.85 -23.01 -32.45
CA HIS C 136 -7.60 -22.85 -33.69
C HIS C 136 -6.76 -22.57 -34.92
N ARG C 137 -7.23 -23.05 -36.06
CA ARG C 137 -6.50 -22.83 -37.30
C ARG C 137 -7.31 -21.95 -38.24
N GLY C 138 -6.73 -20.83 -38.63
CA GLY C 138 -7.38 -19.92 -39.56
C GLY C 138 -7.33 -20.45 -40.98
N HIS C 139 -8.32 -20.05 -41.77
CA HIS C 139 -8.39 -20.45 -43.17
C HIS C 139 -8.99 -19.32 -43.99
N GLY C 140 -8.23 -18.81 -44.95
CA GLY C 140 -8.73 -17.86 -45.93
C GLY C 140 -8.77 -18.53 -47.29
N LYS C 141 -9.79 -18.19 -48.08
CA LYS C 141 -9.96 -18.77 -49.40
C LYS C 141 -10.23 -17.66 -50.41
N ILE C 142 -9.39 -17.58 -51.45
CA ILE C 142 -9.51 -16.57 -52.49
C ILE C 142 -9.78 -17.27 -53.82
N HIS C 143 -10.78 -16.77 -54.55
CA HIS C 143 -11.04 -17.22 -55.91
C HIS C 143 -10.38 -16.22 -56.85
N LEU C 144 -9.29 -16.63 -57.48
CA LEU C 144 -8.55 -15.78 -58.40
C LEU C 144 -9.09 -15.98 -59.80
N GLN C 145 -9.51 -14.90 -60.45
CA GLN C 145 -9.99 -14.94 -61.82
C GLN C 145 -9.06 -14.09 -62.69
N VAL C 146 -8.74 -14.60 -63.87
CA VAL C 146 -7.78 -13.95 -64.76
C VAL C 146 -8.54 -13.34 -65.93
N LEU C 147 -8.45 -12.03 -66.05
CA LEU C 147 -9.12 -11.30 -67.12
C LEU C 147 -8.51 -11.68 -68.47
N MET C 148 -8.79 -10.87 -69.48
CA MET C 148 -8.27 -11.11 -70.82
C MET C 148 -7.66 -9.84 -71.41
#